data_267D
# 
_entry.id   267D 
# 
_audit_conform.dict_name       mmcif_pdbx.dic 
_audit_conform.dict_version    5.387 
_audit_conform.dict_location   http://mmcif.pdb.org/dictionaries/ascii/mmcif_pdbx.dic 
# 
loop_
_database_2.database_id 
_database_2.database_code 
_database_2.pdbx_database_accession 
_database_2.pdbx_DOI 
PDB   267D         pdb_0000267d 10.2210/pdb267d/pdb 
RCSB  GDLB41       ?            ?                   
WWPDB D_1000177679 ?            ?                   
# 
loop_
_pdbx_audit_revision_history.ordinal 
_pdbx_audit_revision_history.data_content_type 
_pdbx_audit_revision_history.major_revision 
_pdbx_audit_revision_history.minor_revision 
_pdbx_audit_revision_history.revision_date 
1 'Structure model' 1 0 1996-08-28 
2 'Structure model' 1 1 2008-05-22 
3 'Structure model' 1 2 2011-07-13 
4 'Structure model' 1 3 2012-02-29 
5 'Structure model' 1 4 2024-02-14 
# 
_pdbx_audit_revision_details.ordinal             1 
_pdbx_audit_revision_details.revision_ordinal    1 
_pdbx_audit_revision_details.data_content_type   'Structure model' 
_pdbx_audit_revision_details.provider            repository 
_pdbx_audit_revision_details.type                'Initial release' 
_pdbx_audit_revision_details.description         ? 
_pdbx_audit_revision_details.details             ? 
# 
loop_
_pdbx_audit_revision_group.ordinal 
_pdbx_audit_revision_group.revision_ordinal 
_pdbx_audit_revision_group.data_content_type 
_pdbx_audit_revision_group.group 
1 2 'Structure model' 'Version format compliance' 
2 3 'Structure model' 'Version format compliance' 
3 4 'Structure model' Other                       
4 5 'Structure model' 'Data collection'           
5 5 'Structure model' 'Database references'       
6 5 'Structure model' 'Derived calculations'      
# 
loop_
_pdbx_audit_revision_category.ordinal 
_pdbx_audit_revision_category.revision_ordinal 
_pdbx_audit_revision_category.data_content_type 
_pdbx_audit_revision_category.category 
1 5 'Structure model' chem_comp_atom         
2 5 'Structure model' chem_comp_bond         
3 5 'Structure model' database_2             
4 5 'Structure model' pdbx_struct_conn_angle 
5 5 'Structure model' struct_conn            
6 5 'Structure model' struct_conn_type       
7 5 'Structure model' struct_site            
# 
loop_
_pdbx_audit_revision_item.ordinal 
_pdbx_audit_revision_item.revision_ordinal 
_pdbx_audit_revision_item.data_content_type 
_pdbx_audit_revision_item.item 
1  5 'Structure model' '_database_2.pdbx_DOI'                        
2  5 'Structure model' '_database_2.pdbx_database_accession'         
3  5 'Structure model' '_pdbx_struct_conn_angle.ptnr1_auth_asym_id'  
4  5 'Structure model' '_pdbx_struct_conn_angle.ptnr1_auth_seq_id'   
5  5 'Structure model' '_pdbx_struct_conn_angle.ptnr1_label_asym_id' 
6  5 'Structure model' '_pdbx_struct_conn_angle.ptnr3_auth_asym_id'  
7  5 'Structure model' '_pdbx_struct_conn_angle.ptnr3_auth_seq_id'   
8  5 'Structure model' '_pdbx_struct_conn_angle.ptnr3_label_asym_id' 
9  5 'Structure model' '_pdbx_struct_conn_angle.value'               
10 5 'Structure model' '_struct_conn.conn_type_id'                   
11 5 'Structure model' '_struct_conn.id'                             
12 5 'Structure model' '_struct_conn.pdbx_dist_value'                
13 5 'Structure model' '_struct_conn.pdbx_leaving_atom_flag'         
14 5 'Structure model' '_struct_conn.ptnr1_auth_asym_id'             
15 5 'Structure model' '_struct_conn.ptnr1_auth_comp_id'             
16 5 'Structure model' '_struct_conn.ptnr1_auth_seq_id'              
17 5 'Structure model' '_struct_conn.ptnr1_label_asym_id'            
18 5 'Structure model' '_struct_conn.ptnr1_label_atom_id'            
19 5 'Structure model' '_struct_conn.ptnr1_label_comp_id'            
20 5 'Structure model' '_struct_conn.ptnr1_label_seq_id'             
21 5 'Structure model' '_struct_conn.ptnr2_auth_asym_id'             
22 5 'Structure model' '_struct_conn.ptnr2_auth_comp_id'             
23 5 'Structure model' '_struct_conn.ptnr2_auth_seq_id'              
24 5 'Structure model' '_struct_conn.ptnr2_label_asym_id'            
25 5 'Structure model' '_struct_conn.ptnr2_label_atom_id'            
26 5 'Structure model' '_struct_conn.ptnr2_label_comp_id'            
27 5 'Structure model' '_struct_conn.ptnr2_label_seq_id'             
28 5 'Structure model' '_struct_conn_type.id'                        
29 5 'Structure model' '_struct_site.pdbx_auth_asym_id'              
30 5 'Structure model' '_struct_site.pdbx_auth_comp_id'              
31 5 'Structure model' '_struct_site.pdbx_auth_seq_id'               
# 
_pdbx_database_status.status_code                     REL 
_pdbx_database_status.entry_id                        267D 
_pdbx_database_status.recvd_initial_deposition_date   1996-07-12 
_pdbx_database_status.deposit_site                    NDB 
_pdbx_database_status.process_site                    NDB 
_pdbx_database_status.status_code_sf                  REL 
_pdbx_database_status.status_code_mr                  ? 
_pdbx_database_status.SG_entry                        ? 
_pdbx_database_status.status_code_cs                  ? 
_pdbx_database_status.methods_development_category    ? 
_pdbx_database_status.pdb_format_compatible           Y 
_pdbx_database_status.status_code_nmr_data            ? 
# 
loop_
_pdbx_database_related.db_name 
_pdbx_database_related.db_id 
_pdbx_database_related.content_type 
_pdbx_database_related.details 
PDB 265D unspecified . 
PDB 266D unspecified . 
PDB 268D unspecified . 
PDB 269D unspecified . 
PDB 270D unspecified . 
PDB 271D unspecified . 
# 
loop_
_audit_author.name 
_audit_author.pdbx_ordinal 
'Partridge, B.L.' 1 
'Salisbury, S.A.' 2 
# 
loop_
_citation.id 
_citation.title 
_citation.journal_abbrev 
_citation.journal_volume 
_citation.page_first 
_citation.page_last 
_citation.year 
_citation.journal_id_ASTM 
_citation.country 
_citation.journal_id_ISSN 
_citation.journal_id_CSD 
_citation.book_publisher 
_citation.pdbx_database_id_PubMed 
_citation.pdbx_database_id_DOI 
1       'Structural Studies on Nucleic Acids' 'Thesis, University of Cambridge' ? ? ? 1996 ? UK ? 2108 ? ? ? 
primary ?                                     'To be Published'                 ? ? ? 1996 ? ?  ? 0353 ? ? ? 
# 
loop_
_citation_author.citation_id 
_citation_author.name 
_citation_author.ordinal 
_citation_author.identifier_ORCID 
primary 'Partridge, B.L.' 1 ? 
primary 'Salisbury, S.A.' 2 ? 
1       'Partridge, B.L.' 3 ? 
# 
loop_
_entity.id 
_entity.type 
_entity.src_method 
_entity.pdbx_description 
_entity.formula_weight 
_entity.pdbx_number_of_molecules 
_entity.pdbx_ec 
_entity.pdbx_mutation 
_entity.pdbx_fragment 
_entity.details 
1 polymer     syn 
;DNA (5'-D(*CP*GP*CP*GP*AP*AP*TP*TP*(5CM)P*GP*CP*G)-3')
;
3677.419 2  ? ? ? ? 
2 non-polymer syn 'MAGNESIUM ION'                                          24.305   1  ? ? ? ? 
3 non-polymer syn 'DISTAMYCIN A'                                           481.508  1  ? ? ? ? 
4 water       nat water                                                    18.015   74 ? ? ? ? 
# 
_entity_poly.entity_id                      1 
_entity_poly.type                           polydeoxyribonucleotide 
_entity_poly.nstd_linkage                   no 
_entity_poly.nstd_monomer                   yes 
_entity_poly.pdbx_seq_one_letter_code       '(DC)(DG)(DC)(DG)(DA)(DA)(DT)(DT)(5CM)(DG)(DC)(DG)' 
_entity_poly.pdbx_seq_one_letter_code_can   CGCGAATTCGCG 
_entity_poly.pdbx_strand_id                 A,B 
_entity_poly.pdbx_target_identifier         ? 
# 
loop_
_pdbx_entity_nonpoly.entity_id 
_pdbx_entity_nonpoly.name 
_pdbx_entity_nonpoly.comp_id 
2 'MAGNESIUM ION' MG  
3 'DISTAMYCIN A'  DMY 
4 water           HOH 
# 
loop_
_entity_poly_seq.entity_id 
_entity_poly_seq.num 
_entity_poly_seq.mon_id 
_entity_poly_seq.hetero 
1 1  DC  n 
1 2  DG  n 
1 3  DC  n 
1 4  DG  n 
1 5  DA  n 
1 6  DA  n 
1 7  DT  n 
1 8  DT  n 
1 9  5CM n 
1 10 DG  n 
1 11 DC  n 
1 12 DG  n 
# 
loop_
_chem_comp.id 
_chem_comp.type 
_chem_comp.mon_nstd_flag 
_chem_comp.name 
_chem_comp.pdbx_synonyms 
_chem_comp.formula 
_chem_comp.formula_weight 
5CM 'DNA linking' n "5-METHYL-2'-DEOXY-CYTIDINE-5'-MONOPHOSPHATE" ?                         'C10 H16 N3 O7 P' 321.224 
DA  'DNA linking' y "2'-DEOXYADENOSINE-5'-MONOPHOSPHATE"          ?                         'C10 H14 N5 O6 P' 331.222 
DC  'DNA linking' y "2'-DEOXYCYTIDINE-5'-MONOPHOSPHATE"           ?                         'C9 H14 N3 O7 P'  307.197 
DG  'DNA linking' y "2'-DEOXYGUANOSINE-5'-MONOPHOSPHATE"          ?                         'C10 H14 N5 O7 P' 347.221 
DMY non-polymer   . 'DISTAMYCIN A'                                'DISTAMYCIN; STALLIMYCIN' 'C22 H27 N9 O4'   481.508 
DT  'DNA linking' y "THYMIDINE-5'-MONOPHOSPHATE"                  ?                         'C10 H15 N2 O8 P' 322.208 
HOH non-polymer   . WATER                                         ?                         'H2 O'            18.015  
MG  non-polymer   . 'MAGNESIUM ION'                               ?                         'Mg 2'            24.305  
# 
loop_
_pdbx_poly_seq_scheme.asym_id 
_pdbx_poly_seq_scheme.entity_id 
_pdbx_poly_seq_scheme.seq_id 
_pdbx_poly_seq_scheme.mon_id 
_pdbx_poly_seq_scheme.ndb_seq_num 
_pdbx_poly_seq_scheme.pdb_seq_num 
_pdbx_poly_seq_scheme.auth_seq_num 
_pdbx_poly_seq_scheme.pdb_mon_id 
_pdbx_poly_seq_scheme.auth_mon_id 
_pdbx_poly_seq_scheme.pdb_strand_id 
_pdbx_poly_seq_scheme.pdb_ins_code 
_pdbx_poly_seq_scheme.hetero 
A 1 1  DC  1  1  1  DC  C  A . n 
A 1 2  DG  2  2  2  DG  G  A . n 
A 1 3  DC  3  3  3  DC  C  A . n 
A 1 4  DG  4  4  4  DG  G  A . n 
A 1 5  DA  5  5  5  DA  A  A . n 
A 1 6  DA  6  6  6  DA  A  A . n 
A 1 7  DT  7  7  7  DT  T  A . n 
A 1 8  DT  8  8  8  DT  T  A . n 
A 1 9  5CM 9  9  9  5CM +C A . n 
A 1 10 DG  10 10 10 DG  G  A . n 
A 1 11 DC  11 11 11 DC  C  A . n 
A 1 12 DG  12 12 12 DG  G  A . n 
B 1 1  DC  1  13 13 DC  C  B . n 
B 1 2  DG  2  14 14 DG  G  B . n 
B 1 3  DC  3  15 15 DC  C  B . n 
B 1 4  DG  4  16 16 DG  G  B . n 
B 1 5  DA  5  17 17 DA  A  B . n 
B 1 6  DA  6  18 18 DA  A  B . n 
B 1 7  DT  7  19 19 DT  T  B . n 
B 1 8  DT  8  20 20 DT  T  B . n 
B 1 9  5CM 9  21 21 5CM +C B . n 
B 1 10 DG  10 22 22 DG  G  B . n 
B 1 11 DC  11 23 23 DC  C  B . n 
B 1 12 DG  12 24 24 DG  G  B . n 
# 
loop_
_pdbx_nonpoly_scheme.asym_id 
_pdbx_nonpoly_scheme.entity_id 
_pdbx_nonpoly_scheme.mon_id 
_pdbx_nonpoly_scheme.ndb_seq_num 
_pdbx_nonpoly_scheme.pdb_seq_num 
_pdbx_nonpoly_scheme.auth_seq_num 
_pdbx_nonpoly_scheme.pdb_mon_id 
_pdbx_nonpoly_scheme.auth_mon_id 
_pdbx_nonpoly_scheme.pdb_strand_id 
_pdbx_nonpoly_scheme.pdb_ins_code 
C 2 MG  1  26  26 MG  MO6 A . 
D 3 DMY 1  25  25 DMY DMY B . 
E 4 HOH 1  30  30 HOH HOH A . 
E 4 HOH 2  32  32 HOH HOH A . 
E 4 HOH 3  33  33 HOH HOH A . 
E 4 HOH 4  34  34 HOH HOH A . 
E 4 HOH 5  37  37 HOH HOH A . 
E 4 HOH 6  38  38 HOH HOH A . 
E 4 HOH 7  40  40 HOH HOH A . 
E 4 HOH 8  41  41 HOH HOH A . 
E 4 HOH 9  42  42 HOH HOH A . 
E 4 HOH 10 43  43 HOH HOH A . 
E 4 HOH 11 46  46 HOH HOH A . 
E 4 HOH 12 48  48 HOH HOH A . 
E 4 HOH 13 49  49 HOH HOH A . 
E 4 HOH 14 54  54 HOH HOH A . 
E 4 HOH 15 57  57 HOH HOH A . 
E 4 HOH 16 58  58 HOH HOH A . 
E 4 HOH 17 60  60 HOH HOH A . 
E 4 HOH 18 61  61 HOH HOH A . 
E 4 HOH 19 65  65 HOH HOH A . 
E 4 HOH 20 68  68 HOH HOH A . 
E 4 HOH 21 69  69 HOH HOH A . 
E 4 HOH 22 70  70 HOH HOH A . 
E 4 HOH 23 73  73 HOH HOH A . 
E 4 HOH 24 77  77 HOH HOH A . 
E 4 HOH 25 81  81 HOH HOH A . 
E 4 HOH 26 82  82 HOH HOH A . 
E 4 HOH 27 84  84 HOH HOH A . 
E 4 HOH 28 86  86 HOH HOH A . 
E 4 HOH 29 87  87 HOH HOH A . 
E 4 HOH 30 90  90 HOH HOH A . 
E 4 HOH 31 92  92 HOH HOH A . 
E 4 HOH 32 94  94 HOH HOH A . 
E 4 HOH 33 95  26 HOH MO6 A . 
E 4 HOH 34 96  26 HOH MO6 A . 
E 4 HOH 35 98  26 HOH MO6 A . 
E 4 HOH 36 99  26 HOH MO6 A . 
E 4 HOH 37 100 26 HOH MO6 A . 
F 4 HOH 1  27  27 HOH HOH B . 
F 4 HOH 2  28  28 HOH HOH B . 
F 4 HOH 3  29  29 HOH HOH B . 
F 4 HOH 4  31  31 HOH HOH B . 
F 4 HOH 5  35  35 HOH HOH B . 
F 4 HOH 6  36  36 HOH HOH B . 
F 4 HOH 7  39  39 HOH HOH B . 
F 4 HOH 8  44  44 HOH HOH B . 
F 4 HOH 9  45  45 HOH HOH B . 
F 4 HOH 10 47  47 HOH HOH B . 
F 4 HOH 11 50  50 HOH HOH B . 
F 4 HOH 12 51  51 HOH HOH B . 
F 4 HOH 13 52  52 HOH HOH B . 
F 4 HOH 14 53  53 HOH HOH B . 
F 4 HOH 15 55  55 HOH HOH B . 
F 4 HOH 16 56  56 HOH HOH B . 
F 4 HOH 17 59  59 HOH HOH B . 
F 4 HOH 18 62  62 HOH HOH B . 
F 4 HOH 19 63  63 HOH HOH B . 
F 4 HOH 20 64  64 HOH HOH B . 
F 4 HOH 21 66  66 HOH HOH B . 
F 4 HOH 22 67  67 HOH HOH B . 
F 4 HOH 23 71  71 HOH HOH B . 
F 4 HOH 24 72  72 HOH HOH B . 
F 4 HOH 25 74  74 HOH HOH B . 
F 4 HOH 26 75  75 HOH HOH B . 
F 4 HOH 27 76  76 HOH HOH B . 
F 4 HOH 28 78  78 HOH HOH B . 
F 4 HOH 29 79  79 HOH HOH B . 
F 4 HOH 30 80  80 HOH HOH B . 
F 4 HOH 31 83  83 HOH HOH B . 
F 4 HOH 32 85  85 HOH HOH B . 
F 4 HOH 33 88  88 HOH HOH B . 
F 4 HOH 34 89  89 HOH HOH B . 
F 4 HOH 35 91  91 HOH HOH B . 
F 4 HOH 36 93  93 HOH HOH B . 
F 4 HOH 37 97  26 HOH MO6 B . 
# 
loop_
_software.name 
_software.classification 
_software.version 
_software.citation_id 
_software.pdbx_ordinal 
NUCLSQ refinement       . ? 1 
RIGAKU 'data reduction' . ? 2 
RIGAKU 'data scaling'   . ? 3 
# 
_cell.entry_id           267D 
_cell.length_a           24.918 
_cell.length_b           40.141 
_cell.length_c           66.306 
_cell.angle_alpha        90.00 
_cell.angle_beta         90.00 
_cell.angle_gamma        90.00 
_cell.Z_PDB              8 
_cell.pdbx_unique_axis   ? 
_cell.length_a_esd       ? 
_cell.length_b_esd       ? 
_cell.length_c_esd       ? 
_cell.angle_alpha_esd    ? 
_cell.angle_beta_esd     ? 
_cell.angle_gamma_esd    ? 
# 
_symmetry.entry_id                         267D 
_symmetry.space_group_name_H-M             'P 21 21 21' 
_symmetry.pdbx_full_space_group_name_H-M   ? 
_symmetry.cell_setting                     ? 
_symmetry.Int_Tables_number                19 
_symmetry.space_group_name_Hall            ? 
# 
_exptl.entry_id          267D 
_exptl.method            'X-RAY DIFFRACTION' 
_exptl.crystals_number   ? 
# 
_exptl_crystal.id                    1 
_exptl_crystal.density_meas          ? 
_exptl_crystal.density_percent_sol   45.44 
_exptl_crystal.density_Matthews      2.25 
_exptl_crystal.description           ? 
_exptl_crystal.F_000                 ? 
_exptl_crystal.preparation           ? 
# 
_exptl_crystal_grow.crystal_id      1 
_exptl_crystal_grow.method          ? 
_exptl_crystal_grow.temp            ? 
_exptl_crystal_grow.temp_details    ? 
_exptl_crystal_grow.pH              7.10 
_exptl_crystal_grow.pdbx_details    'pH 7.10' 
_exptl_crystal_grow.pdbx_pH_range   ? 
# 
loop_
_exptl_crystal_grow_comp.crystal_id 
_exptl_crystal_grow_comp.id 
_exptl_crystal_grow_comp.sol_id 
_exptl_crystal_grow_comp.name 
_exptl_crystal_grow_comp.volume 
_exptl_crystal_grow_comp.conc 
_exptl_crystal_grow_comp.details 
1 1 1 WATER           ? ? ? 
1 2 1 'NA CACODYLATE' ? ? ? 
# 
_diffrn.id                     1 
_diffrn.ambient_temp           100.00 
_diffrn.ambient_temp_details   ? 
_diffrn.crystal_id             1 
# 
_diffrn_detector.diffrn_id              1 
_diffrn_detector.detector               'IMAGE PLATE' 
_diffrn_detector.type                   'RIGAKU RAXIS IIC' 
_diffrn_detector.pdbx_collection_date   1995-05-13 
_diffrn_detector.details                ? 
# 
_diffrn_radiation.diffrn_id                        1 
_diffrn_radiation.wavelength_id                    1 
_diffrn_radiation.pdbx_monochromatic_or_laue_m_l   M 
_diffrn_radiation.monochromator                    GRAPHITE 
_diffrn_radiation.pdbx_diffrn_protocol             ? 
_diffrn_radiation.pdbx_scattering_type             x-ray 
# 
_diffrn_radiation_wavelength.id           1 
_diffrn_radiation_wavelength.wavelength   . 
_diffrn_radiation_wavelength.wt           1.0 
# 
_diffrn_source.diffrn_id                   1 
_diffrn_source.source                      'ROTATING ANODE' 
_diffrn_source.type                        'RIGAKU RU200' 
_diffrn_source.pdbx_synchrotron_site       ? 
_diffrn_source.pdbx_synchrotron_beamline   ? 
_diffrn_source.pdbx_wavelength             ? 
_diffrn_source.pdbx_wavelength_list        ? 
# 
_reflns.entry_id                     267D 
_reflns.observed_criterion_sigma_I   ? 
_reflns.observed_criterion_sigma_F   ? 
_reflns.d_resolution_low             34.300 
_reflns.d_resolution_high            2.000 
_reflns.number_obs                   10301 
_reflns.number_all                   ? 
_reflns.percent_possible_obs         ? 
_reflns.pdbx_Rmerge_I_obs            0.0742 
_reflns.pdbx_Rsym_value              ? 
_reflns.pdbx_netI_over_sigmaI        ? 
_reflns.B_iso_Wilson_estimate        ? 
_reflns.pdbx_redundancy              ? 
_reflns.pdbx_ordinal                 1 
_reflns.pdbx_diffrn_id               1 
_reflns.R_free_details               ? 
_reflns.pdbx_chi_squared             ? 
_reflns.pdbx_scaling_rejects         ? 
# 
_refine.entry_id                                 267D 
_refine.ls_number_reflns_obs                     3703 
_refine.ls_number_reflns_all                     ? 
_refine.pdbx_ls_sigma_I                          ? 
_refine.pdbx_ls_sigma_F                          4.000 
_refine.pdbx_data_cutoff_high_absF               ? 
_refine.pdbx_data_cutoff_low_absF                ? 
_refine.pdbx_data_cutoff_high_rms_absF           ? 
_refine.ls_d_res_low                             ? 
_refine.ls_d_res_high                            2.000 
_refine.ls_percent_reflns_obs                    76.400 
_refine.ls_R_factor_obs                          0.156 
_refine.ls_R_factor_all                          ? 
_refine.ls_R_factor_R_work                       ? 
_refine.ls_R_factor_R_free                       ? 
_refine.ls_R_factor_R_free_error                 ? 
_refine.ls_R_factor_R_free_error_details         ? 
_refine.ls_percent_reflns_R_free                 ? 
_refine.ls_number_reflns_R_free                  ? 
_refine.ls_number_parameters                     ? 
_refine.ls_number_restraints                     ? 
_refine.occupancy_min                            ? 
_refine.occupancy_max                            ? 
_refine.B_iso_mean                               ? 
_refine.aniso_B[1][1]                            ? 
_refine.aniso_B[2][2]                            ? 
_refine.aniso_B[3][3]                            ? 
_refine.aniso_B[1][2]                            ? 
_refine.aniso_B[1][3]                            ? 
_refine.aniso_B[2][3]                            ? 
_refine.solvent_model_details                    ? 
_refine.solvent_model_param_ksol                 ? 
_refine.solvent_model_param_bsol                 ? 
_refine.pdbx_ls_cross_valid_method               ? 
_refine.details                                  
;STANDARD R-FACTOR = 15.6% ERROR R-FACTOR = 5.5% WEIGHTED R-FACTOR = 13.7% NUMBER OF REFLECTIONS INCLUDED = 10301 AVERAGE |FO-FC| DISCREPANCY = 20.38 AVERAGE WEIGHTED |FO-FC| DISCREPANCY = 0.10 CORRELATION COEFFICIENT = 99.2% RESOLUTION BREAKDOWN "ALL" R FACTOR = 14.7%
;
_refine.pdbx_starting_model                      ? 
_refine.pdbx_method_to_determine_struct          MIR 
_refine.pdbx_isotropic_thermal_model             ? 
_refine.pdbx_stereochemistry_target_values       ? 
_refine.pdbx_stereochem_target_val_spec_case     ? 
_refine.pdbx_R_Free_selection_details            ? 
_refine.pdbx_overall_ESU_R                       ? 
_refine.pdbx_overall_ESU_R_Free                  ? 
_refine.overall_SU_ML                            ? 
_refine.overall_SU_B                             ? 
_refine.pdbx_refine_id                           'X-RAY DIFFRACTION' 
_refine.pdbx_diffrn_id                           1 
_refine.ls_redundancy_reflns_obs                 ? 
_refine.pdbx_overall_phase_error                 ? 
_refine.correlation_coeff_Fo_to_Fc               ? 
_refine.correlation_coeff_Fo_to_Fc_free          ? 
_refine.pdbx_solvent_vdw_probe_radii             ? 
_refine.pdbx_solvent_ion_probe_radii             ? 
_refine.pdbx_solvent_shrinkage_radii             ? 
_refine.overall_SU_R_Cruickshank_DPI             ? 
_refine.overall_SU_R_free                        ? 
_refine.ls_wR_factor_R_free                      ? 
_refine.ls_wR_factor_R_work                      ? 
_refine.overall_FOM_free_R_set                   ? 
_refine.overall_FOM_work_R_set                   ? 
_refine.pdbx_TLS_residual_ADP_flag               ? 
_refine.pdbx_overall_SU_R_free_Cruickshank_DPI   ? 
_refine.pdbx_overall_SU_R_Blow_DPI               ? 
_refine.pdbx_overall_SU_R_free_Blow_DPI          ? 
# 
_refine_hist.pdbx_refine_id                   'X-RAY DIFFRACTION' 
_refine_hist.cycle_id                         LAST 
_refine_hist.pdbx_number_atoms_protein        0 
_refine_hist.pdbx_number_atoms_nucleic_acid   488 
_refine_hist.pdbx_number_atoms_ligand         36 
_refine_hist.number_atoms_solvent             74 
_refine_hist.number_atoms_total               598 
_refine_hist.d_res_high                       2.000 
_refine_hist.d_res_low                        . 
# 
loop_
_refine_ls_restr.type 
_refine_ls_restr.dev_ideal 
_refine_ls_restr.dev_ideal_target 
_refine_ls_restr.weight 
_refine_ls_restr.number 
_refine_ls_restr.pdbx_refine_id 
_refine_ls_restr.pdbx_restraint_function 
n_bond_d               ?      ?     ? ? 'X-RAY DIFFRACTION' ? 
n_angle_d              ?      ?     ? ? 'X-RAY DIFFRACTION' ? 
n_planar_d             ?      ?     ? ? 'X-RAY DIFFRACTION' ? 
n_hb_or_metal_coord    ?      ?     ? ? 'X-RAY DIFFRACTION' ? 
n_sugar_bond_it        12.632 7.500 ? ? 'X-RAY DIFFRACTION' ? 
n_sugar_angle_it       13.759 7.500 ? ? 'X-RAY DIFFRACTION' ? 
n_phos_bond_it         13.759 7.500 ? ? 'X-RAY DIFFRACTION' ? 
n_phos_angle_it        13.877 7.500 ? ? 'X-RAY DIFFRACTION' ? 
n_bond_angle_restr     ?      ?     ? ? 'X-RAY DIFFRACTION' ? 
n_dihedral_angle_restr ?      ?     ? ? 'X-RAY DIFFRACTION' ? 
n_impr_tor             ?      ?     ? ? 'X-RAY DIFFRACTION' ? 
n_sugar_bond_d         ?      ?     ? ? 'X-RAY DIFFRACTION' ? 
n_sugar_bond_angle_d   ?      ?     ? ? 'X-RAY DIFFRACTION' ? 
n_phos_bond_d          0.029  0.015 ? ? 'X-RAY DIFFRACTION' ? 
n_phos_bond_angle_d    ?      ?     ? ? 'X-RAY DIFFRACTION' ? 
n_plane_restr          0.034  0.015 ? ? 'X-RAY DIFFRACTION' ? 
n_chiral_restr         0.054  0.040 ? ? 'X-RAY DIFFRACTION' ? 
n_singtor_nbd          0.222  0.063 ? ? 'X-RAY DIFFRACTION' ? 
n_multtor_nbd          0.220  0.063 ? ? 'X-RAY DIFFRACTION' ? 
n_xhyhbond_nbd         ?      ?     ? ? 'X-RAY DIFFRACTION' ? 
# 
_struct.entry_id                  267D 
_struct.title                     'STRUCTURAL STUDIES ON NUCLEIC ACIDS' 
_struct.pdbx_model_details        ? 
_struct.pdbx_CASP_flag            ? 
_struct.pdbx_model_type_details   ? 
# 
_struct_keywords.entry_id        267D 
_struct_keywords.pdbx_keywords   DNA 
_struct_keywords.text            'B-DNA, DOUBLE HELIX, MODIFIED, COMPLEXED WITH DRUG, DNA' 
# 
loop_
_struct_asym.id 
_struct_asym.pdbx_blank_PDB_chainid_flag 
_struct_asym.pdbx_modified 
_struct_asym.entity_id 
_struct_asym.details 
A N N 1 ? 
B N N 1 ? 
C N N 2 ? 
D N N 3 ? 
E N N 4 ? 
F N N 4 ? 
# 
_struct_ref.id                         1 
_struct_ref.entity_id                  1 
_struct_ref.db_name                    PDB 
_struct_ref.db_code                    267D 
_struct_ref.pdbx_db_accession          267D 
_struct_ref.pdbx_align_begin           ? 
_struct_ref.pdbx_seq_one_letter_code   ? 
_struct_ref.pdbx_db_isoform            ? 
# 
loop_
_struct_ref_seq.align_id 
_struct_ref_seq.ref_id 
_struct_ref_seq.pdbx_PDB_id_code 
_struct_ref_seq.pdbx_strand_id 
_struct_ref_seq.seq_align_beg 
_struct_ref_seq.pdbx_seq_align_beg_ins_code 
_struct_ref_seq.seq_align_end 
_struct_ref_seq.pdbx_seq_align_end_ins_code 
_struct_ref_seq.pdbx_db_accession 
_struct_ref_seq.db_align_beg 
_struct_ref_seq.pdbx_db_align_beg_ins_code 
_struct_ref_seq.db_align_end 
_struct_ref_seq.pdbx_db_align_end_ins_code 
_struct_ref_seq.pdbx_auth_seq_align_beg 
_struct_ref_seq.pdbx_auth_seq_align_end 
1 1 267D A 1 ? 12 ? 267D 1  ? 12 ? 1  12 
2 1 267D B 1 ? 12 ? 267D 13 ? 24 ? 13 24 
# 
_pdbx_struct_assembly.id                   1 
_pdbx_struct_assembly.details              author_defined_assembly 
_pdbx_struct_assembly.method_details       ? 
_pdbx_struct_assembly.oligomeric_details   dimeric 
_pdbx_struct_assembly.oligomeric_count     2 
# 
_pdbx_struct_assembly_gen.assembly_id       1 
_pdbx_struct_assembly_gen.oper_expression   1 
_pdbx_struct_assembly_gen.asym_id_list      A,B,C,D,E,F 
# 
_pdbx_struct_oper_list.id                   1 
_pdbx_struct_oper_list.type                 'identity operation' 
_pdbx_struct_oper_list.name                 1_555 
_pdbx_struct_oper_list.symmetry_operation   x,y,z 
_pdbx_struct_oper_list.matrix[1][1]         1.0000000000 
_pdbx_struct_oper_list.matrix[1][2]         0.0000000000 
_pdbx_struct_oper_list.matrix[1][3]         0.0000000000 
_pdbx_struct_oper_list.vector[1]            0.0000000000 
_pdbx_struct_oper_list.matrix[2][1]         0.0000000000 
_pdbx_struct_oper_list.matrix[2][2]         1.0000000000 
_pdbx_struct_oper_list.matrix[2][3]         0.0000000000 
_pdbx_struct_oper_list.vector[2]            0.0000000000 
_pdbx_struct_oper_list.matrix[3][1]         0.0000000000 
_pdbx_struct_oper_list.matrix[3][2]         0.0000000000 
_pdbx_struct_oper_list.matrix[3][3]         1.0000000000 
_pdbx_struct_oper_list.vector[3]            0.0000000000 
# 
_struct_biol.id        1 
_struct_biol.details   ? 
# 
loop_
_struct_conn.id 
_struct_conn.conn_type_id 
_struct_conn.pdbx_leaving_atom_flag 
_struct_conn.pdbx_PDB_id 
_struct_conn.ptnr1_label_asym_id 
_struct_conn.ptnr1_label_comp_id 
_struct_conn.ptnr1_label_seq_id 
_struct_conn.ptnr1_label_atom_id 
_struct_conn.pdbx_ptnr1_label_alt_id 
_struct_conn.pdbx_ptnr1_PDB_ins_code 
_struct_conn.pdbx_ptnr1_standard_comp_id 
_struct_conn.ptnr1_symmetry 
_struct_conn.ptnr2_label_asym_id 
_struct_conn.ptnr2_label_comp_id 
_struct_conn.ptnr2_label_seq_id 
_struct_conn.ptnr2_label_atom_id 
_struct_conn.pdbx_ptnr2_label_alt_id 
_struct_conn.pdbx_ptnr2_PDB_ins_code 
_struct_conn.ptnr1_auth_asym_id 
_struct_conn.ptnr1_auth_comp_id 
_struct_conn.ptnr1_auth_seq_id 
_struct_conn.ptnr2_auth_asym_id 
_struct_conn.ptnr2_auth_comp_id 
_struct_conn.ptnr2_auth_seq_id 
_struct_conn.ptnr2_symmetry 
_struct_conn.pdbx_ptnr3_label_atom_id 
_struct_conn.pdbx_ptnr3_label_seq_id 
_struct_conn.pdbx_ptnr3_label_comp_id 
_struct_conn.pdbx_ptnr3_label_asym_id 
_struct_conn.pdbx_ptnr3_label_alt_id 
_struct_conn.pdbx_ptnr3_PDB_ins_code 
_struct_conn.details 
_struct_conn.pdbx_dist_value 
_struct_conn.pdbx_value_order 
_struct_conn.pdbx_role 
covale1  covale both ? A DT  8  "O3'" ? ? ? 1_555 A 5CM 9  P  ? ? A DT  8  A 5CM 9   1_555 ? ? ? ? ? ? ?            1.631 ? ? 
covale2  covale both ? A 5CM 9  "O3'" ? ? ? 1_555 A DG  10 P  ? ? A 5CM 9  A DG  10  1_555 ? ? ? ? ? ? ?            1.586 ? ? 
covale3  covale both ? B DT  8  "O3'" ? ? ? 1_555 B 5CM 9  P  ? ? B DT  20 B 5CM 21  1_555 ? ? ? ? ? ? ?            1.610 ? ? 
covale4  covale both ? B 5CM 9  "O3'" ? ? ? 1_555 B DG  10 P  ? ? B 5CM 21 B DG  22  1_555 ? ? ? ? ? ? ?            1.571 ? ? 
metalc1  metalc ?    ? C MG  .  MG    ? ? ? 1_555 E HOH .  O  ? ? A MG  26 A HOH 95  1_555 ? ? ? ? ? ? ?            2.065 ? ? 
metalc2  metalc ?    ? C MG  .  MG    ? ? ? 1_555 E HOH .  O  ? ? A MG  26 A HOH 96  1_555 ? ? ? ? ? ? ?            1.926 ? ? 
metalc3  metalc ?    ? C MG  .  MG    ? ? ? 1_555 E HOH .  O  ? ? A MG  26 A HOH 98  1_555 ? ? ? ? ? ? ?            1.882 ? ? 
metalc4  metalc ?    ? C MG  .  MG    ? ? ? 1_555 E HOH .  O  ? ? A MG  26 A HOH 99  1_555 ? ? ? ? ? ? ?            1.986 ? ? 
metalc5  metalc ?    ? C MG  .  MG    ? ? ? 1_555 E HOH .  O  ? ? A MG  26 A HOH 100 1_555 ? ? ? ? ? ? ?            2.049 ? ? 
metalc6  metalc ?    ? C MG  .  MG    ? ? ? 1_555 F HOH .  O  ? ? A MG  26 B HOH 97  1_555 ? ? ? ? ? ? ?            2.096 ? ? 
hydrog1  hydrog ?    ? A DC  1  N3    ? ? ? 1_555 B DG  12 N1 ? ? A DC  1  B DG  24  1_555 ? ? ? ? ? ? WATSON-CRICK ?     ? ? 
hydrog2  hydrog ?    ? A DC  1  N4    ? ? ? 1_555 B DG  12 O6 ? ? A DC  1  B DG  24  1_555 ? ? ? ? ? ? WATSON-CRICK ?     ? ? 
hydrog3  hydrog ?    ? A DC  1  O2    ? ? ? 1_555 B DG  12 N2 ? ? A DC  1  B DG  24  1_555 ? ? ? ? ? ? WATSON-CRICK ?     ? ? 
hydrog4  hydrog ?    ? A DG  2  N1    ? ? ? 1_555 B DC  11 N3 ? ? A DG  2  B DC  23  1_555 ? ? ? ? ? ? WATSON-CRICK ?     ? ? 
hydrog5  hydrog ?    ? A DG  2  N2    ? ? ? 1_555 B DC  11 O2 ? ? A DG  2  B DC  23  1_555 ? ? ? ? ? ? WATSON-CRICK ?     ? ? 
hydrog6  hydrog ?    ? A DG  2  O6    ? ? ? 1_555 B DC  11 N4 ? ? A DG  2  B DC  23  1_555 ? ? ? ? ? ? WATSON-CRICK ?     ? ? 
hydrog7  hydrog ?    ? A DC  3  N3    ? ? ? 1_555 B DG  10 N1 ? ? A DC  3  B DG  22  1_555 ? ? ? ? ? ? WATSON-CRICK ?     ? ? 
hydrog8  hydrog ?    ? A DC  3  N4    ? ? ? 1_555 B DG  10 O6 ? ? A DC  3  B DG  22  1_555 ? ? ? ? ? ? WATSON-CRICK ?     ? ? 
hydrog9  hydrog ?    ? A DC  3  O2    ? ? ? 1_555 B DG  10 N2 ? ? A DC  3  B DG  22  1_555 ? ? ? ? ? ? WATSON-CRICK ?     ? ? 
hydrog10 hydrog ?    ? A DG  4  N1    ? ? ? 1_555 B 5CM 9  N3 ? ? A DG  4  B 5CM 21  1_555 ? ? ? ? ? ? WATSON-CRICK ?     ? ? 
hydrog11 hydrog ?    ? A DG  4  N2    ? ? ? 1_555 B 5CM 9  O2 ? ? A DG  4  B 5CM 21  1_555 ? ? ? ? ? ? WATSON-CRICK ?     ? ? 
hydrog12 hydrog ?    ? A DG  4  O6    ? ? ? 1_555 B 5CM 9  N4 ? ? A DG  4  B 5CM 21  1_555 ? ? ? ? ? ? WATSON-CRICK ?     ? ? 
hydrog13 hydrog ?    ? A DA  5  N1    ? ? ? 1_555 B DT  8  N3 ? ? A DA  5  B DT  20  1_555 ? ? ? ? ? ? WATSON-CRICK ?     ? ? 
hydrog14 hydrog ?    ? A DA  5  N6    ? ? ? 1_555 B DT  8  O4 ? ? A DA  5  B DT  20  1_555 ? ? ? ? ? ? WATSON-CRICK ?     ? ? 
hydrog15 hydrog ?    ? A DA  6  N1    ? ? ? 1_555 B DT  7  N3 ? ? A DA  6  B DT  19  1_555 ? ? ? ? ? ? WATSON-CRICK ?     ? ? 
hydrog16 hydrog ?    ? A DA  6  N6    ? ? ? 1_555 B DT  7  O4 ? ? A DA  6  B DT  19  1_555 ? ? ? ? ? ? WATSON-CRICK ?     ? ? 
hydrog17 hydrog ?    ? A DT  7  N3    ? ? ? 1_555 B DA  6  N1 ? ? A DT  7  B DA  18  1_555 ? ? ? ? ? ? WATSON-CRICK ?     ? ? 
hydrog18 hydrog ?    ? A DT  7  O4    ? ? ? 1_555 B DA  6  N6 ? ? A DT  7  B DA  18  1_555 ? ? ? ? ? ? WATSON-CRICK ?     ? ? 
hydrog19 hydrog ?    ? A DT  8  N3    ? ? ? 1_555 B DA  5  N1 ? ? A DT  8  B DA  17  1_555 ? ? ? ? ? ? WATSON-CRICK ?     ? ? 
hydrog20 hydrog ?    ? A DT  8  O4    ? ? ? 1_555 B DA  5  N6 ? ? A DT  8  B DA  17  1_555 ? ? ? ? ? ? WATSON-CRICK ?     ? ? 
hydrog21 hydrog ?    ? A 5CM 9  N3    ? ? ? 1_555 B DG  4  N1 ? ? A 5CM 9  B DG  16  1_555 ? ? ? ? ? ? WATSON-CRICK ?     ? ? 
hydrog22 hydrog ?    ? A 5CM 9  N4    ? ? ? 1_555 B DG  4  O6 ? ? A 5CM 9  B DG  16  1_555 ? ? ? ? ? ? WATSON-CRICK ?     ? ? 
hydrog23 hydrog ?    ? A 5CM 9  O2    ? ? ? 1_555 B DG  4  N2 ? ? A 5CM 9  B DG  16  1_555 ? ? ? ? ? ? WATSON-CRICK ?     ? ? 
hydrog24 hydrog ?    ? A DG  10 N1    ? ? ? 1_555 B DC  3  N3 ? ? A DG  10 B DC  15  1_555 ? ? ? ? ? ? WATSON-CRICK ?     ? ? 
hydrog25 hydrog ?    ? A DG  10 N2    ? ? ? 1_555 B DC  3  O2 ? ? A DG  10 B DC  15  1_555 ? ? ? ? ? ? WATSON-CRICK ?     ? ? 
hydrog26 hydrog ?    ? A DG  10 O6    ? ? ? 1_555 B DC  3  N4 ? ? A DG  10 B DC  15  1_555 ? ? ? ? ? ? WATSON-CRICK ?     ? ? 
hydrog27 hydrog ?    ? A DC  11 N3    ? ? ? 1_555 B DG  2  N1 ? ? A DC  11 B DG  14  1_555 ? ? ? ? ? ? WATSON-CRICK ?     ? ? 
hydrog28 hydrog ?    ? A DC  11 N4    ? ? ? 1_555 B DG  2  O6 ? ? A DC  11 B DG  14  1_555 ? ? ? ? ? ? WATSON-CRICK ?     ? ? 
hydrog29 hydrog ?    ? A DC  11 O2    ? ? ? 1_555 B DG  2  N2 ? ? A DC  11 B DG  14  1_555 ? ? ? ? ? ? WATSON-CRICK ?     ? ? 
hydrog30 hydrog ?    ? A DG  12 N1    ? ? ? 1_555 B DC  1  N3 ? ? A DG  12 B DC  13  1_555 ? ? ? ? ? ? WATSON-CRICK ?     ? ? 
hydrog31 hydrog ?    ? A DG  12 N2    ? ? ? 1_555 B DC  1  O2 ? ? A DG  12 B DC  13  1_555 ? ? ? ? ? ? WATSON-CRICK ?     ? ? 
hydrog32 hydrog ?    ? A DG  12 O6    ? ? ? 1_555 B DC  1  N4 ? ? A DG  12 B DC  13  1_555 ? ? ? ? ? ? WATSON-CRICK ?     ? ? 
# 
loop_
_struct_conn_type.id 
_struct_conn_type.criteria 
_struct_conn_type.reference 
covale ? ? 
metalc ? ? 
hydrog ? ? 
# 
loop_
_pdbx_struct_conn_angle.id 
_pdbx_struct_conn_angle.ptnr1_label_atom_id 
_pdbx_struct_conn_angle.ptnr1_label_alt_id 
_pdbx_struct_conn_angle.ptnr1_label_asym_id 
_pdbx_struct_conn_angle.ptnr1_label_comp_id 
_pdbx_struct_conn_angle.ptnr1_label_seq_id 
_pdbx_struct_conn_angle.ptnr1_auth_atom_id 
_pdbx_struct_conn_angle.ptnr1_auth_asym_id 
_pdbx_struct_conn_angle.ptnr1_auth_comp_id 
_pdbx_struct_conn_angle.ptnr1_auth_seq_id 
_pdbx_struct_conn_angle.ptnr1_PDB_ins_code 
_pdbx_struct_conn_angle.ptnr1_symmetry 
_pdbx_struct_conn_angle.ptnr2_label_atom_id 
_pdbx_struct_conn_angle.ptnr2_label_alt_id 
_pdbx_struct_conn_angle.ptnr2_label_asym_id 
_pdbx_struct_conn_angle.ptnr2_label_comp_id 
_pdbx_struct_conn_angle.ptnr2_label_seq_id 
_pdbx_struct_conn_angle.ptnr2_auth_atom_id 
_pdbx_struct_conn_angle.ptnr2_auth_asym_id 
_pdbx_struct_conn_angle.ptnr2_auth_comp_id 
_pdbx_struct_conn_angle.ptnr2_auth_seq_id 
_pdbx_struct_conn_angle.ptnr2_PDB_ins_code 
_pdbx_struct_conn_angle.ptnr2_symmetry 
_pdbx_struct_conn_angle.ptnr3_label_atom_id 
_pdbx_struct_conn_angle.ptnr3_label_alt_id 
_pdbx_struct_conn_angle.ptnr3_label_asym_id 
_pdbx_struct_conn_angle.ptnr3_label_comp_id 
_pdbx_struct_conn_angle.ptnr3_label_seq_id 
_pdbx_struct_conn_angle.ptnr3_auth_atom_id 
_pdbx_struct_conn_angle.ptnr3_auth_asym_id 
_pdbx_struct_conn_angle.ptnr3_auth_comp_id 
_pdbx_struct_conn_angle.ptnr3_auth_seq_id 
_pdbx_struct_conn_angle.ptnr3_PDB_ins_code 
_pdbx_struct_conn_angle.ptnr3_symmetry 
_pdbx_struct_conn_angle.value 
_pdbx_struct_conn_angle.value_esd 
1  O ? E HOH . ? A HOH 95  ? 1_555 MG ? C MG . ? A MG 26 ? 1_555 O ? E HOH . ? A HOH 96  ? 1_555 177.0 ? 
2  O ? E HOH . ? A HOH 95  ? 1_555 MG ? C MG . ? A MG 26 ? 1_555 O ? E HOH . ? A HOH 98  ? 1_555 89.5  ? 
3  O ? E HOH . ? A HOH 96  ? 1_555 MG ? C MG . ? A MG 26 ? 1_555 O ? E HOH . ? A HOH 98  ? 1_555 90.7  ? 
4  O ? E HOH . ? A HOH 95  ? 1_555 MG ? C MG . ? A MG 26 ? 1_555 O ? E HOH . ? A HOH 99  ? 1_555 85.9  ? 
5  O ? E HOH . ? A HOH 96  ? 1_555 MG ? C MG . ? A MG 26 ? 1_555 O ? E HOH . ? A HOH 99  ? 1_555 97.0  ? 
6  O ? E HOH . ? A HOH 98  ? 1_555 MG ? C MG . ? A MG 26 ? 1_555 O ? E HOH . ? A HOH 99  ? 1_555 98.2  ? 
7  O ? E HOH . ? A HOH 95  ? 1_555 MG ? C MG . ? A MG 26 ? 1_555 O ? E HOH . ? A HOH 100 ? 1_555 89.8  ? 
8  O ? E HOH . ? A HOH 96  ? 1_555 MG ? C MG . ? A MG 26 ? 1_555 O ? E HOH . ? A HOH 100 ? 1_555 87.2  ? 
9  O ? E HOH . ? A HOH 98  ? 1_555 MG ? C MG . ? A MG 26 ? 1_555 O ? E HOH . ? A HOH 100 ? 1_555 88.5  ? 
10 O ? E HOH . ? A HOH 99  ? 1_555 MG ? C MG . ? A MG 26 ? 1_555 O ? E HOH . ? A HOH 100 ? 1_555 171.9 ? 
11 O ? E HOH . ? A HOH 95  ? 1_555 MG ? C MG . ? A MG 26 ? 1_555 O ? F HOH . ? B HOH 97  ? 1_555 85.0  ? 
12 O ? E HOH . ? A HOH 96  ? 1_555 MG ? C MG . ? A MG 26 ? 1_555 O ? F HOH . ? B HOH 97  ? 1_555 94.6  ? 
13 O ? E HOH . ? A HOH 98  ? 1_555 MG ? C MG . ? A MG 26 ? 1_555 O ? F HOH . ? B HOH 97  ? 1_555 173.8 ? 
14 O ? E HOH . ? A HOH 99  ? 1_555 MG ? C MG . ? A MG 26 ? 1_555 O ? F HOH . ? B HOH 97  ? 1_555 84.3  ? 
15 O ? E HOH . ? A HOH 100 ? 1_555 MG ? C MG . ? A MG 26 ? 1_555 O ? F HOH . ? B HOH 97  ? 1_555 88.6  ? 
# 
loop_
_struct_site.id 
_struct_site.pdbx_evidence_code 
_struct_site.pdbx_auth_asym_id 
_struct_site.pdbx_auth_comp_id 
_struct_site.pdbx_auth_seq_id 
_struct_site.pdbx_auth_ins_code 
_struct_site.pdbx_num_residues 
_struct_site.details 
AC1 Software B DMY 25 ? 12 'BINDING SITE FOR RESIDUE DMY B 25' 
AC2 Software A MG  26 ? 6  'BINDING SITE FOR RESIDUE MG A 26'  
1   ?        ? ?   ?  ? ?  ?                                   
# 
loop_
_struct_site_gen.id 
_struct_site_gen.site_id 
_struct_site_gen.pdbx_num_res 
_struct_site_gen.label_comp_id 
_struct_site_gen.label_asym_id 
_struct_site_gen.label_seq_id 
_struct_site_gen.pdbx_auth_ins_code 
_struct_site_gen.auth_comp_id 
_struct_site_gen.auth_asym_id 
_struct_site_gen.auth_seq_id 
_struct_site_gen.label_atom_id 
_struct_site_gen.label_alt_id 
_struct_site_gen.symmetry 
_struct_site_gen.details 
1  AC1 12 DG  A 4 ? DG  A 4   . ? 1_555 ? 
2  AC1 12 DA  A 5 ? DA  A 5   . ? 1_555 ? 
3  AC1 12 DA  A 6 ? DA  A 6   . ? 1_555 ? 
4  AC1 12 DT  A 7 ? DT  A 7   . ? 1_555 ? 
5  AC1 12 DT  A 8 ? DT  A 8   . ? 1_555 ? 
6  AC1 12 5CM A 9 ? 5CM A 9   . ? 1_555 ? 
7  AC1 12 DA  B 5 ? DA  B 17  . ? 1_555 ? 
8  AC1 12 DA  B 6 ? DA  B 18  . ? 1_555 ? 
9  AC1 12 DT  B 7 ? DT  B 19  . ? 1_555 ? 
10 AC1 12 DT  B 8 ? DT  B 20  . ? 1_555 ? 
11 AC1 12 5CM B 9 ? 5CM B 21  . ? 1_555 ? 
12 AC1 12 HOH F . ? HOH B 36  . ? 1_555 ? 
13 AC2 6  HOH E . ? HOH A 95  . ? 1_555 ? 
14 AC2 6  HOH E . ? HOH A 96  . ? 1_555 ? 
15 AC2 6  HOH E . ? HOH A 98  . ? 1_555 ? 
16 AC2 6  HOH E . ? HOH A 99  . ? 1_555 ? 
17 AC2 6  HOH E . ? HOH A 100 . ? 1_555 ? 
18 AC2 6  HOH F . ? HOH B 97  . ? 1_555 ? 
# 
_pdbx_validate_close_contact.id               1 
_pdbx_validate_close_contact.PDB_model_num    1 
_pdbx_validate_close_contact.auth_atom_id_1   N7 
_pdbx_validate_close_contact.auth_asym_id_1   A 
_pdbx_validate_close_contact.auth_comp_id_1   DG 
_pdbx_validate_close_contact.auth_seq_id_1    4 
_pdbx_validate_close_contact.PDB_ins_code_1   ? 
_pdbx_validate_close_contact.label_alt_id_1   ? 
_pdbx_validate_close_contact.auth_atom_id_2   O 
_pdbx_validate_close_contact.auth_asym_id_2   A 
_pdbx_validate_close_contact.auth_comp_id_2   HOH 
_pdbx_validate_close_contact.auth_seq_id_2    43 
_pdbx_validate_close_contact.PDB_ins_code_2   ? 
_pdbx_validate_close_contact.label_alt_id_2   ? 
_pdbx_validate_close_contact.dist             2.17 
# 
loop_
_pdbx_validate_rmsd_bond.id 
_pdbx_validate_rmsd_bond.PDB_model_num 
_pdbx_validate_rmsd_bond.auth_atom_id_1 
_pdbx_validate_rmsd_bond.auth_asym_id_1 
_pdbx_validate_rmsd_bond.auth_comp_id_1 
_pdbx_validate_rmsd_bond.auth_seq_id_1 
_pdbx_validate_rmsd_bond.PDB_ins_code_1 
_pdbx_validate_rmsd_bond.label_alt_id_1 
_pdbx_validate_rmsd_bond.auth_atom_id_2 
_pdbx_validate_rmsd_bond.auth_asym_id_2 
_pdbx_validate_rmsd_bond.auth_comp_id_2 
_pdbx_validate_rmsd_bond.auth_seq_id_2 
_pdbx_validate_rmsd_bond.PDB_ins_code_2 
_pdbx_validate_rmsd_bond.label_alt_id_2 
_pdbx_validate_rmsd_bond.bond_value 
_pdbx_validate_rmsd_bond.bond_target_value 
_pdbx_validate_rmsd_bond.bond_deviation 
_pdbx_validate_rmsd_bond.bond_standard_deviation 
_pdbx_validate_rmsd_bond.linker_flag 
1  1 "C2'" A DC 3  ? ? "C1'" A DC 3  ? ? 1.416 1.518 -0.102 0.010 N 
2  1 "O3'" A DC 3  ? ? P     A DG 4  ? ? 1.529 1.607 -0.078 0.012 Y 
3  1 "O3'" A DG 4  ? ? "C3'" A DG 4  ? ? 1.363 1.419 -0.056 0.006 N 
4  1 C5    A DG 4  ? ? N7    A DG 4  ? ? 1.434 1.388 0.046  0.006 N 
5  1 N7    A DG 4  ? ? C8    A DG 4  ? ? 1.352 1.305 0.047  0.006 N 
6  1 "C2'" A DA 5  ? ? "C1'" A DA 5  ? ? 1.590 1.519 0.071  0.010 N 
7  1 C8    A DA 6  ? ? N9    A DA 6  ? ? 1.310 1.373 -0.063 0.008 N 
8  1 N9    A DA 6  ? ? C4    A DA 6  ? ? 1.417 1.374 0.043  0.006 N 
9  1 "C2'" A DT 7  ? ? "C1'" A DT 7  ? ? 1.438 1.518 -0.080 0.010 N 
10 1 C5    A DT 7  ? ? C6    A DT 7  ? ? 1.388 1.339 0.049  0.007 N 
11 1 "C2'" A DT 8  ? ? "C1'" A DT 8  ? ? 1.434 1.518 -0.084 0.010 N 
12 1 "O4'" A DT 8  ? ? "C1'" A DT 8  ? ? 1.523 1.420 0.103  0.011 N 
13 1 N3    A DC 11 ? ? C4    A DC 11 ? ? 1.379 1.335 0.044  0.007 N 
14 1 "O4'" B DC 13 ? ? "C1'" B DC 13 ? ? 1.495 1.420 0.075  0.011 N 
15 1 "O4'" B DG 14 ? ? "C4'" B DG 14 ? ? 1.375 1.446 -0.071 0.010 N 
16 1 C8    B DG 14 ? ? N9    B DG 14 ? ? 1.325 1.374 -0.049 0.007 N 
17 1 "C5'" B DC 15 ? ? "C4'" B DC 15 ? ? 1.562 1.512 0.050  0.007 N 
18 1 "C2'" B DC 15 ? ? "C1'" B DC 15 ? ? 1.457 1.518 -0.061 0.010 N 
19 1 N7    B DG 16 ? ? C8    B DG 16 ? ? 1.348 1.305 0.043  0.006 N 
20 1 C8    B DG 16 ? ? N9    B DG 16 ? ? 1.306 1.374 -0.068 0.007 N 
21 1 "C5'" B DA 17 ? ? "C4'" B DA 17 ? ? 1.434 1.509 -0.075 0.011 N 
22 1 "C2'" B DA 17 ? ? "C1'" B DA 17 ? ? 1.582 1.519 0.063  0.010 N 
23 1 "O3'" B DA 17 ? ? "C3'" B DA 17 ? ? 1.368 1.419 -0.051 0.006 N 
24 1 N3    B DA 17 ? ? C4    B DA 17 ? ? 1.307 1.344 -0.037 0.006 N 
25 1 N7    B DG 22 ? ? C8    B DG 22 ? ? 1.350 1.305 0.045  0.006 N 
26 1 "O4'" B DG 24 ? ? "C1'" B DG 24 ? ? 1.493 1.420 0.073  0.011 N 
# 
loop_
_pdbx_validate_rmsd_angle.id 
_pdbx_validate_rmsd_angle.PDB_model_num 
_pdbx_validate_rmsd_angle.auth_atom_id_1 
_pdbx_validate_rmsd_angle.auth_asym_id_1 
_pdbx_validate_rmsd_angle.auth_comp_id_1 
_pdbx_validate_rmsd_angle.auth_seq_id_1 
_pdbx_validate_rmsd_angle.PDB_ins_code_1 
_pdbx_validate_rmsd_angle.label_alt_id_1 
_pdbx_validate_rmsd_angle.auth_atom_id_2 
_pdbx_validate_rmsd_angle.auth_asym_id_2 
_pdbx_validate_rmsd_angle.auth_comp_id_2 
_pdbx_validate_rmsd_angle.auth_seq_id_2 
_pdbx_validate_rmsd_angle.PDB_ins_code_2 
_pdbx_validate_rmsd_angle.label_alt_id_2 
_pdbx_validate_rmsd_angle.auth_atom_id_3 
_pdbx_validate_rmsd_angle.auth_asym_id_3 
_pdbx_validate_rmsd_angle.auth_comp_id_3 
_pdbx_validate_rmsd_angle.auth_seq_id_3 
_pdbx_validate_rmsd_angle.PDB_ins_code_3 
_pdbx_validate_rmsd_angle.label_alt_id_3 
_pdbx_validate_rmsd_angle.angle_value 
_pdbx_validate_rmsd_angle.angle_target_value 
_pdbx_validate_rmsd_angle.angle_deviation 
_pdbx_validate_rmsd_angle.angle_standard_deviation 
_pdbx_validate_rmsd_angle.linker_flag 
1   1 "O5'" A DC  1  ? ? "C5'" A DC  1  ? ? "C4'" A DC  1  ? ? 100.19 109.40 -9.21  0.80 N 
2   1 "C3'" A DC  1  ? ? "C2'" A DC  1  ? ? "C1'" A DC  1  ? ? 94.02  102.40 -8.38  0.80 N 
3   1 "O4'" A DC  1  ? ? "C1'" A DC  1  ? ? N1    A DC  1  ? ? 113.76 108.30 5.46   0.30 N 
4   1 N3    A DC  1  ? ? C4    A DC  1  ? ? N4    A DC  1  ? ? 124.94 118.00 6.94   0.70 N 
5   1 C5    A DC  1  ? ? C4    A DC  1  ? ? N4    A DC  1  ? ? 115.18 120.20 -5.02  0.70 N 
6   1 OP1   A DG  2  ? ? P     A DG  2  ? ? OP2   A DG  2  ? ? 109.08 119.60 -10.52 1.50 N 
7   1 "O5'" A DG  2  ? ? P     A DG  2  ? ? OP2   A DG  2  ? ? 118.24 110.70 7.54   1.20 N 
8   1 "O5'" A DG  2  ? ? "C5'" A DG  2  ? ? "C4'" A DG  2  ? ? 91.12  109.40 -18.28 0.80 N 
9   1 N9    A DG  2  ? ? C4    A DG  2  ? ? C5    A DG  2  ? ? 107.83 105.40 2.43   0.40 N 
10  1 N1    A DG  2  ? ? C2    A DG  2  ? ? N2    A DG  2  ? ? 124.99 116.20 8.79   0.90 N 
11  1 N3    A DG  2  ? ? C2    A DG  2  ? ? N2    A DG  2  ? ? 110.13 119.90 -9.77  0.70 N 
12  1 N1    A DG  2  ? ? C6    A DG  2  ? ? O6    A DG  2  ? ? 125.68 119.90 5.78   0.60 N 
13  1 C5    A DG  2  ? ? C6    A DG  2  ? ? O6    A DG  2  ? ? 121.25 128.60 -7.35  0.60 N 
14  1 "C3'" A DG  2  ? ? "O3'" A DG  2  ? ? P     A DC  3  ? ? 129.08 119.70 9.38   1.20 Y 
15  1 P     A DC  3  ? ? "O5'" A DC  3  ? ? "C5'" A DC  3  ? ? 138.26 120.90 17.36  1.60 N 
16  1 "O4'" A DC  3  ? ? "C4'" A DC  3  ? ? "C3'" A DC  3  ? ? 98.01  104.50 -6.49  0.40 N 
17  1 "C3'" A DC  3  ? ? "O3'" A DC  3  ? ? P     A DG  4  ? ? 132.00 119.70 12.30  1.20 Y 
18  1 "O5'" A DG  4  ? ? "C5'" A DG  4  ? ? "C4'" A DG  4  ? ? 97.14  109.40 -12.26 0.80 N 
19  1 "O4'" A DG  4  ? ? "C4'" A DG  4  ? ? "C3'" A DG  4  ? ? 101.17 104.50 -3.33  0.40 N 
20  1 "C3'" A DG  4  ? ? "C2'" A DG  4  ? ? "C1'" A DG  4  ? ? 96.64  102.40 -5.76  0.80 N 
21  1 "O4'" A DG  4  ? ? "C1'" A DG  4  ? ? N9    A DG  4  ? ? 114.53 108.30 6.23   0.30 N 
22  1 N1    A DG  4  ? ? C2    A DG  4  ? ? N2    A DG  4  ? ? 107.43 116.20 -8.77  0.90 N 
23  1 N3    A DG  4  ? ? C2    A DG  4  ? ? N2    A DG  4  ? ? 126.25 119.90 6.35   0.70 N 
24  1 N1    A DG  4  ? ? C6    A DG  4  ? ? O6    A DG  4  ? ? 115.62 119.90 -4.28  0.60 N 
25  1 "C3'" A DG  4  ? ? "O3'" A DG  4  ? ? P     A DA  5  ? ? 146.45 119.70 26.75  1.20 Y 
26  1 "O5'" A DA  5  ? ? "C5'" A DA  5  ? ? "C4'" A DA  5  ? ? 104.01 109.40 -5.39  0.80 N 
27  1 N9    A DA  5  ? ? "C1'" A DA  5  ? ? "C2'" A DA  5  ? ? 100.31 112.60 -12.29 1.90 N 
28  1 "O4'" A DA  5  ? ? "C1'" A DA  5  ? ? N9    A DA  5  ? ? 125.21 108.30 16.91  0.30 N 
29  1 C6    A DA  5  ? ? N1    A DA  5  ? ? C2    A DA  5  ? ? 122.92 118.60 4.32   0.60 N 
30  1 N1    A DA  5  ? ? C2    A DA  5  ? ? N3    A DA  5  ? ? 125.54 129.30 -3.76  0.50 N 
31  1 "C3'" A DA  5  ? ? "O3'" A DA  5  ? ? P     A DA  6  ? ? 153.33 119.70 33.63  1.20 Y 
32  1 OP1   A DA  6  ? ? P     A DA  6  ? ? OP2   A DA  6  ? ? 138.58 119.60 18.98  1.50 N 
33  1 "O5'" A DA  6  ? ? P     A DA  6  ? ? OP1   A DA  6  ? ? 90.42  105.70 -15.28 0.90 N 
34  1 "O5'" A DA  6  ? ? "C5'" A DA  6  ? ? "C4'" A DA  6  ? ? 103.26 109.40 -6.14  0.80 N 
35  1 "C3'" A DA  6  ? ? "C2'" A DA  6  ? ? "C1'" A DA  6  ? ? 96.67  102.40 -5.73  0.80 N 
36  1 "O4'" A DA  6  ? ? "C1'" A DA  6  ? ? N9    A DA  6  ? ? 112.45 108.30 4.15   0.30 N 
37  1 C6    A DA  6  ? ? N1    A DA  6  ? ? C2    A DA  6  ? ? 123.46 118.60 4.86   0.60 N 
38  1 N1    A DA  6  ? ? C2    A DA  6  ? ? N3    A DA  6  ? ? 124.82 129.30 -4.48  0.50 N 
39  1 N1    A DA  6  ? ? C6    A DA  6  ? ? N6    A DA  6  ? ? 122.38 118.60 3.78   0.60 N 
40  1 "O5'" A DT  7  ? ? P     A DT  7  ? ? OP2   A DT  7  ? ? 118.33 110.70 7.63   1.20 N 
41  1 "C1'" A DT  7  ? ? "O4'" A DT  7  ? ? "C4'" A DT  7  ? ? 102.29 110.10 -7.81  1.00 N 
42  1 "O4'" A DT  7  ? ? "C1'" A DT  7  ? ? "C2'" A DT  7  ? ? 111.41 106.80 4.61   0.50 N 
43  1 "O4'" A DT  7  ? ? "C1'" A DT  7  ? ? N1    A DT  7  ? ? 102.63 108.00 -5.37  0.70 N 
44  1 C2    A DT  7  ? ? N3    A DT  7  ? ? C4    A DT  7  ? ? 122.52 127.20 -4.68  0.60 N 
45  1 C5    A DT  7  ? ? C6    A DT  7  ? ? N1    A DT  7  ? ? 118.45 123.70 -5.25  0.60 N 
46  1 N1    A DT  7  ? ? C2    A DT  7  ? ? O2    A DT  7  ? ? 116.96 123.10 -6.14  0.80 N 
47  1 N3    A DT  7  ? ? C2    A DT  7  ? ? O2    A DT  7  ? ? 126.62 122.30 4.32   0.60 N 
48  1 C4    A DT  7  ? ? C5    A DT  7  ? ? C7    A DT  7  ? ? 122.81 119.00 3.81   0.60 N 
49  1 C6    A DT  7  ? ? C5    A DT  7  ? ? C7    A DT  7  ? ? 117.36 122.90 -5.54  0.60 N 
50  1 "C3'" A DT  7  ? ? "O3'" A DT  7  ? ? P     A DT  8  ? ? 138.02 119.70 18.32  1.20 Y 
51  1 OP1   A DT  8  ? ? P     A DT  8  ? ? OP2   A DT  8  ? ? 110.47 119.60 -9.13  1.50 N 
52  1 "O4'" A DT  8  ? ? "C4'" A DT  8  ? ? "C3'" A DT  8  ? ? 101.67 104.50 -2.83  0.40 N 
53  1 "C1'" A DT  8  ? ? "O4'" A DT  8  ? ? "C4'" A DT  8  ? ? 99.75  110.10 -10.35 1.00 N 
54  1 "O4'" A DT  8  ? ? "C1'" A DT  8  ? ? "C2'" A DT  8  ? ? 92.61  105.90 -13.29 0.80 N 
55  1 N1    A DT  8  ? ? "C1'" A DT  8  ? ? "C2'" A DT  8  ? ? 122.97 114.30 8.67   1.40 N 
56  1 "O4'" A DT  8  ? ? "C1'" A DT  8  ? ? N1    A DT  8  ? ? 102.60 108.00 -5.40  0.70 N 
57  1 N1    A DT  8  ? ? C2    A DT  8  ? ? N3    A DT  8  ? ? 119.02 114.60 4.42   0.60 N 
58  1 C2    A DT  8  ? ? N3    A DT  8  ? ? C4    A DT  8  ? ? 121.31 127.20 -5.89  0.60 N 
59  1 N3    A DT  8  ? ? C4    A DT  8  ? ? C5    A DT  8  ? ? 118.86 115.20 3.66   0.60 N 
60  1 C5    A DT  8  ? ? C6    A DT  8  ? ? N1    A DT  8  ? ? 119.62 123.70 -4.08  0.60 N 
61  1 N1    A DT  8  ? ? C2    A DT  8  ? ? O2    A DT  8  ? ? 117.25 123.10 -5.85  0.80 N 
62  1 C4    A DT  8  ? ? C5    A DT  8  ? ? C7    A DT  8  ? ? 126.58 119.00 7.58   0.60 N 
63  1 C6    A DT  8  ? ? C5    A DT  8  ? ? C7    A DT  8  ? ? 112.54 122.90 -10.36 0.60 N 
64  1 OP1   A DG  10 ? ? P     A DG  10 ? ? OP2   A DG  10 ? ? 101.43 119.60 -18.17 1.50 N 
65  1 "O4'" A DG  10 ? ? "C4'" A DG  10 ? ? "C3'" A DG  10 ? ? 100.63 104.50 -3.87  0.40 N 
66  1 "C3'" A DG  10 ? ? "C2'" A DG  10 ? ? "C1'" A DG  10 ? ? 97.49  102.40 -4.91  0.80 N 
67  1 "O4'" A DG  10 ? ? "C1'" A DG  10 ? ? N9    A DG  10 ? ? 124.53 108.30 16.23  0.30 N 
68  1 C2    A DG  10 ? ? N3    A DG  10 ? ? C4    A DG  10 ? ? 115.35 111.90 3.45   0.50 N 
69  1 "C3'" A DG  10 ? ? "O3'" A DG  10 ? ? P     A DC  11 ? ? 128.55 119.70 8.85   1.20 Y 
70  1 OP1   A DC  11 ? ? P     A DC  11 ? ? OP2   A DC  11 ? ? 107.00 119.60 -12.60 1.50 N 
71  1 "O5'" A DC  11 ? ? P     A DC  11 ? ? OP2   A DC  11 ? ? 121.37 110.70 10.67  1.20 N 
72  1 P     A DC  11 ? ? "O5'" A DC  11 ? ? "C5'" A DC  11 ? ? 141.32 120.90 20.42  1.60 N 
73  1 "O4'" A DC  11 ? ? "C1'" A DC  11 ? ? N1    A DC  11 ? ? 114.11 108.30 5.81   0.30 N 
74  1 N3    A DC  11 ? ? C4    A DC  11 ? ? C5    A DC  11 ? ? 119.02 121.90 -2.88  0.40 N 
75  1 N1    A DC  11 ? ? C2    A DC  11 ? ? O2    A DC  11 ? ? 114.24 118.90 -4.66  0.60 N 
76  1 N3    A DC  11 ? ? C2    A DC  11 ? ? O2    A DC  11 ? ? 126.22 121.90 4.32   0.70 N 
77  1 N3    A DC  11 ? ? C4    A DC  11 ? ? N4    A DC  11 ? ? 126.79 118.00 8.79   0.70 N 
78  1 C5    A DC  11 ? ? C4    A DC  11 ? ? N4    A DC  11 ? ? 114.19 120.20 -6.01  0.70 N 
79  1 "C3'" A DC  11 ? ? "O3'" A DC  11 ? ? P     A DG  12 ? ? 137.38 119.70 17.68  1.20 Y 
80  1 OP1   A DG  12 ? ? P     A DG  12 ? ? OP2   A DG  12 ? ? 105.91 119.60 -13.69 1.50 N 
81  1 "O5'" A DG  12 ? ? P     A DG  12 ? ? OP2   A DG  12 ? ? 119.65 110.70 8.95   1.20 N 
82  1 P     A DG  12 ? ? "O5'" A DG  12 ? ? "C5'" A DG  12 ? ? 140.65 120.90 19.75  1.60 N 
83  1 "O4'" A DG  12 ? ? "C4'" A DG  12 ? ? "C3'" A DG  12 ? ? 101.25 104.50 -3.25  0.40 N 
84  1 "C4'" A DG  12 ? ? "C3'" A DG  12 ? ? "C2'" A DG  12 ? ? 112.21 103.10 9.11   0.90 N 
85  1 "O4'" A DG  12 ? ? "C1'" A DG  12 ? ? N9    A DG  12 ? ? 111.75 108.30 3.45   0.30 N 
86  1 "O4'" B DC  13 ? ? "C4'" B DC  13 ? ? "C3'" B DC  13 ? ? 94.63  104.50 -9.87  0.40 N 
87  1 "C5'" B DC  13 ? ? "C4'" B DC  13 ? ? "O4'" B DC  13 ? ? 119.88 109.80 10.08  1.10 N 
88  1 "C4'" B DC  13 ? ? "C3'" B DC  13 ? ? "C2'" B DC  13 ? ? 94.37  102.20 -7.83  0.70 N 
89  1 "C3'" B DC  13 ? ? "C2'" B DC  13 ? ? "C1'" B DC  13 ? ? 96.79  102.40 -5.61  0.80 N 
90  1 "O4'" B DC  13 ? ? "C1'" B DC  13 ? ? N1    B DC  13 ? ? 113.08 108.30 4.78   0.30 N 
91  1 C2    B DC  13 ? ? N3    B DC  13 ? ? C4    B DC  13 ? ? 125.47 119.90 5.57   0.50 N 
92  1 N3    B DC  13 ? ? C4    B DC  13 ? ? C5    B DC  13 ? ? 117.88 121.90 -4.02  0.40 N 
93  1 N3    B DC  13 ? ? C4    B DC  13 ? ? N4    B DC  13 ? ? 122.67 118.00 4.67   0.70 N 
94  1 "O3'" B DC  13 ? ? P     B DG  14 ? ? OP2   B DG  14 ? ? 119.49 110.50 8.99   1.10 Y 
95  1 OP1   B DG  14 ? ? P     B DG  14 ? ? OP2   B DG  14 ? ? 108.64 119.60 -10.96 1.50 N 
96  1 "O5'" B DG  14 ? ? "C5'" B DG  14 ? ? "C4'" B DG  14 ? ? 99.26  109.40 -10.14 0.80 N 
97  1 "O4'" B DG  14 ? ? "C4'" B DG  14 ? ? "C3'" B DG  14 ? ? 110.60 106.00 4.60   0.60 N 
98  1 C6    B DG  14 ? ? N1    B DG  14 ? ? C2    B DG  14 ? ? 118.58 125.10 -6.52  0.60 N 
99  1 N1    B DG  14 ? ? C2    B DG  14 ? ? N3    B DG  14 ? ? 127.93 123.90 4.03   0.60 N 
100 1 N3    B DG  14 ? ? C4    B DG  14 ? ? C5    B DG  14 ? ? 125.46 128.60 -3.14  0.50 N 
101 1 C5    B DG  14 ? ? C6    B DG  14 ? ? N1    B DG  14 ? ? 115.66 111.50 4.16   0.50 N 
102 1 C4    B DG  14 ? ? C5    B DG  14 ? ? N7    B DG  14 ? ? 107.53 110.80 -3.27  0.40 N 
103 1 N9    B DG  14 ? ? C4    B DG  14 ? ? C5    B DG  14 ? ? 107.86 105.40 2.46   0.40 N 
104 1 N3    B DG  14 ? ? C2    B DG  14 ? ? N2    B DG  14 ? ? 110.95 119.90 -8.95  0.70 N 
105 1 C5    B DG  14 ? ? C6    B DG  14 ? ? O6    B DG  14 ? ? 124.73 128.60 -3.87  0.60 N 
106 1 "C3'" B DG  14 ? ? "O3'" B DG  14 ? ? P     B DC  15 ? ? 140.39 119.70 20.69  1.20 Y 
107 1 "O5'" B DC  15 ? ? "C5'" B DC  15 ? ? "C4'" B DC  15 ? ? 97.48  109.40 -11.92 0.80 N 
108 1 P     B DC  15 ? ? "O5'" B DC  15 ? ? "C5'" B DC  15 ? ? 136.11 120.90 15.21  1.60 N 
109 1 "O4'" B DC  15 ? ? "C1'" B DC  15 ? ? "C2'" B DC  15 ? ? 110.40 106.80 3.60   0.50 N 
110 1 "O4'" B DC  15 ? ? "C1'" B DC  15 ? ? N1    B DC  15 ? ? 99.55  108.00 -8.45  0.70 N 
111 1 "C3'" B DC  15 ? ? "O3'" B DC  15 ? ? P     B DG  16 ? ? 110.84 119.70 -8.86  1.20 Y 
112 1 P     B DG  16 ? ? "O5'" B DG  16 ? ? "C5'" B DG  16 ? ? 110.51 120.90 -10.39 1.60 N 
113 1 "O4'" B DG  16 ? ? "C1'" B DG  16 ? ? N9    B DG  16 ? ? 114.37 108.30 6.07   0.30 N 
114 1 C6    B DG  16 ? ? N1    B DG  16 ? ? C2    B DG  16 ? ? 118.25 125.10 -6.85  0.60 N 
115 1 N3    B DG  16 ? ? C4    B DG  16 ? ? C5    B DG  16 ? ? 125.48 128.60 -3.12  0.50 N 
116 1 C5    B DG  16 ? ? C6    B DG  16 ? ? N1    B DG  16 ? ? 118.22 111.50 6.72   0.50 N 
117 1 N1    B DG  16 ? ? C6    B DG  16 ? ? O6    B DG  16 ? ? 113.27 119.90 -6.63  0.60 N 
118 1 OP1   B DA  17 ? ? P     B DA  17 ? ? OP2   B DA  17 ? ? 109.84 119.60 -9.76  1.50 N 
119 1 "O5'" B DA  17 ? ? P     B DA  17 ? ? OP2   B DA  17 ? ? 121.17 110.70 10.47  1.20 N 
120 1 "C5'" B DA  17 ? ? "C4'" B DA  17 ? ? "O4'" B DA  17 ? ? 117.72 109.80 7.92   1.10 N 
121 1 "C4'" B DA  17 ? ? "C3'" B DA  17 ? ? "C2'" B DA  17 ? ? 96.94  102.20 -5.26  0.70 N 
122 1 "O4'" B DA  17 ? ? "C1'" B DA  17 ? ? "C2'" B DA  17 ? ? 99.06  105.90 -6.84  0.80 N 
123 1 N9    B DA  17 ? ? "C1'" B DA  17 ? ? "C2'" B DA  17 ? ? 99.92  112.60 -12.68 1.90 N 
124 1 "O4'" B DA  17 ? ? "C1'" B DA  17 ? ? N9    B DA  17 ? ? 127.01 108.30 18.71  0.30 N 
125 1 N7    B DA  17 ? ? C8    B DA  17 ? ? N9    B DA  17 ? ? 110.57 113.80 -3.23  0.50 N 
126 1 N9    B DA  17 ? ? C4    B DA  17 ? ? C5    B DA  17 ? ? 109.29 105.80 3.49   0.40 N 
127 1 "C3'" B DA  17 ? ? "O3'" B DA  17 ? ? P     B DA  18 ? ? 150.62 119.70 30.92  1.20 Y 
128 1 "O5'" B DA  18 ? ? "C5'" B DA  18 ? ? "C4'" B DA  18 ? ? 102.41 109.40 -6.99  0.80 N 
129 1 "O4'" B DA  18 ? ? "C1'" B DA  18 ? ? N9    B DA  18 ? ? 98.44  108.00 -9.56  0.70 N 
130 1 C6    B DA  18 ? ? N1    B DA  18 ? ? C2    B DA  18 ? ? 122.94 118.60 4.34   0.60 N 
131 1 N1    B DA  18 ? ? C2    B DA  18 ? ? N3    B DA  18 ? ? 124.59 129.30 -4.71  0.50 N 
132 1 P     B DT  19 ? ? "O5'" B DT  19 ? ? "C5'" B DT  19 ? ? 133.50 120.90 12.60  1.60 N 
133 1 "O4'" B DT  19 ? ? "C1'" B DT  19 ? ? "C2'" B DT  19 ? ? 95.27  105.90 -10.63 0.80 N 
134 1 "O4'" B DT  19 ? ? "C1'" B DT  19 ? ? N1    B DT  19 ? ? 115.56 108.30 7.26   0.30 N 
135 1 C2    B DT  19 ? ? N3    B DT  19 ? ? C4    B DT  19 ? ? 123.15 127.20 -4.05  0.60 N 
136 1 N3    B DT  19 ? ? C4    B DT  19 ? ? C5    B DT  19 ? ? 119.46 115.20 4.26   0.60 N 
137 1 N1    B DT  19 ? ? C2    B DT  19 ? ? O2    B DT  19 ? ? 118.07 123.10 -5.03  0.80 N 
138 1 N3    B DT  19 ? ? C4    B DT  19 ? ? O4    B DT  19 ? ? 123.82 119.90 3.92   0.60 N 
139 1 C5    B DT  19 ? ? C4    B DT  19 ? ? O4    B DT  19 ? ? 116.65 124.90 -8.25  0.70 N 
140 1 "C3'" B DT  19 ? ? "O3'" B DT  19 ? ? P     B DT  20 ? ? 133.75 119.70 14.05  1.20 Y 
141 1 P     B DT  20 ? ? "O5'" B DT  20 ? ? "C5'" B DT  20 ? ? 104.64 120.90 -16.26 1.60 N 
142 1 "C1'" B DT  20 ? ? "O4'" B DT  20 ? ? "C4'" B DT  20 ? ? 102.27 110.10 -7.83  1.00 N 
143 1 "O4'" B DT  20 ? ? "C1'" B DT  20 ? ? N1    B DT  20 ? ? 94.22  108.00 -13.78 0.70 N 
144 1 N1    B DT  20 ? ? C2    B DT  20 ? ? N3    B DT  20 ? ? 119.07 114.60 4.47   0.60 N 
145 1 C2    B DT  20 ? ? N3    B DT  20 ? ? C4    B DT  20 ? ? 122.08 127.20 -5.12  0.60 N 
146 1 N3    B DT  20 ? ? C2    B DT  20 ? ? O2    B DT  20 ? ? 118.25 122.30 -4.05  0.60 N 
147 1 N3    B DT  20 ? ? C4    B DT  20 ? ? O4    B DT  20 ? ? 113.07 119.90 -6.83  0.60 N 
148 1 C6    B DT  20 ? ? C5    B DT  20 ? ? C7    B DT  20 ? ? 118.99 122.90 -3.91  0.60 N 
149 1 "C3'" B DT  20 ? ? "O3'" B DT  20 ? ? P     B 5CM 21 ? ? 111.20 119.70 -8.50  1.20 Y 
150 1 "O3'" B DT  20 ? ? P     B 5CM 21 ? ? OP1   B 5CM 21 ? ? 117.12 110.50 6.62   1.10 Y 
151 1 "C3'" B 5CM 21 ? ? "O3'" B 5CM 21 ? ? P     B DG  22 ? ? 132.55 119.70 12.85  1.20 Y 
152 1 "O5'" B DG  22 ? ? "C5'" B DG  22 ? ? "C4'" B DG  22 ? ? 102.24 109.40 -7.16  0.80 N 
153 1 "C3'" B DG  22 ? ? "C2'" B DG  22 ? ? "C1'" B DG  22 ? ? 95.45  102.40 -6.95  0.80 N 
154 1 "O4'" B DG  22 ? ? "C1'" B DG  22 ? ? N9    B DG  22 ? ? 114.90 108.30 6.60   0.30 N 
155 1 C6    B DG  22 ? ? N1    B DG  22 ? ? C2    B DG  22 ? ? 120.54 125.10 -4.56  0.60 N 
156 1 C5    B DG  22 ? ? C6    B DG  22 ? ? N1    B DG  22 ? ? 114.82 111.50 3.32   0.50 N 
157 1 C5    B DG  22 ? ? C6    B DG  22 ? ? O6    B DG  22 ? ? 124.44 128.60 -4.16  0.60 N 
158 1 "C3'" B DG  22 ? ? "O3'" B DG  22 ? ? P     B DC  23 ? ? 128.47 119.70 8.77   1.20 Y 
159 1 "O3'" B DG  22 ? ? P     B DC  23 ? ? "O5'" B DC  23 ? ? 115.76 104.00 11.76  1.90 Y 
160 1 OP1   B DC  23 ? ? P     B DC  23 ? ? OP2   B DC  23 ? ? 135.48 119.60 15.88  1.50 N 
161 1 "O5'" B DC  23 ? ? "C5'" B DC  23 ? ? "C4'" B DC  23 ? ? 103.88 109.40 -5.52  0.80 N 
162 1 P     B DC  23 ? ? "O5'" B DC  23 ? ? "C5'" B DC  23 ? ? 104.07 120.90 -16.83 1.60 N 
163 1 N3    B DC  23 ? ? C4    B DC  23 ? ? C5    B DC  23 ? ? 119.43 121.90 -2.47  0.40 N 
164 1 N1    B DC  23 ? ? C2    B DC  23 ? ? O2    B DC  23 ? ? 122.89 118.90 3.99   0.60 N 
165 1 "C3'" B DC  23 ? ? "O3'" B DC  23 ? ? P     B DG  24 ? ? 128.57 119.70 8.87   1.20 Y 
166 1 OP1   B DG  24 ? ? P     B DG  24 ? ? OP2   B DG  24 ? ? 106.64 119.60 -12.96 1.50 N 
167 1 "O4'" B DG  24 ? ? "C4'" B DG  24 ? ? "C3'" B DG  24 ? ? 102.10 104.50 -2.40  0.40 N 
168 1 "O4'" B DG  24 ? ? "C1'" B DG  24 ? ? N9    B DG  24 ? ? 100.42 108.00 -7.58  0.70 N 
169 1 C6    B DG  24 ? ? N1    B DG  24 ? ? C2    B DG  24 ? ? 118.00 125.10 -7.10  0.60 N 
170 1 N1    B DG  24 ? ? C2    B DG  24 ? ? N3    B DG  24 ? ? 128.53 123.90 4.63   0.60 N 
171 1 C5    B DG  24 ? ? C6    B DG  24 ? ? N1    B DG  24 ? ? 115.60 111.50 4.10   0.50 N 
172 1 N9    B DG  24 ? ? C4    B DG  24 ? ? C5    B DG  24 ? ? 108.30 105.40 2.90   0.40 N 
173 1 N3    B DG  24 ? ? C2    B DG  24 ? ? N2    B DG  24 ? ? 111.58 119.90 -8.32  0.70 N 
174 1 C5    B DG  24 ? ? C6    B DG  24 ? ? O6    B DG  24 ? ? 123.95 128.60 -4.65  0.60 N 
# 
loop_
_pdbx_struct_mod_residue.id 
_pdbx_struct_mod_residue.label_asym_id 
_pdbx_struct_mod_residue.label_comp_id 
_pdbx_struct_mod_residue.label_seq_id 
_pdbx_struct_mod_residue.auth_asym_id 
_pdbx_struct_mod_residue.auth_comp_id 
_pdbx_struct_mod_residue.auth_seq_id 
_pdbx_struct_mod_residue.PDB_ins_code 
_pdbx_struct_mod_residue.parent_comp_id 
_pdbx_struct_mod_residue.details 
1 A 5CM 9 A 5CM 9  ? DC ? 
2 B 5CM 9 B 5CM 21 ? DC ? 
# 
_struct_site_keywords.site_id   1 
_struct_site_keywords.text      'MINOR GROOVE BINDER' 
# 
loop_
_chem_comp_atom.comp_id 
_chem_comp_atom.atom_id 
_chem_comp_atom.type_symbol 
_chem_comp_atom.pdbx_aromatic_flag 
_chem_comp_atom.pdbx_stereo_config 
_chem_comp_atom.pdbx_ordinal 
5CM N1     N  N N 1   
5CM C2     C  N N 2   
5CM N3     N  N N 3   
5CM C4     C  N N 4   
5CM C5     C  N N 5   
5CM C5A    C  N N 6   
5CM C6     C  N N 7   
5CM O2     O  N N 8   
5CM N4     N  N N 9   
5CM "C1'"  C  N R 10  
5CM "C2'"  C  N N 11  
5CM "C3'"  C  N S 12  
5CM "C4'"  C  N R 13  
5CM "O4'"  O  N N 14  
5CM "O3'"  O  N N 15  
5CM "C5'"  C  N N 16  
5CM "O5'"  O  N N 17  
5CM P      P  N N 18  
5CM OP1    O  N N 19  
5CM OP2    O  N N 20  
5CM OP3    O  N N 21  
5CM H5A1   H  N N 22  
5CM H5A2   H  N N 23  
5CM H5A3   H  N N 24  
5CM H6     H  N N 25  
5CM HN41   H  N N 26  
5CM HN42   H  N N 27  
5CM "H1'"  H  N N 28  
5CM "H2'"  H  N N 29  
5CM "H2''" H  N N 30  
5CM "H3'"  H  N N 31  
5CM "H4'"  H  N N 32  
5CM "HO3'" H  N N 33  
5CM "H5'"  H  N N 34  
5CM "H5''" H  N N 35  
5CM HOP2   H  N N 36  
5CM HOP3   H  N N 37  
DA  OP3    O  N N 38  
DA  P      P  N N 39  
DA  OP1    O  N N 40  
DA  OP2    O  N N 41  
DA  "O5'"  O  N N 42  
DA  "C5'"  C  N N 43  
DA  "C4'"  C  N R 44  
DA  "O4'"  O  N N 45  
DA  "C3'"  C  N S 46  
DA  "O3'"  O  N N 47  
DA  "C2'"  C  N N 48  
DA  "C1'"  C  N R 49  
DA  N9     N  Y N 50  
DA  C8     C  Y N 51  
DA  N7     N  Y N 52  
DA  C5     C  Y N 53  
DA  C6     C  Y N 54  
DA  N6     N  N N 55  
DA  N1     N  Y N 56  
DA  C2     C  Y N 57  
DA  N3     N  Y N 58  
DA  C4     C  Y N 59  
DA  HOP3   H  N N 60  
DA  HOP2   H  N N 61  
DA  "H5'"  H  N N 62  
DA  "H5''" H  N N 63  
DA  "H4'"  H  N N 64  
DA  "H3'"  H  N N 65  
DA  "HO3'" H  N N 66  
DA  "H2'"  H  N N 67  
DA  "H2''" H  N N 68  
DA  "H1'"  H  N N 69  
DA  H8     H  N N 70  
DA  H61    H  N N 71  
DA  H62    H  N N 72  
DA  H2     H  N N 73  
DC  OP3    O  N N 74  
DC  P      P  N N 75  
DC  OP1    O  N N 76  
DC  OP2    O  N N 77  
DC  "O5'"  O  N N 78  
DC  "C5'"  C  N N 79  
DC  "C4'"  C  N R 80  
DC  "O4'"  O  N N 81  
DC  "C3'"  C  N S 82  
DC  "O3'"  O  N N 83  
DC  "C2'"  C  N N 84  
DC  "C1'"  C  N R 85  
DC  N1     N  N N 86  
DC  C2     C  N N 87  
DC  O2     O  N N 88  
DC  N3     N  N N 89  
DC  C4     C  N N 90  
DC  N4     N  N N 91  
DC  C5     C  N N 92  
DC  C6     C  N N 93  
DC  HOP3   H  N N 94  
DC  HOP2   H  N N 95  
DC  "H5'"  H  N N 96  
DC  "H5''" H  N N 97  
DC  "H4'"  H  N N 98  
DC  "H3'"  H  N N 99  
DC  "HO3'" H  N N 100 
DC  "H2'"  H  N N 101 
DC  "H2''" H  N N 102 
DC  "H1'"  H  N N 103 
DC  H41    H  N N 104 
DC  H42    H  N N 105 
DC  H5     H  N N 106 
DC  H6     H  N N 107 
DG  OP3    O  N N 108 
DG  P      P  N N 109 
DG  OP1    O  N N 110 
DG  OP2    O  N N 111 
DG  "O5'"  O  N N 112 
DG  "C5'"  C  N N 113 
DG  "C4'"  C  N R 114 
DG  "O4'"  O  N N 115 
DG  "C3'"  C  N S 116 
DG  "O3'"  O  N N 117 
DG  "C2'"  C  N N 118 
DG  "C1'"  C  N R 119 
DG  N9     N  Y N 120 
DG  C8     C  Y N 121 
DG  N7     N  Y N 122 
DG  C5     C  Y N 123 
DG  C6     C  N N 124 
DG  O6     O  N N 125 
DG  N1     N  N N 126 
DG  C2     C  N N 127 
DG  N2     N  N N 128 
DG  N3     N  N N 129 
DG  C4     C  Y N 130 
DG  HOP3   H  N N 131 
DG  HOP2   H  N N 132 
DG  "H5'"  H  N N 133 
DG  "H5''" H  N N 134 
DG  "H4'"  H  N N 135 
DG  "H3'"  H  N N 136 
DG  "HO3'" H  N N 137 
DG  "H2'"  H  N N 138 
DG  "H2''" H  N N 139 
DG  "H1'"  H  N N 140 
DG  H8     H  N N 141 
DG  H1     H  N N 142 
DG  H21    H  N N 143 
DG  H22    H  N N 144 
DMY C1     C  N N 145 
DMY O1     O  N N 146 
DMY N1     N  N N 147 
DMY C2     C  Y N 148 
DMY C3     C  Y N 149 
DMY C4     C  Y N 150 
DMY N2     N  Y N 151 
DMY C5     C  Y N 152 
DMY C6     C  N N 153 
DMY C7     C  N N 154 
DMY O2     O  N N 155 
DMY N3     N  N N 156 
DMY C8     C  Y N 157 
DMY C9     C  Y N 158 
DMY C10    C  Y N 159 
DMY N4     N  Y N 160 
DMY C11    C  Y N 161 
DMY C12    C  N N 162 
DMY C13    C  N N 163 
DMY O3     O  N N 164 
DMY N5     N  N N 165 
DMY C14    C  Y N 166 
DMY C15    C  Y N 167 
DMY C16    C  Y N 168 
DMY N6     N  Y N 169 
DMY C17    C  Y N 170 
DMY C18    C  N N 171 
DMY C19    C  N N 172 
DMY O4     O  N N 173 
DMY N7     N  N N 174 
DMY C20    C  N N 175 
DMY C21    C  N N 176 
DMY C22    C  N N 177 
DMY N8     N  N N 178 
DMY N9     N  N N 179 
DMY H1     H  N N 180 
DMY HN1    H  N N 181 
DMY H3     H  N N 182 
DMY H5     H  N N 183 
DMY H61    H  N N 184 
DMY H62    H  N N 185 
DMY H63    H  N N 186 
DMY HN3    H  N N 187 
DMY H9     H  N N 188 
DMY H11    H  N N 189 
DMY H121   H  N N 190 
DMY H122   H  N N 191 
DMY H123   H  N N 192 
DMY HN5    H  N N 193 
DMY H15    H  N N 194 
DMY H17    H  N N 195 
DMY H181   H  N N 196 
DMY H182   H  N N 197 
DMY H183   H  N N 198 
DMY HN7    H  N N 199 
DMY H201   H  N N 200 
DMY H202   H  N N 201 
DMY H211   H  N N 202 
DMY H212   H  N N 203 
DMY HN8    H  N N 204 
DMY HN91   H  N N 205 
DMY HN92   H  N N 206 
DT  OP3    O  N N 207 
DT  P      P  N N 208 
DT  OP1    O  N N 209 
DT  OP2    O  N N 210 
DT  "O5'"  O  N N 211 
DT  "C5'"  C  N N 212 
DT  "C4'"  C  N R 213 
DT  "O4'"  O  N N 214 
DT  "C3'"  C  N S 215 
DT  "O3'"  O  N N 216 
DT  "C2'"  C  N N 217 
DT  "C1'"  C  N R 218 
DT  N1     N  N N 219 
DT  C2     C  N N 220 
DT  O2     O  N N 221 
DT  N3     N  N N 222 
DT  C4     C  N N 223 
DT  O4     O  N N 224 
DT  C5     C  N N 225 
DT  C7     C  N N 226 
DT  C6     C  N N 227 
DT  HOP3   H  N N 228 
DT  HOP2   H  N N 229 
DT  "H5'"  H  N N 230 
DT  "H5''" H  N N 231 
DT  "H4'"  H  N N 232 
DT  "H3'"  H  N N 233 
DT  "HO3'" H  N N 234 
DT  "H2'"  H  N N 235 
DT  "H2''" H  N N 236 
DT  "H1'"  H  N N 237 
DT  H3     H  N N 238 
DT  H71    H  N N 239 
DT  H72    H  N N 240 
DT  H73    H  N N 241 
DT  H6     H  N N 242 
HOH O      O  N N 243 
HOH H1     H  N N 244 
HOH H2     H  N N 245 
MG  MG     MG N N 246 
# 
loop_
_chem_comp_bond.comp_id 
_chem_comp_bond.atom_id_1 
_chem_comp_bond.atom_id_2 
_chem_comp_bond.value_order 
_chem_comp_bond.pdbx_aromatic_flag 
_chem_comp_bond.pdbx_stereo_config 
_chem_comp_bond.pdbx_ordinal 
5CM N1    C2     sing N N 1   
5CM N1    C6     sing N N 2   
5CM N1    "C1'"  sing N N 3   
5CM C2    N3     sing N N 4   
5CM C2    O2     doub N N 5   
5CM N3    C4     doub N N 6   
5CM C4    C5     sing N N 7   
5CM C4    N4     sing N N 8   
5CM C5    C5A    sing N N 9   
5CM C5    C6     doub N N 10  
5CM C5A   H5A1   sing N N 11  
5CM C5A   H5A2   sing N N 12  
5CM C5A   H5A3   sing N N 13  
5CM C6    H6     sing N N 14  
5CM N4    HN41   sing N N 15  
5CM N4    HN42   sing N N 16  
5CM "C1'" "C2'"  sing N N 17  
5CM "C1'" "O4'"  sing N N 18  
5CM "C1'" "H1'"  sing N N 19  
5CM "C2'" "C3'"  sing N N 20  
5CM "C2'" "H2'"  sing N N 21  
5CM "C2'" "H2''" sing N N 22  
5CM "C3'" "C4'"  sing N N 23  
5CM "C3'" "O3'"  sing N N 24  
5CM "C3'" "H3'"  sing N N 25  
5CM "C4'" "O4'"  sing N N 26  
5CM "C4'" "C5'"  sing N N 27  
5CM "C4'" "H4'"  sing N N 28  
5CM "O3'" "HO3'" sing N N 29  
5CM "C5'" "O5'"  sing N N 30  
5CM "C5'" "H5'"  sing N N 31  
5CM "C5'" "H5''" sing N N 32  
5CM "O5'" P      sing N N 33  
5CM P     OP1    doub N N 34  
5CM P     OP2    sing N N 35  
5CM P     OP3    sing N N 36  
5CM OP2   HOP2   sing N N 37  
5CM OP3   HOP3   sing N N 38  
DA  OP3   P      sing N N 39  
DA  OP3   HOP3   sing N N 40  
DA  P     OP1    doub N N 41  
DA  P     OP2    sing N N 42  
DA  P     "O5'"  sing N N 43  
DA  OP2   HOP2   sing N N 44  
DA  "O5'" "C5'"  sing N N 45  
DA  "C5'" "C4'"  sing N N 46  
DA  "C5'" "H5'"  sing N N 47  
DA  "C5'" "H5''" sing N N 48  
DA  "C4'" "O4'"  sing N N 49  
DA  "C4'" "C3'"  sing N N 50  
DA  "C4'" "H4'"  sing N N 51  
DA  "O4'" "C1'"  sing N N 52  
DA  "C3'" "O3'"  sing N N 53  
DA  "C3'" "C2'"  sing N N 54  
DA  "C3'" "H3'"  sing N N 55  
DA  "O3'" "HO3'" sing N N 56  
DA  "C2'" "C1'"  sing N N 57  
DA  "C2'" "H2'"  sing N N 58  
DA  "C2'" "H2''" sing N N 59  
DA  "C1'" N9     sing N N 60  
DA  "C1'" "H1'"  sing N N 61  
DA  N9    C8     sing Y N 62  
DA  N9    C4     sing Y N 63  
DA  C8    N7     doub Y N 64  
DA  C8    H8     sing N N 65  
DA  N7    C5     sing Y N 66  
DA  C5    C6     sing Y N 67  
DA  C5    C4     doub Y N 68  
DA  C6    N6     sing N N 69  
DA  C6    N1     doub Y N 70  
DA  N6    H61    sing N N 71  
DA  N6    H62    sing N N 72  
DA  N1    C2     sing Y N 73  
DA  C2    N3     doub Y N 74  
DA  C2    H2     sing N N 75  
DA  N3    C4     sing Y N 76  
DC  OP3   P      sing N N 77  
DC  OP3   HOP3   sing N N 78  
DC  P     OP1    doub N N 79  
DC  P     OP2    sing N N 80  
DC  P     "O5'"  sing N N 81  
DC  OP2   HOP2   sing N N 82  
DC  "O5'" "C5'"  sing N N 83  
DC  "C5'" "C4'"  sing N N 84  
DC  "C5'" "H5'"  sing N N 85  
DC  "C5'" "H5''" sing N N 86  
DC  "C4'" "O4'"  sing N N 87  
DC  "C4'" "C3'"  sing N N 88  
DC  "C4'" "H4'"  sing N N 89  
DC  "O4'" "C1'"  sing N N 90  
DC  "C3'" "O3'"  sing N N 91  
DC  "C3'" "C2'"  sing N N 92  
DC  "C3'" "H3'"  sing N N 93  
DC  "O3'" "HO3'" sing N N 94  
DC  "C2'" "C1'"  sing N N 95  
DC  "C2'" "H2'"  sing N N 96  
DC  "C2'" "H2''" sing N N 97  
DC  "C1'" N1     sing N N 98  
DC  "C1'" "H1'"  sing N N 99  
DC  N1    C2     sing N N 100 
DC  N1    C6     sing N N 101 
DC  C2    O2     doub N N 102 
DC  C2    N3     sing N N 103 
DC  N3    C4     doub N N 104 
DC  C4    N4     sing N N 105 
DC  C4    C5     sing N N 106 
DC  N4    H41    sing N N 107 
DC  N4    H42    sing N N 108 
DC  C5    C6     doub N N 109 
DC  C5    H5     sing N N 110 
DC  C6    H6     sing N N 111 
DG  OP3   P      sing N N 112 
DG  OP3   HOP3   sing N N 113 
DG  P     OP1    doub N N 114 
DG  P     OP2    sing N N 115 
DG  P     "O5'"  sing N N 116 
DG  OP2   HOP2   sing N N 117 
DG  "O5'" "C5'"  sing N N 118 
DG  "C5'" "C4'"  sing N N 119 
DG  "C5'" "H5'"  sing N N 120 
DG  "C5'" "H5''" sing N N 121 
DG  "C4'" "O4'"  sing N N 122 
DG  "C4'" "C3'"  sing N N 123 
DG  "C4'" "H4'"  sing N N 124 
DG  "O4'" "C1'"  sing N N 125 
DG  "C3'" "O3'"  sing N N 126 
DG  "C3'" "C2'"  sing N N 127 
DG  "C3'" "H3'"  sing N N 128 
DG  "O3'" "HO3'" sing N N 129 
DG  "C2'" "C1'"  sing N N 130 
DG  "C2'" "H2'"  sing N N 131 
DG  "C2'" "H2''" sing N N 132 
DG  "C1'" N9     sing N N 133 
DG  "C1'" "H1'"  sing N N 134 
DG  N9    C8     sing Y N 135 
DG  N9    C4     sing Y N 136 
DG  C8    N7     doub Y N 137 
DG  C8    H8     sing N N 138 
DG  N7    C5     sing Y N 139 
DG  C5    C6     sing N N 140 
DG  C5    C4     doub Y N 141 
DG  C6    O6     doub N N 142 
DG  C6    N1     sing N N 143 
DG  N1    C2     sing N N 144 
DG  N1    H1     sing N N 145 
DG  C2    N2     sing N N 146 
DG  C2    N3     doub N N 147 
DG  N2    H21    sing N N 148 
DG  N2    H22    sing N N 149 
DG  N3    C4     sing N N 150 
DMY C1    O1     doub N N 151 
DMY C1    N1     sing N N 152 
DMY C1    H1     sing N N 153 
DMY N1    C2     sing N N 154 
DMY N1    HN1    sing N N 155 
DMY C2    C3     sing Y N 156 
DMY C2    C5     doub Y N 157 
DMY C3    C4     doub Y N 158 
DMY C3    H3     sing N N 159 
DMY C4    N2     sing Y N 160 
DMY C4    C7     sing N N 161 
DMY N2    C5     sing Y N 162 
DMY N2    C6     sing N N 163 
DMY C5    H5     sing N N 164 
DMY C6    H61    sing N N 165 
DMY C6    H62    sing N N 166 
DMY C6    H63    sing N N 167 
DMY C7    O2     doub N N 168 
DMY C7    N3     sing N N 169 
DMY N3    C8     sing N N 170 
DMY N3    HN3    sing N N 171 
DMY C8    C9     sing Y N 172 
DMY C8    C11    doub Y N 173 
DMY C9    C10    doub Y N 174 
DMY C9    H9     sing N N 175 
DMY C10   N4     sing Y N 176 
DMY C10   C13    sing N N 177 
DMY N4    C11    sing Y N 178 
DMY N4    C12    sing N N 179 
DMY C11   H11    sing N N 180 
DMY C12   H121   sing N N 181 
DMY C12   H122   sing N N 182 
DMY C12   H123   sing N N 183 
DMY C13   O3     doub N N 184 
DMY C13   N5     sing N N 185 
DMY N5    C14    sing N N 186 
DMY N5    HN5    sing N N 187 
DMY C14   C15    sing Y N 188 
DMY C14   C17    doub Y N 189 
DMY C15   C16    doub Y N 190 
DMY C15   H15    sing N N 191 
DMY C16   N6     sing Y N 192 
DMY C16   C19    sing N N 193 
DMY N6    C17    sing Y N 194 
DMY N6    C18    sing N N 195 
DMY C17   H17    sing N N 196 
DMY C18   H181   sing N N 197 
DMY C18   H182   sing N N 198 
DMY C18   H183   sing N N 199 
DMY C19   O4     doub N N 200 
DMY C19   N7     sing N N 201 
DMY N7    C20    sing N N 202 
DMY N7    HN7    sing N N 203 
DMY C20   C21    sing N N 204 
DMY C20   H201   sing N N 205 
DMY C20   H202   sing N N 206 
DMY C21   C22    sing N N 207 
DMY C21   H211   sing N N 208 
DMY C21   H212   sing N N 209 
DMY C22   N8     doub N N 210 
DMY C22   N9     sing N N 211 
DMY N8    HN8    sing N N 212 
DMY N9    HN91   sing N N 213 
DMY N9    HN92   sing N N 214 
DT  OP3   P      sing N N 215 
DT  OP3   HOP3   sing N N 216 
DT  P     OP1    doub N N 217 
DT  P     OP2    sing N N 218 
DT  P     "O5'"  sing N N 219 
DT  OP2   HOP2   sing N N 220 
DT  "O5'" "C5'"  sing N N 221 
DT  "C5'" "C4'"  sing N N 222 
DT  "C5'" "H5'"  sing N N 223 
DT  "C5'" "H5''" sing N N 224 
DT  "C4'" "O4'"  sing N N 225 
DT  "C4'" "C3'"  sing N N 226 
DT  "C4'" "H4'"  sing N N 227 
DT  "O4'" "C1'"  sing N N 228 
DT  "C3'" "O3'"  sing N N 229 
DT  "C3'" "C2'"  sing N N 230 
DT  "C3'" "H3'"  sing N N 231 
DT  "O3'" "HO3'" sing N N 232 
DT  "C2'" "C1'"  sing N N 233 
DT  "C2'" "H2'"  sing N N 234 
DT  "C2'" "H2''" sing N N 235 
DT  "C1'" N1     sing N N 236 
DT  "C1'" "H1'"  sing N N 237 
DT  N1    C2     sing N N 238 
DT  N1    C6     sing N N 239 
DT  C2    O2     doub N N 240 
DT  C2    N3     sing N N 241 
DT  N3    C4     sing N N 242 
DT  N3    H3     sing N N 243 
DT  C4    O4     doub N N 244 
DT  C4    C5     sing N N 245 
DT  C5    C7     sing N N 246 
DT  C5    C6     doub N N 247 
DT  C7    H71    sing N N 248 
DT  C7    H72    sing N N 249 
DT  C7    H73    sing N N 250 
DT  C6    H6     sing N N 251 
HOH O     H1     sing N N 252 
HOH O     H2     sing N N 253 
# 
loop_
_ndb_struct_conf_na.entry_id 
_ndb_struct_conf_na.feature 
267D 'double helix'        
267D 'b-form double helix' 
# 
loop_
_ndb_struct_na_base_pair.model_number 
_ndb_struct_na_base_pair.i_label_asym_id 
_ndb_struct_na_base_pair.i_label_comp_id 
_ndb_struct_na_base_pair.i_label_seq_id 
_ndb_struct_na_base_pair.i_symmetry 
_ndb_struct_na_base_pair.j_label_asym_id 
_ndb_struct_na_base_pair.j_label_comp_id 
_ndb_struct_na_base_pair.j_label_seq_id 
_ndb_struct_na_base_pair.j_symmetry 
_ndb_struct_na_base_pair.shear 
_ndb_struct_na_base_pair.stretch 
_ndb_struct_na_base_pair.stagger 
_ndb_struct_na_base_pair.buckle 
_ndb_struct_na_base_pair.propeller 
_ndb_struct_na_base_pair.opening 
_ndb_struct_na_base_pair.pair_number 
_ndb_struct_na_base_pair.pair_name 
_ndb_struct_na_base_pair.i_auth_asym_id 
_ndb_struct_na_base_pair.i_auth_seq_id 
_ndb_struct_na_base_pair.i_PDB_ins_code 
_ndb_struct_na_base_pair.j_auth_asym_id 
_ndb_struct_na_base_pair.j_auth_seq_id 
_ndb_struct_na_base_pair.j_PDB_ins_code 
_ndb_struct_na_base_pair.hbond_type_28 
_ndb_struct_na_base_pair.hbond_type_12 
1 A DC  1  1_555 B DG  12 1_555 -0.502 -0.150 0.065  3.322  -19.724 1.068   1  A_DC1:DG24_B  A 1  ? B 24 ? 19 1 
1 A DG  2  1_555 B DC  11 1_555 -0.250 -0.746 0.516  -2.428 -14.051 -1.234  2  A_DG2:DC23_B  A 2  ? B 23 ? 19 1 
1 A DC  3  1_555 B DG  10 1_555 -0.359 -0.415 0.042  -3.047 0.190   -0.525  3  A_DC3:DG22_B  A 3  ? B 22 ? 19 1 
1 A DG  4  1_555 B 5CM 9  1_555 -0.278 -0.345 -0.095 8.920  -10.287 -3.660  4  A_DG4:5CM21_B A 4  ? B 21 ? 19 1 
1 A DA  5  1_555 B DT  8  1_555 0.495  -0.368 0.040  8.061  -15.439 -2.405  5  A_DA5:DT20_B  A 5  ? B 20 ? 20 1 
1 A DA  6  1_555 B DT  7  1_555 -0.133 -0.644 0.025  1.772  -17.600 -6.665  6  A_DA6:DT19_B  A 6  ? B 19 ? 20 1 
1 A DT  7  1_555 B DA  6  1_555 0.121  -0.235 0.280  -4.709 -14.236 2.825   7  A_DT7:DA18_B  A 7  ? B 18 ? 20 1 
1 A DT  8  1_555 B DA  5  1_555 -0.631 -0.423 0.131  -2.338 -22.007 4.791   8  A_DT8:DA17_B  A 8  ? B 17 ? 20 1 
1 A 5CM 9  1_555 B DG  4  1_555 -0.600 -0.236 0.038  -7.652 -23.090 -12.322 9  A_5CM9:DG16_B A 9  ? B 16 ? 19 1 
1 A DG  10 1_555 B DC  3  1_555 -0.131 -0.298 0.033  4.035  -8.089  -2.750  10 A_DG10:DC15_B A 10 ? B 15 ? 19 1 
1 A DC  11 1_555 B DG  2  1_555 -0.167 -0.516 0.656  -0.439 -15.339 -5.142  11 A_DC11:DG14_B A 11 ? B 14 ? 19 1 
1 A DG  12 1_555 B DC  1  1_555 0.195  -0.449 0.192  1.739  11.450  -7.330  12 A_DG12:DC13_B A 12 ? B 13 ? 19 1 
# 
loop_
_ndb_struct_na_base_pair_step.model_number 
_ndb_struct_na_base_pair_step.i_label_asym_id_1 
_ndb_struct_na_base_pair_step.i_label_comp_id_1 
_ndb_struct_na_base_pair_step.i_label_seq_id_1 
_ndb_struct_na_base_pair_step.i_symmetry_1 
_ndb_struct_na_base_pair_step.j_label_asym_id_1 
_ndb_struct_na_base_pair_step.j_label_comp_id_1 
_ndb_struct_na_base_pair_step.j_label_seq_id_1 
_ndb_struct_na_base_pair_step.j_symmetry_1 
_ndb_struct_na_base_pair_step.i_label_asym_id_2 
_ndb_struct_na_base_pair_step.i_label_comp_id_2 
_ndb_struct_na_base_pair_step.i_label_seq_id_2 
_ndb_struct_na_base_pair_step.i_symmetry_2 
_ndb_struct_na_base_pair_step.j_label_asym_id_2 
_ndb_struct_na_base_pair_step.j_label_comp_id_2 
_ndb_struct_na_base_pair_step.j_label_seq_id_2 
_ndb_struct_na_base_pair_step.j_symmetry_2 
_ndb_struct_na_base_pair_step.shift 
_ndb_struct_na_base_pair_step.slide 
_ndb_struct_na_base_pair_step.rise 
_ndb_struct_na_base_pair_step.tilt 
_ndb_struct_na_base_pair_step.roll 
_ndb_struct_na_base_pair_step.twist 
_ndb_struct_na_base_pair_step.x_displacement 
_ndb_struct_na_base_pair_step.y_displacement 
_ndb_struct_na_base_pair_step.helical_rise 
_ndb_struct_na_base_pair_step.inclination 
_ndb_struct_na_base_pair_step.tip 
_ndb_struct_na_base_pair_step.helical_twist 
_ndb_struct_na_base_pair_step.step_number 
_ndb_struct_na_base_pair_step.step_name 
_ndb_struct_na_base_pair_step.i_auth_asym_id_1 
_ndb_struct_na_base_pair_step.i_auth_seq_id_1 
_ndb_struct_na_base_pair_step.i_PDB_ins_code_1 
_ndb_struct_na_base_pair_step.j_auth_asym_id_1 
_ndb_struct_na_base_pair_step.j_auth_seq_id_1 
_ndb_struct_na_base_pair_step.j_PDB_ins_code_1 
_ndb_struct_na_base_pair_step.i_auth_asym_id_2 
_ndb_struct_na_base_pair_step.i_auth_seq_id_2 
_ndb_struct_na_base_pair_step.i_PDB_ins_code_2 
_ndb_struct_na_base_pair_step.j_auth_asym_id_2 
_ndb_struct_na_base_pair_step.j_auth_seq_id_2 
_ndb_struct_na_base_pair_step.j_PDB_ins_code_2 
1 A DC  1  1_555 B DG  12 1_555 A DG  2  1_555 B DC  11 1_555 -0.200 -0.069 3.430 -5.365 7.337   38.237 -1.023 -0.375 3.358 11.012 
8.051   39.263 1  AA_DC1DG2:DC23DG24_BB   A 1  ? B 24 ? A 2  ? B 23 ? 
1 A DG  2  1_555 B DC  11 1_555 A DC  3  1_555 B DG  10 1_555 0.497  0.264  3.501 5.123  -6.199  39.395 1.142  -0.097 3.458 -9.081 
-7.505  40.175 2  AA_DG2DC3:DG22DC23_BB   A 2  ? B 23 ? A 3  ? B 22 ? 
1 A DC  3  1_555 B DG  10 1_555 A DG  4  1_555 B 5CM 9  1_555 -0.231 0.668  3.110 1.134  14.211  26.991 -1.575 0.666  3.060 28.096 
-2.243  30.463 3  AA_DC3DG4:5CM21DG22_BB  A 3  ? B 22 ? A 4  ? B 21 ? 
1 A DG  4  1_555 B 5CM 9  1_555 A DA  5  1_555 B DT  8  1_555 0.346  -0.280 3.465 -0.342 -2.224  34.933 -0.110 -0.631 3.473 -3.700 
0.569   35.004 4  AA_DG4DA5:DT205CM21_BB  A 4  ? B 21 ? A 5  ? B 20 ? 
1 A DA  5  1_555 B DT  8  1_555 A DA  6  1_555 B DT  7  1_555 -0.490 0.083  3.306 -0.029 5.047   36.414 -0.566 0.773  3.289 8.029 
0.047   36.750 5  AA_DA5DA6:DT19DT20_BB   A 5  ? B 20 ? A 6  ? B 19 ? 
1 A DA  6  1_555 B DT  7  1_555 A DT  7  1_555 B DA  6  1_555 0.411  -0.640 3.444 -0.153 -3.736  37.593 -0.477 -0.656 3.488 -5.781 
0.236   37.772 6  AA_DA6DT7:DA18DT19_BB   A 6  ? B 19 ? A 7  ? B 18 ? 
1 A DT  7  1_555 B DA  6  1_555 A DT  8  1_555 B DA  5  1_555 0.257  0.096  3.078 3.525  4.425   34.198 -0.483 0.081  3.076 7.461 
-5.944  34.649 7  AA_DT7DT8:DA17DA18_BB   A 7  ? B 18 ? A 8  ? B 17 ? 
1 A DT  8  1_555 B DA  5  1_555 A 5CM 9  1_555 B DG  4  1_555 -0.585 -0.150 3.500 0.743  -3.977  33.891 0.420  1.123  3.481 -6.792 
-1.269  34.124 8  AA_DT85CM9:DG16DA17_BB  A 8  ? B 17 ? A 9  ? B 16 ? 
1 A 5CM 9  1_555 B DG  4  1_555 A DG  10 1_555 B DC  3  1_555 0.540  0.908  3.231 -0.820 12.355  34.152 -0.335 -0.987 3.337 20.231 
1.343   36.265 9  AA_5CM9DG10:DC15DG16_BB A 9  ? B 16 ? A 10 ? B 15 ? 
1 A DG  10 1_555 B DC  3  1_555 A DC  11 1_555 B DG  2  1_555 -0.806 0.900  3.565 -7.289 -16.904 40.947 2.828  0.350  3.077 
-22.825 9.842   44.732 10 AA_DG10DC11:DG14DC15_BB A 10 ? B 15 ? A 11 ? B 14 ? 
1 A DC  11 1_555 B DG  2  1_555 A DG  12 1_555 B DC  1  1_555 0.786  0.389  3.424 8.458  -5.009  37.466 1.244  -0.079 3.437 -7.639 
-12.898 38.689 11 AA_DC11DG12:DC13DG14_BB A 11 ? B 14 ? A 12 ? B 13 ? 
# 
_atom_sites.entry_id                    267D 
_atom_sites.fract_transf_matrix[1][1]   -0.00266382 
_atom_sites.fract_transf_matrix[1][2]   0.00280436 
_atom_sites.fract_transf_matrix[1][3]   -0.03994518 
_atom_sites.fract_transf_matrix[2][1]   -0.00740229 
_atom_sites.fract_transf_matrix[2][2]   0.02368881 
_atom_sites.fract_transf_matrix[2][3]   0.00215733 
_atom_sites.fract_transf_matrix[3][1]   0.01436618 
_atom_sites.fract_transf_matrix[3][2]   0.00454665 
_atom_sites.fract_transf_matrix[3][3]   -0.00063846 
_atom_sites.fract_transf_vector[1]      0.579535 
_atom_sites.fract_transf_vector[2]      0.526419 
_atom_sites.fract_transf_vector[3]      0.135513 
# 
loop_
_atom_type.symbol 
C  
MG 
N  
O  
P  
# 
loop_
_atom_site.group_PDB 
_atom_site.id 
_atom_site.type_symbol 
_atom_site.label_atom_id 
_atom_site.label_alt_id 
_atom_site.label_comp_id 
_atom_site.label_asym_id 
_atom_site.label_entity_id 
_atom_site.label_seq_id 
_atom_site.pdbx_PDB_ins_code 
_atom_site.Cartn_x 
_atom_site.Cartn_y 
_atom_site.Cartn_z 
_atom_site.occupancy 
_atom_site.B_iso_or_equiv 
_atom_site.pdbx_formal_charge 
_atom_site.auth_seq_id 
_atom_site.auth_comp_id 
_atom_site.auth_asym_id 
_atom_site.auth_atom_id 
_atom_site.pdbx_PDB_model_num 
ATOM   1   O  "O5'" . DC  A 1 1  ? 11.809  17.530  -3.980  1.00 57.66  ? 1   DC  A "O5'" 1 
ATOM   2   C  "C5'" . DC  A 1 1  ? 10.636  17.079  -4.775  1.00 36.27  ? 1   DC  A "C5'" 1 
ATOM   3   C  "C4'" . DC  A 1 1  ? 11.238  15.871  -5.482  1.00 46.58  ? 1   DC  A "C4'" 1 
ATOM   4   O  "O4'" . DC  A 1 1  ? 12.149  15.124  -4.717  1.00 29.33  ? 1   DC  A "O4'" 1 
ATOM   5   C  "C3'" . DC  A 1 1  ? 10.164  14.829  -5.873  1.00 49.49  ? 1   DC  A "C3'" 1 
ATOM   6   O  "O3'" . DC  A 1 1  ? 10.491  14.338  -7.188  1.00 43.38  ? 1   DC  A "O3'" 1 
ATOM   7   C  "C2'" . DC  A 1 1  ? 10.235  13.846  -4.712  1.00 22.81  ? 1   DC  A "C2'" 1 
ATOM   8   C  "C1'" . DC  A 1 1  ? 11.717  13.704  -4.785  1.00 48.50  ? 1   DC  A "C1'" 1 
ATOM   9   N  N1    . DC  A 1 1  ? 12.264  12.875  -3.726  1.00 36.84  ? 1   DC  A N1    1 
ATOM   10  C  C2    . DC  A 1 1  ? 13.212  11.906  -4.013  1.00 30.70  ? 1   DC  A C2    1 
ATOM   11  O  O2    . DC  A 1 1  ? 13.576  11.822  -5.187  1.00 45.08  ? 1   DC  A O2    1 
ATOM   12  N  N3    . DC  A 1 1  ? 13.794  11.270  -2.967  1.00 46.43  ? 1   DC  A N3    1 
ATOM   13  C  C4    . DC  A 1 1  ? 13.335  11.446  -1.695  1.00 54.34  ? 1   DC  A C4    1 
ATOM   14  N  N4    . DC  A 1 1  ? 13.786  10.787  -0.619  1.00 39.49  ? 1   DC  A N4    1 
ATOM   15  C  C5    . DC  A 1 1  ? 12.288  12.370  -1.443  1.00 56.88  ? 1   DC  A C5    1 
ATOM   16  C  C6    . DC  A 1 1  ? 11.817  13.102  -2.461  1.00 46.56  ? 1   DC  A C6    1 
ATOM   17  P  P     . DG  A 1 2  ? 9.305   13.660  -7.990  1.00 64.60  ? 2   DG  A P     1 
ATOM   18  O  OP1   . DG  A 1 2  ? 8.946   14.377  -9.257  1.00 79.78  ? 2   DG  A OP1   1 
ATOM   19  O  OP2   . DG  A 1 2  ? 8.134   13.710  -7.047  1.00 49.06  ? 2   DG  A OP2   1 
ATOM   20  O  "O5'" . DG  A 1 2  ? 9.983   12.275  -8.255  1.00 63.61  ? 2   DG  A "O5'" 1 
ATOM   21  C  "C5'" . DG  A 1 2  ? 10.986  12.014  -9.319  1.00 43.53  ? 2   DG  A "C5'" 1 
ATOM   22  C  "C4'" . DG  A 1 2  ? 10.976  10.526  -9.005  1.00 60.16  ? 2   DG  A "C4'" 1 
ATOM   23  O  "O4'" . DG  A 1 2  ? 11.351  10.393  -7.655  1.00 65.78  ? 2   DG  A "O4'" 1 
ATOM   24  C  "C3'" . DG  A 1 2  ? 9.611   9.837   -9.085  1.00 44.52  ? 2   DG  A "C3'" 1 
ATOM   25  O  "O3'" . DG  A 1 2  ? 9.623   9.001   -10.205 1.00 42.19  ? 2   DG  A "O3'" 1 
ATOM   26  C  "C2'" . DG  A 1 2  ? 9.426   9.068   -7.772  1.00 45.84  ? 2   DG  A "C2'" 1 
ATOM   27  C  "C1'" . DG  A 1 2  ? 10.819  9.094   -7.219  1.00 41.05  ? 2   DG  A "C1'" 1 
ATOM   28  N  N9    . DG  A 1 2  ? 10.896  9.051   -5.789  1.00 28.87  ? 2   DG  A N9    1 
ATOM   29  C  C8    . DG  A 1 2  ? 10.232  9.906   -4.936  1.00 41.55  ? 2   DG  A C8    1 
ATOM   30  N  N7    . DG  A 1 2  ? 10.512  9.708   -3.658  1.00 51.21  ? 2   DG  A N7    1 
ATOM   31  C  C5    . DG  A 1 2  ? 11.370  8.599   -3.684  1.00 21.89  ? 2   DG  A C5    1 
ATOM   32  C  C6    . DG  A 1 2  ? 12.005  7.907   -2.626  1.00 23.62  ? 2   DG  A C6    1 
ATOM   33  O  O6    . DG  A 1 2  ? 11.825  8.250   -1.405  1.00 25.93  ? 2   DG  A O6    1 
ATOM   34  N  N1    . DG  A 1 2  ? 12.839  6.928   -3.057  1.00 31.94  ? 2   DG  A N1    1 
ATOM   35  C  C2    . DG  A 1 2  ? 13.051  6.645   -4.371  1.00 37.40  ? 2   DG  A C2    1 
ATOM   36  N  N2    . DG  A 1 2  ? 13.828  5.642   -4.831  1.00 22.02  ? 2   DG  A N2    1 
ATOM   37  N  N3    . DG  A 1 2  ? 12.470  7.283   -5.394  1.00 38.19  ? 2   DG  A N3    1 
ATOM   38  C  C4    . DG  A 1 2  ? 11.624  8.234   -4.970  1.00 26.27  ? 2   DG  A C4    1 
ATOM   39  P  P     . DC  A 1 3  ? 8.526   7.937   -10.683 1.00 41.49  ? 3   DC  A P     1 
ATOM   40  O  OP1   . DC  A 1 3  ? 8.231   8.531   -11.998 1.00 35.48  ? 3   DC  A OP1   1 
ATOM   41  O  OP2   . DC  A 1 3  ? 7.537   7.960   -9.587  1.00 33.29  ? 3   DC  A OP2   1 
ATOM   42  O  "O5'" . DC  A 1 3  ? 9.230   6.520   -10.727 1.00 48.83  ? 3   DC  A "O5'" 1 
ATOM   43  C  "C5'" . DC  A 1 3  ? 10.582  5.973   -10.658 1.00 31.00  ? 3   DC  A "C5'" 1 
ATOM   44  C  "C4'" . DC  A 1 3  ? 10.618  4.911   -9.585  1.00 31.24  ? 3   DC  A "C4'" 1 
ATOM   45  O  "O4'" . DC  A 1 3  ? 10.630  5.369   -8.262  1.00 41.85  ? 3   DC  A "O4'" 1 
ATOM   46  C  "C3'" . DC  A 1 3  ? 9.345   4.042   -9.501  1.00 43.63  ? 3   DC  A "C3'" 1 
ATOM   47  O  "O3'" . DC  A 1 3  ? 9.422   2.912   -10.329 1.00 36.59  ? 3   DC  A "O3'" 1 
ATOM   48  C  "C2'" . DC  A 1 3  ? 9.243   3.548   -8.098  1.00 26.19  ? 3   DC  A "C2'" 1 
ATOM   49  C  "C1'" . DC  A 1 3  ? 10.237  4.268   -7.392  1.00 20.51  ? 3   DC  A "C1'" 1 
ATOM   50  N  N1    . DC  A 1 3  ? 9.635   4.887   -6.199  1.00 26.82  ? 3   DC  A N1    1 
ATOM   51  C  C2    . DC  A 1 3  ? 10.194  4.591   -4.973  1.00 45.60  ? 3   DC  A C2    1 
ATOM   52  O  O2    . DC  A 1 3  ? 11.111  3.730   -4.887  1.00 38.75  ? 3   DC  A O2    1 
ATOM   53  N  N3    . DC  A 1 3  ? 9.662   5.258   -3.882  1.00 32.18  ? 3   DC  A N3    1 
ATOM   54  C  C4    . DC  A 1 3  ? 8.759   6.204   -4.013  1.00 15.72  ? 3   DC  A C4    1 
ATOM   55  N  N4    . DC  A 1 3  ? 8.218   6.771   -2.913  1.00 38.79  ? 3   DC  A N4    1 
ATOM   56  C  C5    . DC  A 1 3  ? 8.195   6.504   -5.309  1.00 27.06  ? 3   DC  A C5    1 
ATOM   57  C  C6    . DC  A 1 3  ? 8.677   5.826   -6.355  1.00 23.23  ? 3   DC  A C6    1 
ATOM   58  P  P     . DG  A 1 4  ? 8.444   1.766   -10.590 1.00 51.19  ? 4   DG  A P     1 
ATOM   59  O  OP1   . DG  A 1 4  ? 8.554   1.581   -12.087 1.00 59.34  ? 4   DG  A OP1   1 
ATOM   60  O  OP2   . DG  A 1 4  ? 7.094   2.232   -10.094 1.00 33.24  ? 4   DG  A OP2   1 
ATOM   61  O  "O5'" . DG  A 1 4  ? 9.041   0.642   -9.702  1.00 37.81  ? 4   DG  A "O5'" 1 
ATOM   62  C  "C5'" . DG  A 1 4  ? 10.191  0.821   -8.870  1.00 34.10  ? 4   DG  A "C5'" 1 
ATOM   63  C  "C4'" . DG  A 1 4  ? 10.059  -0.478  -8.084  1.00 34.31  ? 4   DG  A "C4'" 1 
ATOM   64  O  "O4'" . DG  A 1 4  ? 9.911   -0.230  -6.674  1.00 66.02  ? 4   DG  A "O4'" 1 
ATOM   65  C  "C3'" . DG  A 1 4  ? 8.841   -1.353  -8.360  1.00 37.41  ? 4   DG  A "C3'" 1 
ATOM   66  O  "O3'" . DG  A 1 4  ? 9.059   -2.577  -7.801  1.00 47.16  ? 4   DG  A "O3'" 1 
ATOM   67  C  "C2'" . DG  A 1 4  ? 7.723   -0.579  -7.625  1.00 44.13  ? 4   DG  A "C2'" 1 
ATOM   68  C  "C1'" . DG  A 1 4  ? 8.508   -0.325  -6.325  1.00 46.58  ? 4   DG  A "C1'" 1 
ATOM   69  N  N9    . DG  A 1 4  ? 7.952   0.878   -5.723  1.00 40.66  ? 4   DG  A N9    1 
ATOM   70  C  C8    . DG  A 1 4  ? 7.113   1.770   -6.357  1.00 42.08  ? 4   DG  A C8    1 
ATOM   71  N  N7    . DG  A 1 4  ? 6.676   2.759   -5.546  1.00 35.97  ? 4   DG  A N7    1 
ATOM   72  C  C5    . DG  A 1 4  ? 7.356   2.455   -4.320  1.00 30.89  ? 4   DG  A C5    1 
ATOM   73  C  C6    . DG  A 1 4  ? 7.310   3.143   -3.090  1.00 30.08  ? 4   DG  A C6    1 
ATOM   74  O  O6    . DG  A 1 4  ? 6.670   4.161   -2.738  1.00 45.72  ? 4   DG  A O6    1 
ATOM   75  N  N1    . DG  A 1 4  ? 8.029   2.531   -2.109  1.00 47.73  ? 4   DG  A N1    1 
ATOM   76  C  C2    . DG  A 1 4  ? 8.772   1.381   -2.332  1.00 25.29  ? 4   DG  A C2    1 
ATOM   77  N  N2    . DG  A 1 4  ? 9.265   1.000   -1.173  1.00 32.27  ? 4   DG  A N2    1 
ATOM   78  N  N3    . DG  A 1 4  ? 8.866   0.730   -3.468  1.00 40.08  ? 4   DG  A N3    1 
ATOM   79  C  C4    . DG  A 1 4  ? 8.111   1.328   -4.430  1.00 32.50  ? 4   DG  A C4    1 
ATOM   80  P  P     . DA  A 1 5  ? 8.456   -3.995  -7.468  1.00 70.65  ? 5   DA  A P     1 
ATOM   81  O  OP1   . DA  A 1 5  ? 9.526   -5.072  -7.680  1.00 57.34  ? 5   DA  A OP1   1 
ATOM   82  O  OP2   . DA  A 1 5  ? 7.154   -4.033  -8.220  1.00 52.08  ? 5   DA  A OP2   1 
ATOM   83  O  "O5'" . DA  A 1 5  ? 8.255   -3.946  -5.868  1.00 78.29  ? 5   DA  A "O5'" 1 
ATOM   84  C  "C5'" . DA  A 1 5  ? 9.045   -4.729  -4.932  1.00 41.29  ? 5   DA  A "C5'" 1 
ATOM   85  C  "C4'" . DA  A 1 5  ? 8.325   -4.529  -3.573  1.00 60.98  ? 5   DA  A "C4'" 1 
ATOM   86  O  "O4'" . DA  A 1 5  ? 8.150   -3.163  -3.269  1.00 51.92  ? 5   DA  A "O4'" 1 
ATOM   87  C  "C3'" . DA  A 1 5  ? 6.939   -5.210  -3.584  1.00 61.43  ? 5   DA  A "C3'" 1 
ATOM   88  O  "O3'" . DA  A 1 5  ? 6.707   -6.157  -2.566  1.00 72.54  ? 5   DA  A "O3'" 1 
ATOM   89  C  "C2'" . DA  A 1 5  ? 5.983   -4.004  -3.523  1.00 55.11  ? 5   DA  A "C2'" 1 
ATOM   90  C  "C1'" . DA  A 1 5  ? 6.870   -2.867  -2.854  1.00 39.60  ? 5   DA  A "C1'" 1 
ATOM   91  N  N9    . DA  A 1 5  ? 6.105   -1.668  -3.247  1.00 43.51  ? 5   DA  A N9    1 
ATOM   92  C  C8    . DA  A 1 5  ? 5.364   -1.422  -4.377  1.00 36.40  ? 5   DA  A C8    1 
ATOM   93  N  N7    . DA  A 1 5  ? 4.616   -0.329  -4.348  1.00 32.42  ? 5   DA  A N7    1 
ATOM   94  C  C5    . DA  A 1 5  ? 4.855   0.154   -3.033  1.00 28.05  ? 5   DA  A C5    1 
ATOM   95  C  C6    . DA  A 1 5  ? 4.378   1.295   -2.359  1.00 23.45  ? 5   DA  A C6    1 
ATOM   96  N  N6    . DA  A 1 5  ? 3.626   2.240   -2.855  1.00 29.37  ? 5   DA  A N6    1 
ATOM   97  N  N1    . DA  A 1 5  ? 4.823   1.432   -1.092  1.00 25.28  ? 5   DA  A N1    1 
ATOM   98  C  C2    . DA  A 1 5  ? 5.643   0.510   -0.483  1.00 26.73  ? 5   DA  A C2    1 
ATOM   99  N  N3    . DA  A 1 5  ? 6.242   -0.526  -1.094  1.00 38.36  ? 5   DA  A N3    1 
ATOM   100 C  C4    . DA  A 1 5  ? 5.731   -0.671  -2.362  1.00 20.64  ? 5   DA  A C4    1 
ATOM   101 P  P     . DA  A 1 6  ? 7.136   -7.358  -1.620  1.00 46.63  ? 6   DA  A P     1 
ATOM   102 O  OP1   . DA  A 1 6  ? 8.574   -7.229  -1.217  1.00 50.55  ? 6   DA  A OP1   1 
ATOM   103 O  OP2   . DA  A 1 6  ? 6.224   -8.386  -2.047  1.00 37.61  ? 6   DA  A OP2   1 
ATOM   104 O  "O5'" . DA  A 1 6  ? 6.658   -6.807  -0.138  1.00 54.85  ? 6   DA  A "O5'" 1 
ATOM   105 C  "C5'" . DA  A 1 6  ? 7.749   -6.366  0.752   1.00 22.79  ? 6   DA  A "C5'" 1 
ATOM   106 C  "C4'" . DA  A 1 6  ? 7.013   -5.520  1.825   1.00 37.37  ? 6   DA  A "C4'" 1 
ATOM   107 O  "O4'" . DA  A 1 6  ? 6.466   -4.331  1.266   1.00 34.08  ? 6   DA  A "O4'" 1 
ATOM   108 C  "C3'" . DA  A 1 6  ? 5.861   -6.265  2.534   1.00 33.14  ? 6   DA  A "C3'" 1 
ATOM   109 O  "O3'" . DA  A 1 6  ? 5.824   -5.954  3.911   1.00 28.72  ? 6   DA  A "O3'" 1 
ATOM   110 C  "C2'" . DA  A 1 6  ? 4.605   -5.842  1.740   1.00 37.37  ? 6   DA  A "C2'" 1 
ATOM   111 C  "C1'" . DA  A 1 6  ? 5.024   -4.382  1.509   1.00 43.26  ? 6   DA  A "C1'" 1 
ATOM   112 N  N9    . DA  A 1 6  ? 4.254   -3.748  0.438   1.00 23.72  ? 6   DA  A N9    1 
ATOM   113 C  C8    . DA  A 1 6  ? 4.097   -4.005  -0.836  1.00 24.84  ? 6   DA  A C8    1 
ATOM   114 N  N7    . DA  A 1 6  ? 3.318   -3.178  -1.520  1.00 19.82  ? 6   DA  A N7    1 
ATOM   115 C  C5    . DA  A 1 6  ? 3.027   -2.211  -0.577  1.00 22.60  ? 6   DA  A C5    1 
ATOM   116 C  C6    . DA  A 1 6  ? 2.280   -1.011  -0.688  1.00 27.51  ? 6   DA  A C6    1 
ATOM   117 N  N6    . DA  A 1 6  ? 1.636   -0.669  -1.790  1.00 20.03  ? 6   DA  A N6    1 
ATOM   118 N  N1    . DA  A 1 6  ? 2.211   -0.284  0.442   1.00 18.95  ? 6   DA  A N1    1 
ATOM   119 C  C2    . DA  A 1 6  ? 2.844   -0.645  1.626   1.00 24.19  ? 6   DA  A C2    1 
ATOM   120 N  N3    . DA  A 1 6  ? 3.532   -1.759  1.805   1.00 32.21  ? 6   DA  A N3    1 
ATOM   121 C  C4    . DA  A 1 6  ? 3.629   -2.493  0.647   1.00 25.88  ? 6   DA  A C4    1 
ATOM   122 P  P     . DT  A 1 7  ? 5.205   -6.925  5.018   1.00 41.73  ? 7   DT  A P     1 
ATOM   123 O  OP1   . DT  A 1 7  ? 6.166   -7.471  5.982   1.00 32.39  ? 7   DT  A OP1   1 
ATOM   124 O  OP2   . DT  A 1 7  ? 4.399   -7.854  4.075   1.00 35.41  ? 7   DT  A OP2   1 
ATOM   125 O  "O5'" . DT  A 1 7  ? 4.435   -5.769  5.769   1.00 24.94  ? 7   DT  A "O5'" 1 
ATOM   126 C  "C5'" . DT  A 1 7  ? 4.449   -4.460  5.222   1.00 42.88  ? 7   DT  A "C5'" 1 
ATOM   127 C  "C4'" . DT  A 1 7  ? 3.231   -3.628  5.529   1.00 26.95  ? 7   DT  A "C4'" 1 
ATOM   128 O  "O4'" . DT  A 1 7  ? 2.714   -3.115  4.293   1.00 37.09  ? 7   DT  A "O4'" 1 
ATOM   129 C  "C3'" . DT  A 1 7  ? 2.139   -4.410  6.237   1.00 40.24  ? 7   DT  A "C3'" 1 
ATOM   130 O  "O3'" . DT  A 1 7  ? 1.841   -3.739  7.449   1.00 36.56  ? 7   DT  A "O3'" 1 
ATOM   131 C  "C2'" . DT  A 1 7  ? 1.017   -4.533  5.190   1.00 16.27  ? 7   DT  A "C2'" 1 
ATOM   132 C  "C1'" . DT  A 1 7  ? 1.288   -3.338  4.437   1.00 33.05  ? 7   DT  A "C1'" 1 
ATOM   133 N  N1    . DT  A 1 7  ? 0.867   -3.561  3.085   1.00 36.84  ? 7   DT  A N1    1 
ATOM   134 C  C2    . DT  A 1 7  ? 0.126   -2.538  2.480   1.00 31.83  ? 7   DT  A C2    1 
ATOM   135 O  O2    . DT  A 1 7  ? -0.056  -1.520  3.137   1.00 23.55  ? 7   DT  A O2    1 
ATOM   136 N  N3    . DT  A 1 7  ? -0.302  -2.772  1.205   1.00 34.58  ? 7   DT  A N3    1 
ATOM   137 C  C4    . DT  A 1 7  ? 0.127   -3.879  0.456   1.00 31.59  ? 7   DT  A C4    1 
ATOM   138 O  O4    . DT  A 1 7  ? -0.202  -3.980  -0.759  1.00 36.09  ? 7   DT  A O4    1 
ATOM   139 C  C5    . DT  A 1 7  ? 0.882   -4.896  1.113   1.00 31.25  ? 7   DT  A C5    1 
ATOM   140 C  C7    . DT  A 1 7  ? 1.181   -6.219  0.482   1.00 33.97  ? 7   DT  A C7    1 
ATOM   141 C  C6    . DT  A 1 7  ? 1.243   -4.728  2.443   1.00 42.32  ? 7   DT  A C6    1 
ATOM   142 P  P     . DT  A 1 8  ? 0.962   -3.973  8.720   1.00 51.90  ? 8   DT  A P     1 
ATOM   143 O  OP1   . DT  A 1 8  ? 1.905   -3.588  9.806   1.00 42.24  ? 8   DT  A OP1   1 
ATOM   144 O  OP2   . DT  A 1 8  ? 0.563   -5.398  8.860   1.00 41.33  ? 8   DT  A OP2   1 
ATOM   145 O  "O5'" . DT  A 1 8  ? -0.350  -3.042  8.687   1.00 51.67  ? 8   DT  A "O5'" 1 
ATOM   146 C  "C5'" . DT  A 1 8  ? -0.362  -1.702  8.119   1.00 40.61  ? 8   DT  A "C5'" 1 
ATOM   147 C  "C4'" . DT  A 1 8  ? -1.652  -1.511  7.383   1.00 19.08  ? 8   DT  A "C4'" 1 
ATOM   148 O  "O4'" . DT  A 1 8  ? -1.739  -2.435  6.342   1.00 35.76  ? 8   DT  A "O4'" 1 
ATOM   149 C  "C3'" . DT  A 1 8  ? -2.911  -1.801  8.155   1.00 35.85  ? 8   DT  A "C3'" 1 
ATOM   150 O  "O3'" . DT  A 1 8  ? -3.599  -0.650  8.684   1.00 46.33  ? 8   DT  A "O3'" 1 
ATOM   151 C  "C2'" . DT  A 1 8  ? -3.735  -2.558  7.103   1.00 29.15  ? 8   DT  A "C2'" 1 
ATOM   152 C  "C1'" . DT  A 1 8  ? -3.154  -2.145  5.858   1.00 27.80  ? 8   DT  A "C1'" 1 
ATOM   153 N  N1    . DT  A 1 8  ? -3.242  -2.940  4.640   1.00 35.99  ? 8   DT  A N1    1 
ATOM   154 C  C2    . DT  A 1 8  ? -3.626  -2.450  3.415   1.00 47.17  ? 8   DT  A C2    1 
ATOM   155 O  O2    . DT  A 1 8  ? -3.997  -1.240  3.365   1.00 54.47  ? 8   DT  A O2    1 
ATOM   156 N  N3    . DT  A 1 8  ? -3.507  -3.268  2.290   1.00 20.59  ? 8   DT  A N3    1 
ATOM   157 C  C4    . DT  A 1 8  ? -3.029  -4.525  2.386   1.00 18.32  ? 8   DT  A C4    1 
ATOM   158 O  O4    . DT  A 1 8  ? -2.953  -5.240  1.356   1.00 33.81  ? 8   DT  A O4    1 
ATOM   159 C  C5    . DT  A 1 8  ? -2.591  -4.986  3.629   1.00 22.18  ? 8   DT  A C5    1 
ATOM   160 C  C7    . DT  A 1 8  ? -2.092  -6.363  3.945   1.00 31.29  ? 8   DT  A C7    1 
ATOM   161 C  C6    . DT  A 1 8  ? -2.656  -4.187  4.733   1.00 26.50  ? 8   DT  A C6    1 
HETATM 162 N  N1    . 5CM A 1 9  ? -7.361  -2.373  4.498   1.00 46.79  ? 9   5CM A N1    1 
HETATM 163 C  C2    . 5CM A 1 9  ? -7.493  -2.348  3.117   1.00 32.48  ? 9   5CM A C2    1 
HETATM 164 N  N3    . 5CM A 1 9  ? -7.295  -3.514  2.421   1.00 54.24  ? 9   5CM A N3    1 
HETATM 165 C  C4    . 5CM A 1 9  ? -6.866  -4.651  3.029   1.00 36.27  ? 9   5CM A C4    1 
HETATM 166 C  C5    . 5CM A 1 9  ? -6.749  -4.670  4.426   1.00 21.95  ? 9   5CM A C5    1 
HETATM 167 C  C5A   . 5CM A 1 9  ? -6.258  -5.909  5.075   1.00 40.41  ? 9   5CM A C5A   1 
HETATM 168 C  C6    . 5CM A 1 9  ? -6.960  -3.533  5.116   1.00 43.18  ? 9   5CM A C6    1 
HETATM 169 O  O2    . 5CM A 1 9  ? -8.005  -1.307  2.634   1.00 46.15  ? 9   5CM A O2    1 
HETATM 170 N  N4    . 5CM A 1 9  ? -6.530  -5.741  2.343   1.00 29.57  ? 9   5CM A N4    1 
HETATM 171 C  "C1'" . 5CM A 1 9  ? -7.774  -1.148  5.197   1.00 41.97  ? 9   5CM A "C1'" 1 
HETATM 172 C  "C2'" . 5CM A 1 9  ? -8.015  -1.320  6.683   1.00 59.89  ? 9   5CM A "C2'" 1 
HETATM 173 C  "C3'" . 5CM A 1 9  ? -8.035  0.168   7.099   1.00 61.20  ? 9   5CM A "C3'" 1 
HETATM 174 C  "C4'" . 5CM A 1 9  ? -6.758  0.603   6.377   1.00 42.32  ? 9   5CM A "C4'" 1 
HETATM 175 O  "O4'" . 5CM A 1 9  ? -6.740  -0.148  5.182   1.00 61.18  ? 9   5CM A "O4'" 1 
HETATM 176 O  "O3'" . 5CM A 1 9  ? -9.183  0.970   6.732   1.00 61.14  ? 9   5CM A "O3'" 1 
HETATM 177 C  "C5'" . 5CM A 1 9  ? -5.547  0.351   7.227   1.00 46.67  ? 9   5CM A "C5'" 1 
HETATM 178 O  "O5'" . 5CM A 1 9  ? -6.008  -0.725  8.151   1.00 42.22  ? 9   5CM A "O5'" 1 
HETATM 179 P  P     . 5CM A 1 9  ? -5.043  -0.781  9.432   1.00 54.98  ? 9   5CM A P     1 
HETATM 180 O  OP1   . 5CM A 1 9  ? -5.257  0.493   10.239  1.00 72.81  ? 9   5CM A OP1   1 
HETATM 181 O  OP2   . 5CM A 1 9  ? -5.072  -1.947  10.316  1.00 45.19  ? 9   5CM A OP2   1 
ATOM   182 P  P     . DG  A 1 10 ? -10.512 0.915   7.595   1.00 62.41  ? 10  DG  A P     1 
ATOM   183 O  OP1   . DG  A 1 10 ? -10.486 1.814   8.798   1.00 81.02  ? 10  DG  A OP1   1 
ATOM   184 O  OP2   . DG  A 1 10 ? -10.402 -0.487  8.256   1.00 63.08  ? 10  DG  A OP2   1 
ATOM   185 O  "O5'" . DG  A 1 10 ? -11.726 1.091   6.595   1.00 60.84  ? 10  DG  A "O5'" 1 
ATOM   186 C  "C5'" . DG  A 1 10 ? -11.688 1.364   5.175   1.00 56.05  ? 10  DG  A "C5'" 1 
ATOM   187 C  "C4'" . DG  A 1 10 ? -12.837 0.747   4.384   1.00 47.15  ? 10  DG  A "C4'" 1 
ATOM   188 O  "O4'" . DG  A 1 10 ? -12.443 -0.296  3.466   1.00 55.45  ? 10  DG  A "O4'" 1 
ATOM   189 C  "C3'" . DG  A 1 10 ? -13.893 0.022   5.192   1.00 43.41  ? 10  DG  A "C3'" 1 
ATOM   190 O  "O3'" . DG  A 1 10 ? -15.109 -0.259  4.522   1.00 64.28  ? 10  DG  A "O3'" 1 
ATOM   191 C  "C2'" . DG  A 1 10 ? -13.265 -1.335  5.428   1.00 45.36  ? 10  DG  A "C2'" 1 
ATOM   192 C  "C1'" . DG  A 1 10 ? -12.838 -1.617  3.963   1.00 52.09  ? 10  DG  A "C1'" 1 
ATOM   193 N  N9    . DG  A 1 10 ? -11.908 -2.772  4.127   1.00 59.30  ? 10  DG  A N9    1 
ATOM   194 C  C8    . DG  A 1 10 ? -11.341 -3.256  5.315   1.00 32.45  ? 10  DG  A C8    1 
ATOM   195 N  N7    . DG  A 1 10 ? -10.605 -4.285  5.134   1.00 39.96  ? 10  DG  A N7    1 
ATOM   196 C  C5    . DG  A 1 10 ? -10.646 -4.547  3.747   1.00 40.90  ? 10  DG  A C5    1 
ATOM   197 C  C6    . DG  A 1 10 ? -10.020 -5.518  2.930   1.00 40.06  ? 10  DG  A C6    1 
ATOM   198 O  O6    . DG  A 1 10 ? -9.259  -6.444  3.290   1.00 46.85  ? 10  DG  A O6    1 
ATOM   199 N  N1    . DG  A 1 10 ? -10.317 -5.409  1.590   1.00 39.93  ? 10  DG  A N1    1 
ATOM   200 C  C2    . DG  A 1 10 ? -11.064 -4.418  1.079   1.00 24.01  ? 10  DG  A C2    1 
ATOM   201 N  N2    . DG  A 1 10 ? -11.254 -4.418  -0.220  1.00 26.94  ? 10  DG  A N2    1 
ATOM   202 N  N3    . DG  A 1 10 ? -11.655 -3.525  1.810   1.00 41.38  ? 10  DG  A N3    1 
ATOM   203 C  C4    . DG  A 1 10 ? -11.426 -3.621  3.137   1.00 40.74  ? 10  DG  A C4    1 
ATOM   204 P  P     . DC  A 1 11 ? -16.311 0.725   4.201   1.00 55.88  ? 11  DC  A P     1 
ATOM   205 O  OP1   . DC  A 1 11 ? -16.051 2.098   4.801   1.00 85.76  ? 11  DC  A OP1   1 
ATOM   206 O  OP2   . DC  A 1 11 ? -17.371 0.077   5.035   1.00 41.77  ? 11  DC  A OP2   1 
ATOM   207 O  "O5'" . DC  A 1 11 ? -16.466 0.862   2.637   1.00 66.44  ? 11  DC  A "O5'" 1 
ATOM   208 C  "C5'" . DC  A 1 11 ? -15.745 1.241   1.493   1.00 64.34  ? 11  DC  A "C5'" 1 
ATOM   209 C  "C4'" . DC  A 1 11 ? -15.857 0.442   0.198   1.00 75.92  ? 11  DC  A "C4'" 1 
ATOM   210 O  "O4'" . DC  A 1 11 ? -14.943 -0.694  0.137   1.00 83.45  ? 11  DC  A "O4'" 1 
ATOM   211 C  "C3'" . DC  A 1 11 ? -17.237 -0.152  -0.157  1.00 81.40  ? 11  DC  A "C3'" 1 
ATOM   212 O  "O3'" . DC  A 1 11 ? -17.677 0.358   -1.416  1.00 84.54  ? 11  DC  A "O3'" 1 
ATOM   213 C  "C2'" . DC  A 1 11 ? -17.074 -1.674  -0.120  1.00 78.45  ? 11  DC  A "C2'" 1 
ATOM   214 C  "C1'" . DC  A 1 11 ? -15.590 -1.940  -0.122  1.00 66.93  ? 11  DC  A "C1'" 1 
ATOM   215 N  N1    . DC  A 1 11 ? -15.341 -2.978  0.908   1.00 60.27  ? 11  DC  A N1    1 
ATOM   216 C  C2    . DC  A 1 11 ? -14.747 -4.178  0.556   1.00 50.70  ? 11  DC  A C2    1 
ATOM   217 O  O2    . DC  A 1 11 ? -14.489 -4.280  -0.635  1.00 42.21  ? 11  DC  A O2    1 
ATOM   218 N  N3    . DC  A 1 11 ? -14.527 -5.116  1.504   1.00 50.32  ? 11  DC  A N3    1 
ATOM   219 C  C4    . DC  A 1 11 ? -14.852 -4.895  2.826   1.00 65.04  ? 11  DC  A C4    1 
ATOM   220 N  N4    . DC  A 1 11 ? -14.702 -5.770  3.861   1.00 37.26  ? 11  DC  A N4    1 
ATOM   221 C  C5    . DC  A 1 11 ? -15.428 -3.636  3.200   1.00 64.14  ? 11  DC  A C5    1 
ATOM   222 C  C6    . DC  A 1 11 ? -15.674 -2.753  2.217   1.00 55.13  ? 11  DC  A C6    1 
ATOM   223 P  P     . DG  A 1 12 ? -18.446 -0.181  -2.678  1.00 75.28  ? 12  DG  A P     1 
ATOM   224 O  OP1   . DG  A 1 12 ? -18.874 0.979   -3.576  1.00 103.65 ? 12  DG  A OP1   1 
ATOM   225 O  OP2   . DG  A 1 12 ? -19.717 -0.802  -2.173  1.00 73.17  ? 12  DG  A OP2   1 
ATOM   226 O  "O5'" . DG  A 1 12 ? -17.456 -1.038  -3.582  1.00 94.96  ? 12  DG  A "O5'" 1 
ATOM   227 C  "C5'" . DG  A 1 12 ? -16.895 -2.317  -3.659  1.00 80.17  ? 12  DG  A "C5'" 1 
ATOM   228 C  "C4'" . DG  A 1 12 ? -17.689 -3.565  -3.944  1.00 43.67  ? 12  DG  A "C4'" 1 
ATOM   229 O  "O4'" . DG  A 1 12 ? -17.386 -4.556  -2.920  1.00 70.80  ? 12  DG  A "O4'" 1 
ATOM   230 C  "C3'" . DG  A 1 12 ? -19.206 -3.564  -3.915  1.00 37.89  ? 12  DG  A "C3'" 1 
ATOM   231 O  "O3'" . DG  A 1 12 ? -19.740 -4.300  -5.043  1.00 50.07  ? 12  DG  A "O3'" 1 
ATOM   232 C  "C2'" . DG  A 1 12 ? -19.748 -4.326  -2.753  1.00 34.73  ? 12  DG  A "C2'" 1 
ATOM   233 C  "C1'" . DG  A 1 12 ? -18.589 -5.233  -2.397  1.00 57.85  ? 12  DG  A "C1'" 1 
ATOM   234 N  N9    . DG  A 1 12 ? -18.504 -5.451  -0.953  1.00 54.51  ? 12  DG  A N9    1 
ATOM   235 C  C8    . DG  A 1 12 ? -18.967 -4.604  0.016   1.00 51.73  ? 12  DG  A C8    1 
ATOM   236 N  N7    . DG  A 1 12 ? -18.789 -4.996  1.231   1.00 44.45  ? 12  DG  A N7    1 
ATOM   237 C  C5    . DG  A 1 12 ? -18.023 -6.160  1.071   1.00 62.55  ? 12  DG  A C5    1 
ATOM   238 C  C6    . DG  A 1 12 ? -17.458 -7.040  2.050   1.00 61.55  ? 12  DG  A C6    1 
ATOM   239 O  O6    . DG  A 1 12 ? -17.506 -6.889  3.288   1.00 52.62  ? 12  DG  A O6    1 
ATOM   240 N  N1    . DG  A 1 12 ? -16.831 -8.129  1.509   1.00 57.27  ? 12  DG  A N1    1 
ATOM   241 C  C2    . DG  A 1 12 ? -16.733 -8.339  0.171   1.00 47.54  ? 12  DG  A C2    1 
ATOM   242 N  N2    . DG  A 1 12 ? -16.093 -9.475  -0.087  1.00 45.04  ? 12  DG  A N2    1 
ATOM   243 N  N3    . DG  A 1 12 ? -17.244 -7.566  -0.803  1.00 61.72  ? 12  DG  A N3    1 
ATOM   244 C  C4    . DG  A 1 12 ? -17.877 -6.479  -0.260  1.00 64.62  ? 12  DG  A C4    1 
ATOM   245 O  "O5'" . DC  B 1 1  ? -12.648 -14.462 6.511   1.00 73.19  ? 13  DC  B "O5'" 1 
ATOM   246 C  "C5'" . DC  B 1 1  ? -13.944 -14.622 5.810   1.00 71.21  ? 13  DC  B "C5'" 1 
ATOM   247 C  "C4'" . DC  B 1 1  ? -13.725 -14.948 4.353   1.00 38.03  ? 13  DC  B "C4'" 1 
ATOM   248 O  "O4'" . DC  B 1 1  ? -14.279 -14.109 3.349   1.00 36.38  ? 13  DC  B "O4'" 1 
ATOM   249 C  "C3'" . DC  B 1 1  ? -12.284 -14.673 3.960   1.00 52.06  ? 13  DC  B "C3'" 1 
ATOM   250 O  "O3'" . DC  B 1 1  ? -12.093 -15.128 2.657   1.00 34.57  ? 13  DC  B "O3'" 1 
ATOM   251 C  "C2'" . DC  B 1 1  ? -12.367 -13.136 4.267   1.00 32.33  ? 13  DC  B "C2'" 1 
ATOM   252 C  "C1'" . DC  B 1 1  ? -13.508 -12.829 3.328   1.00 57.20  ? 13  DC  B "C1'" 1 
ATOM   253 N  N1    . DC  B 1 1  ? -14.321 -11.660 3.697   1.00 45.61  ? 13  DC  B N1    1 
ATOM   254 C  C2    . DC  B 1 1  ? -14.775 -10.781 2.728   1.00 28.48  ? 13  DC  B C2    1 
ATOM   255 O  O2    . DC  B 1 1  ? -14.434 -10.882 1.534   1.00 41.43  ? 13  DC  B O2    1 
ATOM   256 N  N3    . DC  B 1 1  ? -15.534 -9.797  3.133   1.00 37.07  ? 13  DC  B N3    1 
ATOM   257 C  C4    . DC  B 1 1  ? -15.963 -9.610  4.393   1.00 48.81  ? 13  DC  B C4    1 
ATOM   258 N  N4    . DC  B 1 1  ? -16.837 -8.623  4.734   1.00 49.91  ? 13  DC  B N4    1 
ATOM   259 C  C5    . DC  B 1 1  ? -15.504 -10.521 5.398   1.00 53.47  ? 13  DC  B C5    1 
ATOM   260 C  C6    . DC  B 1 1  ? -14.685 -11.494 4.980   1.00 33.38  ? 13  DC  B C6    1 
ATOM   261 P  P     . DG  B 1 2  ? -10.667 -15.417 1.998   1.00 51.40  ? 14  DG  B P     1 
ATOM   262 O  OP1   . DG  B 1 2  ? -10.582 -16.877 2.282   1.00 57.56  ? 14  DG  B OP1   1 
ATOM   263 O  OP2   . DG  B 1 2  ? -9.497  -14.775 2.534   1.00 35.28  ? 14  DG  B OP2   1 
ATOM   264 O  "O5'" . DG  B 1 2  ? -10.818 -14.999 0.463   1.00 49.02  ? 14  DG  B "O5'" 1 
ATOM   265 C  "C5'" . DG  B 1 2  ? -12.217 -14.616 0.087   1.00 53.76  ? 14  DG  B "C5'" 1 
ATOM   266 C  "C4'" . DG  B 1 2  ? -11.917 -13.780 -1.160  1.00 40.16  ? 14  DG  B "C4'" 1 
ATOM   267 O  "O4'" . DG  B 1 2  ? -12.386 -12.507 -0.940  1.00 47.75  ? 14  DG  B "O4'" 1 
ATOM   268 C  "C3'" . DG  B 1 2  ? -10.390 -13.759 -1.432  1.00 49.78  ? 14  DG  B "C3'" 1 
ATOM   269 O  "O3'" . DG  B 1 2  ? -10.042 -13.861 -2.788  1.00 40.96  ? 14  DG  B "O3'" 1 
ATOM   270 C  "C2'" . DG  B 1 2  ? -10.038 -12.443 -0.722  1.00 56.76  ? 14  DG  B "C2'" 1 
ATOM   271 C  "C1'" . DG  B 1 2  ? -11.282 -11.603 -0.818  1.00 31.11  ? 14  DG  B "C1'" 1 
ATOM   272 N  N9    . DG  B 1 2  ? -11.476 -10.798 0.384   1.00 36.71  ? 14  DG  B N9    1 
ATOM   273 C  C8    . DG  B 1 2  ? -11.094 -11.087 1.619   1.00 32.64  ? 14  DG  B C8    1 
ATOM   274 N  N7    . DG  B 1 2  ? -11.422 -10.171 2.492   1.00 63.10  ? 14  DG  B N7    1 
ATOM   275 C  C5    . DG  B 1 2  ? -12.024 -9.157  1.766   1.00 45.64  ? 14  DG  B C5    1 
ATOM   276 C  C6    . DG  B 1 2  ? -12.582 -7.893  2.149   1.00 40.00  ? 14  DG  B C6    1 
ATOM   277 O  O6    . DG  B 1 2  ? -12.613 -7.453  3.318   1.00 49.66  ? 14  DG  B O6    1 
ATOM   278 N  N1    . DG  B 1 2  ? -13.031 -7.104  1.117   1.00 34.83  ? 14  DG  B N1    1 
ATOM   279 C  C2    . DG  B 1 2  ? -12.985 -7.603  -0.155  1.00 40.38  ? 14  DG  B C2    1 
ATOM   280 N  N2    . DG  B 1 2  ? -13.508 -6.930  -1.177  1.00 33.46  ? 14  DG  B N2    1 
ATOM   281 N  N3    . DG  B 1 2  ? -12.436 -8.761  -0.571  1.00 45.87  ? 14  DG  B N3    1 
ATOM   282 C  C4    . DG  B 1 2  ? -11.985 -9.512  0.460   1.00 42.15  ? 14  DG  B C4    1 
ATOM   283 P  P     . DC  B 1 3  ? -8.945  -13.339 -3.814  1.00 40.63  ? 15  DC  B P     1 
ATOM   284 O  OP1   . DC  B 1 3  ? -8.917  -14.216 -5.046  1.00 42.52  ? 15  DC  B OP1   1 
ATOM   285 O  OP2   . DC  B 1 3  ? -7.753  -13.258 -2.901  1.00 54.30  ? 15  DC  B OP2   1 
ATOM   286 O  "O5'" . DC  B 1 3  ? -9.258  -11.919 -4.360  1.00 46.87  ? 15  DC  B "O5'" 1 
ATOM   287 C  "C5'" . DC  B 1 3  ? -9.514  -11.338 -5.648  1.00 20.54  ? 15  DC  B "C5'" 1 
ATOM   288 C  "C4'" . DC  B 1 3  ? -9.741  -9.869  -5.167  1.00 47.26  ? 15  DC  B "C4'" 1 
ATOM   289 O  "O4'" . DC  B 1 3  ? -9.927  -9.724  -3.782  1.00 46.18  ? 15  DC  B "O4'" 1 
ATOM   290 C  "C3'" . DC  B 1 3  ? -8.535  -8.992  -5.464  1.00 26.06  ? 15  DC  B "C3'" 1 
ATOM   291 O  "O3'" . DC  B 1 3  ? -8.738  -8.746  -6.872  1.00 55.24  ? 15  DC  B "O3'" 1 
ATOM   292 C  "C2'" . DC  B 1 3  ? -8.625  -7.847  -4.487  1.00 42.53  ? 15  DC  B "C2'" 1 
ATOM   293 C  "C1'" . DC  B 1 3  ? -9.598  -8.332  -3.517  1.00 20.54  ? 15  DC  B "C1'" 1 
ATOM   294 N  N1    . DC  B 1 3  ? -9.163  -8.448  -2.092  1.00 17.03  ? 15  DC  B N1    1 
ATOM   295 C  C2    . DC  B 1 3  ? -9.632  -7.429  -1.313  1.00 23.23  ? 15  DC  B C2    1 
ATOM   296 O  O2    . DC  B 1 3  ? -10.460 -6.642  -1.813  1.00 26.74  ? 15  DC  B O2    1 
ATOM   297 N  N3    . DC  B 1 3  ? -9.241  -7.405  -0.006  1.00 28.06  ? 15  DC  B N3    1 
ATOM   298 C  C4    . DC  B 1 3  ? -8.366  -8.293  0.502   1.00 27.56  ? 15  DC  B C4    1 
ATOM   299 N  N4    . DC  B 1 3  ? -8.102  -8.240  1.815   1.00 23.46  ? 15  DC  B N4    1 
ATOM   300 C  C5    . DC  B 1 3  ? -7.788  -9.268  -0.341  1.00 24.38  ? 15  DC  B C5    1 
ATOM   301 C  C6    . DC  B 1 3  ? -8.215  -9.288  -1.630  1.00 27.33  ? 15  DC  B C6    1 
ATOM   302 P  P     . DG  B 1 4  ? -7.387  -8.210  -7.561  1.00 51.86  ? 16  DG  B P     1 
ATOM   303 O  OP1   . DG  B 1 4  ? -7.508  -8.290  -8.991  1.00 49.69  ? 16  DG  B OP1   1 
ATOM   304 O  OP2   . DG  B 1 4  ? -6.370  -9.042  -6.896  1.00 33.32  ? 16  DG  B OP2   1 
ATOM   305 O  "O5'" . DG  B 1 4  ? -7.533  -6.645  -7.078  1.00 60.15  ? 16  DG  B "O5'" 1 
ATOM   306 C  "C5'" . DG  B 1 4  ? -8.589  -5.968  -7.841  1.00 56.68  ? 16  DG  B "C5'" 1 
ATOM   307 C  "C4'" . DG  B 1 4  ? -8.919  -4.586  -7.332  1.00 39.92  ? 16  DG  B "C4'" 1 
ATOM   308 O  "O4'" . DG  B 1 4  ? -8.981  -4.501  -5.915  1.00 41.20  ? 16  DG  B "O4'" 1 
ATOM   309 C  "C3'" . DG  B 1 4  ? -7.801  -3.621  -7.694  1.00 42.36  ? 16  DG  B "C3'" 1 
ATOM   310 O  "O3'" . DG  B 1 4  ? -8.484  -2.401  -7.809  1.00 63.95  ? 16  DG  B "O3'" 1 
ATOM   311 C  "C2'" . DG  B 1 4  ? -6.834  -3.896  -6.551  1.00 23.94  ? 16  DG  B "C2'" 1 
ATOM   312 C  "C1'" . DG  B 1 4  ? -7.804  -3.989  -5.385  1.00 20.04  ? 16  DG  B "C1'" 1 
ATOM   313 N  N9    . DG  B 1 4  ? -7.205  -4.813  -4.340  1.00 15.61  ? 16  DG  B N9    1 
ATOM   314 C  C8    . DG  B 1 4  ? -6.339  -5.790  -4.359  1.00 18.61  ? 16  DG  B C8    1 
ATOM   315 N  N7    . DG  B 1 4  ? -5.925  -6.181  -3.137  1.00 24.93  ? 16  DG  B N7    1 
ATOM   316 C  C5    . DG  B 1 4  ? -6.582  -5.321  -2.264  1.00 14.39  ? 16  DG  B C5    1 
ATOM   317 C  C6    . DG  B 1 4  ? -6.651  -5.254  -0.835  1.00 31.95  ? 16  DG  B C6    1 
ATOM   318 O  O6    . DG  B 1 4  ? -6.060  -5.950  -0.007  1.00 31.72  ? 16  DG  B O6    1 
ATOM   319 N  N1    . DG  B 1 4  ? -7.395  -4.234  -0.262  1.00 25.37  ? 16  DG  B N1    1 
ATOM   320 C  C2    . DG  B 1 4  ? -8.088  -3.369  -1.105  1.00 31.52  ? 16  DG  B C2    1 
ATOM   321 N  N2    . DG  B 1 4  ? -8.780  -2.414  -0.477  1.00 37.30  ? 16  DG  B N2    1 
ATOM   322 N  N3    . DG  B 1 4  ? -8.175  -3.458  -2.428  1.00 28.01  ? 16  DG  B N3    1 
ATOM   323 C  C4    . DG  B 1 4  ? -7.385  -4.448  -2.976  1.00 36.09  ? 16  DG  B C4    1 
ATOM   324 P  P     . DA  B 1 5  ? -7.600  -1.177  -8.482  1.00 77.34  ? 17  DA  B P     1 
ATOM   325 O  OP1   . DA  B 1 5  ? -8.169  -1.026  -9.876  1.00 76.49  ? 17  DA  B OP1   1 
ATOM   326 O  OP2   . DA  B 1 5  ? -6.292  -1.865  -8.545  1.00 65.65  ? 17  DA  B OP2   1 
ATOM   327 O  "O5'" . DA  B 1 5  ? -7.861  0.035   -7.439  1.00 67.74  ? 17  DA  B "O5'" 1 
ATOM   328 C  "C5'" . DA  B 1 5  ? -8.655  -0.230  -6.220  1.00 29.39  ? 17  DA  B "C5'" 1 
ATOM   329 C  "C4'" . DA  B 1 5  ? -8.329  0.633   -5.122  1.00 35.32  ? 17  DA  B "C4'" 1 
ATOM   330 O  "O4'" . DA  B 1 5  ? -7.943  0.024   -3.892  1.00 52.41  ? 17  DA  B "O4'" 1 
ATOM   331 C  "C3'" . DA  B 1 5  ? -7.040  1.406   -5.535  1.00 55.67  ? 17  DA  B "C3'" 1 
ATOM   332 O  "O3'" . DA  B 1 5  ? -6.944  2.585   -4.848  1.00 79.92  ? 17  DA  B "O3'" 1 
ATOM   333 C  "C2'" . DA  B 1 5  ? -6.039  0.319   -5.141  1.00 52.21  ? 17  DA  B "C2'" 1 
ATOM   334 C  "C1'" . DA  B 1 5  ? -6.529  0.077   -3.657  1.00 40.57  ? 17  DA  B "C1'" 1 
ATOM   335 N  N9    . DA  B 1 5  ? -5.662  -1.028  -3.284  1.00 34.45  ? 17  DA  B N9    1 
ATOM   336 C  C8    . DA  B 1 5  ? -4.981  -1.756  -4.269  1.00 21.13  ? 17  DA  B C8    1 
ATOM   337 N  N7    . DA  B 1 5  ? -4.181  -2.684  -3.704  1.00 43.23  ? 17  DA  B N7    1 
ATOM   338 C  C5    . DA  B 1 5  ? -4.359  -2.571  -2.350  1.00 14.22  ? 17  DA  B C5    1 
ATOM   339 C  C6    . DA  B 1 5  ? -3.780  -3.282  -1.272  1.00 43.83  ? 17  DA  B C6    1 
ATOM   340 N  N6    . DA  B 1 5  ? -2.935  -4.310  -1.318  1.00 44.82  ? 17  DA  B N6    1 
ATOM   341 N  N1    . DA  B 1 5  ? -4.105  -2.824  -0.007  1.00 33.56  ? 17  DA  B N1    1 
ATOM   342 C  C2    . DA  B 1 5  ? -5.027  -1.811  0.081   1.00 38.87  ? 17  DA  B C2    1 
ATOM   343 N  N3    . DA  B 1 5  ? -5.627  -1.135  -0.928  1.00 30.93  ? 17  DA  B N3    1 
ATOM   344 C  C4    . DA  B 1 5  ? -5.216  -1.545  -2.098  1.00 27.03  ? 17  DA  B C4    1 
ATOM   345 P  P     . DA  B 1 6  ? -6.869  4.155   -4.825  1.00 51.91  ? 18  DA  B P     1 
ATOM   346 O  OP1   . DA  B 1 6  ? -8.118  4.803   -5.280  1.00 54.67  ? 18  DA  B OP1   1 
ATOM   347 O  OP2   . DA  B 1 6  ? -5.700  4.393   -5.790  1.00 38.44  ? 18  DA  B OP2   1 
ATOM   348 O  "O5'" . DA  B 1 6  ? -6.562  4.415   -3.280  1.00 37.89  ? 18  DA  B "O5'" 1 
ATOM   349 C  "C5'" . DA  B 1 6  ? -7.500  4.114   -2.230  1.00 39.15  ? 18  DA  B "C5'" 1 
ATOM   350 C  "C4'" . DA  B 1 6  ? -6.623  4.206   -0.967  1.00 49.48  ? 18  DA  B "C4'" 1 
ATOM   351 O  "O4'" . DA  B 1 6  ? -5.716  3.136   -1.033  1.00 46.35  ? 18  DA  B "O4'" 1 
ATOM   352 C  "C3'" . DA  B 1 6  ? -5.733  5.445   -0.767  1.00 47.10  ? 18  DA  B "C3'" 1 
ATOM   353 O  "O3'" . DA  B 1 6  ? -5.953  5.998   0.570   1.00 54.28  ? 18  DA  B "O3'" 1 
ATOM   354 C  "C2'" . DA  B 1 6  ? -4.323  4.946   -1.106  1.00 37.85  ? 18  DA  B "C2'" 1 
ATOM   355 C  "C1'" . DA  B 1 6  ? -4.383  3.529   -0.633  1.00 28.95  ? 18  DA  B "C1'" 1 
ATOM   356 N  N9    . DA  B 1 6  ? -3.631  2.467   -1.314  1.00 25.98  ? 18  DA  B N9    1 
ATOM   357 C  C8    . DA  B 1 6  ? -3.618  2.127   -2.648  1.00 23.13  ? 18  DA  B C8    1 
ATOM   358 N  N7    . DA  B 1 6  ? -2.876  1.029   -2.869  1.00 31.88  ? 18  DA  B N7    1 
ATOM   359 C  C5    . DA  B 1 6  ? -2.424  0.612   -1.609  1.00 22.81  ? 18  DA  B C5    1 
ATOM   360 C  C6    . DA  B 1 6  ? -1.774  -0.567  -1.170  1.00 28.41  ? 18  DA  B C6    1 
ATOM   361 N  N6    . DA  B 1 6  ? -1.294  -1.498  -2.006  1.00 27.85  ? 18  DA  B N6    1 
ATOM   362 N  N1    . DA  B 1 6  ? -1.629  -0.679  0.182   1.00 31.10  ? 18  DA  B N1    1 
ATOM   363 C  C2    . DA  B 1 6  ? -2.108  0.229   1.043   1.00 30.42  ? 18  DA  B C2    1 
ATOM   364 N  N3    . DA  B 1 6  ? -2.853  1.281   0.699   1.00 37.60  ? 18  DA  B N3    1 
ATOM   365 C  C4    . DA  B 1 6  ? -2.943  1.443   -0.643  1.00 39.71  ? 18  DA  B C4    1 
ATOM   366 P  P     . DT  B 1 7  ? -4.948  7.052   1.249   1.00 44.44  ? 19  DT  B P     1 
ATOM   367 O  OP1   . DT  B 1 7  ? -5.656  8.068   2.084   1.00 63.84  ? 19  DT  B OP1   1 
ATOM   368 O  OP2   . DT  B 1 7  ? -4.294  7.601   -0.033  1.00 38.35  ? 19  DT  B OP2   1 
ATOM   369 O  "O5'" . DT  B 1 7  ? -3.891  6.296   2.095   1.00 54.00  ? 19  DT  B "O5'" 1 
ATOM   370 C  "C5'" . DT  B 1 7  ? -3.912  5.708   3.389   1.00 44.22  ? 19  DT  B "C5'" 1 
ATOM   371 C  "C4'" . DT  B 1 7  ? -2.535  5.056   3.589   1.00 44.58  ? 19  DT  B "C4'" 1 
ATOM   372 O  "O4'" . DT  B 1 7  ? -2.148  4.171   2.532   1.00 36.89  ? 19  DT  B "O4'" 1 
ATOM   373 C  "C3'" . DT  B 1 7  ? -1.334  6.005   3.681   1.00 38.88  ? 19  DT  B "C3'" 1 
ATOM   374 O  "O3'" . DT  B 1 7  ? -0.781  5.733   4.951   1.00 52.14  ? 19  DT  B "O3'" 1 
ATOM   375 C  "C2'" . DT  B 1 7  ? -0.556  5.639   2.444   1.00 32.23  ? 19  DT  B "C2'" 1 
ATOM   376 C  "C1'" . DT  B 1 7  ? -0.786  4.097   2.413   1.00 21.94  ? 19  DT  B "C1'" 1 
ATOM   377 N  N1    . DT  B 1 7  ? -0.286  3.463   1.169   1.00 32.93  ? 19  DT  B N1    1 
ATOM   378 C  C2    . DT  B 1 7  ? 0.433   2.257   1.256   1.00 39.15  ? 19  DT  B C2    1 
ATOM   379 O  O2    . DT  B 1 7  ? 0.637   1.773   2.393   1.00 42.85  ? 19  DT  B O2    1 
ATOM   380 N  N3    . DT  B 1 7  ? 0.846   1.693   0.101   1.00 33.13  ? 19  DT  B N3    1 
ATOM   381 C  C4    . DT  B 1 7  ? 0.570   2.217   -1.121  1.00 39.60  ? 19  DT  B C4    1 
ATOM   382 O  O4    . DT  B 1 7  ? 0.981   1.711   -2.220  1.00 44.75  ? 19  DT  B O4    1 
ATOM   383 C  C5    . DT  B 1 7  ? -0.156  3.421   -1.211  1.00 32.40  ? 19  DT  B C5    1 
ATOM   384 C  C7    . DT  B 1 7  ? -0.435  4.047   -2.555  1.00 40.21  ? 19  DT  B C7    1 
ATOM   385 C  C6    . DT  B 1 7  ? -0.536  3.994   -0.059  1.00 33.89  ? 19  DT  B C6    1 
ATOM   386 P  P     . DT  B 1 8  ? -0.164  6.678   6.151   1.00 43.23  ? 20  DT  B P     1 
ATOM   387 O  OP1   . DT  B 1 8  ? -1.064  6.368   7.340   1.00 33.01  ? 20  DT  B OP1   1 
ATOM   388 O  OP2   . DT  B 1 8  ? -0.166  7.894   5.355   1.00 51.37  ? 20  DT  B OP2   1 
ATOM   389 O  "O5'" . DT  B 1 8  ? 1.262   6.076   6.384   1.00 33.43  ? 20  DT  B "O5'" 1 
ATOM   390 C  "C5'" . DT  B 1 8  ? 1.057   4.585   6.343   1.00 39.67  ? 20  DT  B "C5'" 1 
ATOM   391 C  "C4'" . DT  B 1 8  ? 2.300   3.820   5.986   1.00 25.66  ? 20  DT  B "C4'" 1 
ATOM   392 O  "O4'" . DT  B 1 8  ? 2.299   3.733   4.575   1.00 28.97  ? 20  DT  B "O4'" 1 
ATOM   393 C  "C3'" . DT  B 1 8  ? 3.595   4.500   6.438   1.00 31.06  ? 20  DT  B "C3'" 1 
ATOM   394 O  "O3'" . DT  B 1 8  ? 4.207   3.674   7.454   1.00 44.00  ? 20  DT  B "O3'" 1 
ATOM   395 C  "C2'" . DT  B 1 8  ? 4.381   4.696   5.163   1.00 34.14  ? 20  DT  B "C2'" 1 
ATOM   396 C  "C1'" . DT  B 1 8  ? 3.707   3.706   4.269   1.00 20.29  ? 20  DT  B "C1'" 1 
ATOM   397 N  N1    . DT  B 1 8  ? 3.516   3.960   2.870   1.00 28.84  ? 20  DT  B N1    1 
ATOM   398 C  C2    . DT  B 1 8  ? 4.058   2.949   2.060   1.00 44.03  ? 20  DT  B C2    1 
ATOM   399 O  O2    . DT  B 1 8  ? 4.709   2.031   2.511   1.00 52.98  ? 20  DT  B O2    1 
ATOM   400 N  N3    . DT  B 1 8  ? 3.927   3.044   0.709   1.00 23.65  ? 20  DT  B N3    1 
ATOM   401 C  C4    . DT  B 1 8  ? 3.257   4.084   0.112   1.00 40.32  ? 20  DT  B C4    1 
ATOM   402 O  O4    . DT  B 1 8  ? 3.258   4.014   -1.158  1.00 42.58  ? 20  DT  B O4    1 
ATOM   403 C  C5    . DT  B 1 8  ? 2.724   5.116   0.940   1.00 45.74  ? 20  DT  B C5    1 
ATOM   404 C  C7    . DT  B 1 8  ? 1.966   6.286   0.378   1.00 35.20  ? 20  DT  B C7    1 
ATOM   405 C  C6    . DT  B 1 8  ? 2.827   4.982   2.303   1.00 48.42  ? 20  DT  B C6    1 
HETATM 406 N  N1    . 5CM B 1 9  ? 7.845   3.476   2.683   1.00 61.48  ? 21  5CM B N1    1 
HETATM 407 C  C2    . 5CM B 1 9  ? 8.009   2.930   1.414   1.00 43.38  ? 21  5CM B C2    1 
HETATM 408 N  N3    . 5CM B 1 9  ? 7.533   3.653   0.371   1.00 47.84  ? 21  5CM B N3    1 
HETATM 409 C  C4    . 5CM B 1 9  ? 6.913   4.861   0.509   1.00 46.21  ? 21  5CM B C4    1 
HETATM 410 C  C5    . 5CM B 1 9  ? 6.791   5.430   1.809   1.00 37.43  ? 21  5CM B C5    1 
HETATM 411 C  C5A   . 5CM B 1 9  ? 6.169   6.765   2.024   1.00 40.45  ? 21  5CM B C5A   1 
HETATM 412 C  C6    . 5CM B 1 9  ? 7.209   4.716   2.843   1.00 34.06  ? 21  5CM B C6    1 
HETATM 413 O  O2    . 5CM B 1 9  ? 8.575   1.846   1.255   1.00 34.34  ? 21  5CM B O2    1 
HETATM 414 N  N4    . 5CM B 1 9  ? 6.400   5.477   -0.555  1.00 37.39  ? 21  5CM B N4    1 
HETATM 415 C  "C1'" . 5CM B 1 9  ? 8.315   2.750   3.875   1.00 53.31  ? 21  5CM B "C1'" 1 
HETATM 416 C  "C2'" . 5CM B 1 9  ? 9.048   3.727   4.759   1.00 38.07  ? 21  5CM B "C2'" 1 
HETATM 417 C  "C3'" . 5CM B 1 9  ? 9.148   2.974   6.043   1.00 45.61  ? 21  5CM B "C3'" 1 
HETATM 418 C  "C4'" . 5CM B 1 9  ? 7.893   2.114   6.119   1.00 30.75  ? 21  5CM B "C4'" 1 
HETATM 419 O  "O4'" . 5CM B 1 9  ? 7.289   2.252   4.808   1.00 52.51  ? 21  5CM B "O4'" 1 
HETATM 420 O  "O3'" . 5CM B 1 9  ? 10.292  2.176   5.886   1.00 55.67  ? 21  5CM B "O3'" 1 
HETATM 421 C  "C5'" . 5CM B 1 9  ? 6.984   2.478   7.219   1.00 39.50  ? 21  5CM B "C5'" 1 
HETATM 422 O  "O5'" . 5CM B 1 9  ? 6.735   3.922   7.199   1.00 48.64  ? 21  5CM B "O5'" 1 
HETATM 423 P  P     . 5CM B 1 9  ? 5.480   4.409   8.111   1.00 51.94  ? 21  5CM B P     1 
HETATM 424 O  OP1   . 5CM B 1 9  ? 5.756   4.132   9.543   1.00 40.75  ? 21  5CM B OP1   1 
HETATM 425 O  OP2   . 5CM B 1 9  ? 5.057   5.756   7.718   1.00 59.42  ? 21  5CM B OP2   1 
ATOM   426 P  P     . DG  B 1 10 ? 11.537  1.912   6.806   1.00 56.81  ? 22  DG  B P     1 
ATOM   427 O  OP1   . DG  B 1 10 ? 11.388  0.553   7.406   1.00 50.04  ? 22  DG  B OP1   1 
ATOM   428 O  OP2   . DG  B 1 10 ? 11.803  3.082   7.658   1.00 45.56  ? 22  DG  B OP2   1 
ATOM   429 O  "O5'" . DG  B 1 10 ? 12.686  1.862   5.679   1.00 51.10  ? 22  DG  B "O5'" 1 
ATOM   430 C  "C5'" . DG  B 1 10 ? 13.035  0.790   4.787   1.00 58.55  ? 22  DG  B "C5'" 1 
ATOM   431 C  "C4'" . DG  B 1 10 ? 13.784  1.523   3.679   1.00 27.93  ? 22  DG  B "C4'" 1 
ATOM   432 O  "O4'" . DG  B 1 10 ? 12.752  2.123   2.897   1.00 56.25  ? 22  DG  B "O4'" 1 
ATOM   433 C  "C3'" . DG  B 1 10 ? 14.746  2.644   4.035   1.00 23.27  ? 22  DG  B "C3'" 1 
ATOM   434 O  "O3'" . DG  B 1 10 ? 15.876  2.627   3.184   1.00 52.81  ? 22  DG  B "O3'" 1 
ATOM   435 C  "C2'" . DG  B 1 10 ? 13.913  3.932   3.855   1.00 21.88  ? 22  DG  B "C2'" 1 
ATOM   436 C  "C1'" . DG  B 1 10 ? 13.172  3.451   2.559   1.00 30.00  ? 22  DG  B "C1'" 1 
ATOM   437 N  N9    . DG  B 1 10 ? 12.096  4.348   2.131   1.00 32.63  ? 22  DG  B N9    1 
ATOM   438 C  C8    . DG  B 1 10 ? 11.367  5.240   2.858   1.00 43.54  ? 22  DG  B C8    1 
ATOM   439 N  N7    . DG  B 1 10 ? 10.426  5.890   2.139   1.00 38.15  ? 22  DG  B N7    1 
ATOM   440 C  C5    . DG  B 1 10 ? 10.679  5.504   0.850   1.00 28.16  ? 22  DG  B C5    1 
ATOM   441 C  C6    . DG  B 1 10 ? 10.010  5.801   -0.345  1.00 36.01  ? 22  DG  B C6    1 
ATOM   442 O  O6    . DG  B 1 10 ? 9.122   6.656   -0.456  1.00 36.54  ? 22  DG  B O6    1 
ATOM   443 N  N1    . DG  B 1 10 ? 10.411  5.038   -1.449  1.00 20.90  ? 22  DG  B N1    1 
ATOM   444 C  C2    . DG  B 1 10 ? 11.411  4.094   -1.324  1.00 22.50  ? 22  DG  B C2    1 
ATOM   445 N  N2    . DG  B 1 10 ? 11.795  3.466   -2.467  1.00 20.58  ? 22  DG  B N2    1 
ATOM   446 N  N3    . DG  B 1 10 ? 12.082  3.800   -0.231  1.00 22.05  ? 22  DG  B N3    1 
ATOM   447 C  C4    . DG  B 1 10 ? 11.651  4.497   0.824   1.00 28.25  ? 22  DG  B C4    1 
ATOM   448 P  P     . DC  B 1 11 ? 17.339  2.052   3.485   1.00 50.91  ? 23  DC  B P     1 
ATOM   449 O  OP1   . DC  B 1 11 ? 16.856  0.768   4.150   1.00 48.46  ? 23  DC  B OP1   1 
ATOM   450 O  OP2   . DC  B 1 11 ? 17.895  3.352   3.960   1.00 40.50  ? 23  DC  B OP2   1 
ATOM   451 O  "O5'" . DC  B 1 11 ? 18.175  1.585   2.209   1.00 32.71  ? 23  DC  B "O5'" 1 
ATOM   452 C  "C5'" . DC  B 1 11 ? 17.170  0.794   1.375   1.00 24.44  ? 23  DC  B "C5'" 1 
ATOM   453 C  "C4'" . DC  B 1 11 ? 17.304  1.400   -0.041  1.00 41.37  ? 23  DC  B "C4'" 1 
ATOM   454 O  "O4'" . DC  B 1 11 ? 16.089  2.080   -0.323  1.00 51.42  ? 23  DC  B "O4'" 1 
ATOM   455 C  "C3'" . DC  B 1 11 ? 18.418  2.405   -0.255  1.00 40.01  ? 23  DC  B "C3'" 1 
ATOM   456 O  "O3'" . DC  B 1 11 ? 19.671  1.790   -0.574  1.00 68.89  ? 23  DC  B "O3'" 1 
ATOM   457 C  "C2'" . DC  B 1 11 ? 17.885  3.270   -1.385  1.00 50.70  ? 23  DC  B "C2'" 1 
ATOM   458 C  "C1'" . DC  B 1 11 ? 16.409  3.133   -1.284  1.00 47.25  ? 23  DC  B "C1'" 1 
ATOM   459 N  N1    . DC  B 1 11 ? 15.730  4.358   -0.804  1.00 35.28  ? 23  DC  B N1    1 
ATOM   460 C  C2    . DC  B 1 11 ? 14.936  4.997   -1.741  1.00 42.43  ? 23  DC  B C2    1 
ATOM   461 O  O2    . DC  B 1 11 ? 14.887  4.654   -2.916  1.00 36.26  ? 23  DC  B O2    1 
ATOM   462 N  N3    . DC  B 1 11 ? 14.272  6.117   -1.335  1.00 34.82  ? 23  DC  B N3    1 
ATOM   463 C  C4    . DC  B 1 11 ? 14.407  6.628   -0.137  1.00 30.94  ? 23  DC  B C4    1 
ATOM   464 N  N4    . DC  B 1 11 ? 13.647  7.685   0.151   1.00 44.95  ? 23  DC  B N4    1 
ATOM   465 C  C5    . DC  B 1 11 ? 15.138  5.909   0.853   1.00 45.93  ? 23  DC  B C5    1 
ATOM   466 C  C6    . DC  B 1 11 ? 15.762  4.762   0.473   1.00 33.57  ? 23  DC  B C6    1 
ATOM   467 P  P     . DG  B 1 12 ? 21.051  2.493   -1.000  1.00 58.00  ? 24  DG  B P     1 
ATOM   468 O  OP1   . DG  B 1 12 ? 22.023  1.368   -1.259  1.00 72.11  ? 24  DG  B OP1   1 
ATOM   469 O  OP2   . DG  B 1 12 ? 21.585  3.261   0.185   1.00 80.74  ? 24  DG  B OP2   1 
ATOM   470 O  "O5'" . DG  B 1 12 ? 20.691  3.387   -2.270  1.00 58.99  ? 24  DG  B "O5'" 1 
ATOM   471 C  "C5'" . DG  B 1 12 ? 20.919  2.893   -3.619  1.00 48.09  ? 24  DG  B "C5'" 1 
ATOM   472 C  "C4'" . DG  B 1 12 ? 20.248  3.721   -4.683  1.00 34.92  ? 24  DG  B "C4'" 1 
ATOM   473 O  "O4'" . DG  B 1 12 ? 19.032  4.186   -4.134  1.00 48.14  ? 24  DG  B "O4'" 1 
ATOM   474 C  "C3'" . DG  B 1 12 ? 20.927  5.018   -5.098  1.00 45.59  ? 24  DG  B "C3'" 1 
ATOM   475 O  "O3'" . DG  B 1 12 ? 22.084  4.873   -5.939  1.00 52.22  ? 24  DG  B "O3'" 1 
ATOM   476 C  "C2'" . DG  B 1 12 ? 19.762  5.745   -5.763  1.00 28.92  ? 24  DG  B "C2'" 1 
ATOM   477 C  "C1'" . DG  B 1 12 ? 18.618  5.416   -4.874  1.00 43.66  ? 24  DG  B "C1'" 1 
ATOM   478 N  N9    . DG  B 1 12 ? 18.275  6.277   -3.776  1.00 33.09  ? 24  DG  B N9    1 
ATOM   479 C  C8    . DG  B 1 12 ? 18.786  6.032   -2.483  1.00 35.45  ? 24  DG  B C8    1 
ATOM   480 N  N7    . DG  B 1 12 ? 18.250  6.841   -1.585  1.00 36.63  ? 24  DG  B N7    1 
ATOM   481 C  C5    . DG  B 1 12 ? 17.324  7.623   -2.297  1.00 39.47  ? 24  DG  B C5    1 
ATOM   482 C  C6    . DG  B 1 12 ? 16.483  8.708   -1.901  1.00 42.37  ? 24  DG  B C6    1 
ATOM   483 O  O6    . DG  B 1 12 ? 16.447  9.185   -0.726  1.00 42.16  ? 24  DG  B O6    1 
ATOM   484 N  N1    . DG  B 1 12 ? 15.674  9.249   -2.914  1.00 30.90  ? 24  DG  B N1    1 
ATOM   485 C  C2    . DG  B 1 12 ? 15.741  8.686   -4.159  1.00 28.01  ? 24  DG  B C2    1 
ATOM   486 N  N2    . DG  B 1 12 ? 15.038  9.188   -5.134  1.00 19.48  ? 24  DG  B N2    1 
ATOM   487 N  N3    . DG  B 1 12 ? 16.527  7.687   -4.582  1.00 46.05  ? 24  DG  B N3    1 
ATOM   488 C  C4    . DG  B 1 12 ? 17.311  7.214   -3.612  1.00 34.32  ? 24  DG  B C4    1 
HETATM 489 MG MG    . MG  C 2 .  ? 8.961   10.918  0.130   1.00 66.61  ? 26  MG  A MG    1 
HETATM 490 C  C1    . DMY D 3 .  ? -8.312  1.043   -1.968  1.00 61.85  ? 25  DMY B C1    1 
HETATM 491 O  O1    . DMY D 3 .  ? -9.360  1.286   -1.280  1.00 79.57  ? 25  DMY B O1    1 
HETATM 492 N  N1    . DMY D 3 .  ? -7.147  0.934   -1.277  1.00 64.15  ? 25  DMY B N1    1 
HETATM 493 C  C2    . DMY D 3 .  ? -7.139  1.577   0.037   1.00 84.82  ? 25  DMY B C2    1 
HETATM 494 C  C3    . DMY D 3 .  ? -6.242  1.330   1.057   1.00 89.24  ? 25  DMY B C3    1 
HETATM 495 C  C4    . DMY D 3 .  ? -6.619  2.135   2.084   1.00 67.65  ? 25  DMY B C4    1 
HETATM 496 N  N2    . DMY D 3 .  ? -7.698  2.894   1.696   1.00 86.55  ? 25  DMY B N2    1 
HETATM 497 C  C5    . DMY D 3 .  ? -8.047  2.545   0.425   1.00 83.65  ? 25  DMY B C5    1 
HETATM 498 C  C6    . DMY D 3 .  ? -8.457  3.947   2.444   1.00 93.45  ? 25  DMY B C6    1 
HETATM 499 C  C7    . DMY D 3 .  ? -5.969  2.308   3.390   1.00 63.79  ? 25  DMY B C7    1 
HETATM 500 O  O2    . DMY D 3 .  ? -6.335  3.107   4.259   1.00 67.74  ? 25  DMY B O2    1 
HETATM 501 N  N3    . DMY D 3 .  ? -4.662  1.886   3.295   1.00 67.98  ? 25  DMY B N3    1 
HETATM 502 C  C8    . DMY D 3 .  ? -3.719  1.979   4.341   1.00 62.61  ? 25  DMY B C8    1 
HETATM 503 C  C9    . DMY D 3 .  ? -2.410  1.566   4.232   1.00 48.38  ? 25  DMY B C9    1 
HETATM 504 C  C10   . DMY D 3 .  ? -1.805  1.825   5.459   1.00 60.45  ? 25  DMY B C10   1 
HETATM 505 N  N4    . DMY D 3 .  ? -2.731  2.366   6.303   1.00 56.72  ? 25  DMY B N4    1 
HETATM 506 C  C11   . DMY D 3 .  ? -3.936  2.464   5.591   1.00 66.56  ? 25  DMY B C11   1 
HETATM 507 C  C12   . DMY D 3 .  ? -2.652  2.775   7.702   1.00 55.45  ? 25  DMY B C12   1 
HETATM 508 C  C13   . DMY D 3 .  ? -0.453  1.600   6.077   1.00 61.85  ? 25  DMY B C13   1 
HETATM 509 O  O3    . DMY D 3 .  ? -0.381  1.572   7.324   1.00 50.96  ? 25  DMY B O3    1 
HETATM 510 N  N5    . DMY D 3 .  ? 0.516   1.129   5.258   1.00 65.67  ? 25  DMY B N5    1 
HETATM 511 C  C14   . DMY D 3 .  ? 1.791   0.659   5.853   1.00 58.18  ? 25  DMY B C14   1 
HETATM 512 C  C15   . DMY D 3 .  ? 2.825   0.212   4.944   1.00 67.16  ? 25  DMY B C15   1 
HETATM 513 C  C16   . DMY D 3 .  ? 3.902   -0.222  5.704   1.00 34.74  ? 25  DMY B C16   1 
HETATM 514 N  N6    . DMY D 3 .  ? 3.536   -0.013  6.974   1.00 44.56  ? 25  DMY B N6    1 
HETATM 515 C  C17   . DMY D 3 .  ? 2.214   0.504   7.056   1.00 43.28  ? 25  DMY B C17   1 
HETATM 516 C  C18   . DMY D 3 .  ? 4.106   -0.175  8.304   1.00 56.51  ? 25  DMY B C18   1 
HETATM 517 C  C19   . DMY D 3 .  ? 5.135   -0.731  5.092   1.00 64.16  ? 25  DMY B C19   1 
HETATM 518 O  O4    . DMY D 3 .  ? 6.104   -1.129  5.748   1.00 61.77  ? 25  DMY B O4    1 
HETATM 519 N  N7    . DMY D 3 .  ? 5.289   -0.722  3.764   1.00 69.43  ? 25  DMY B N7    1 
HETATM 520 C  C20   . DMY D 3 .  ? 6.626   -0.376  3.117   1.00 53.22  ? 25  DMY B C20   1 
HETATM 521 C  C21   . DMY D 3 .  ? 7.519   -1.584  3.176   1.00 34.26  ? 25  DMY B C21   1 
HETATM 522 C  C22   . DMY D 3 .  ? 7.794   -2.145  1.751   1.00 49.75  ? 25  DMY B C22   1 
HETATM 523 N  N8    . DMY D 3 .  ? 8.751   -3.154  1.704   1.00 69.30  ? 25  DMY B N8    1 
HETATM 524 N  N9    . DMY D 3 .  ? 7.776   -1.643  0.528   1.00 39.59  ? 25  DMY B N9    1 
HETATM 525 O  O     . HOH E 4 .  ? -4.861  -7.674  4.353   1.00 39.58  ? 30  HOH A O     1 
HETATM 526 O  O     . HOH E 4 .  ? 5.580   -6.207  8.996   1.00 41.89  ? 32  HOH A O     1 
HETATM 527 O  O     . HOH E 4 .  ? -20.861 -1.471  -0.404  1.00 42.14  ? 33  HOH A O     1 
HETATM 528 O  O     . HOH E 4 .  ? 3.749   -14.625 -1.739  1.00 42.38  ? 34  HOH A O     1 
HETATM 529 O  O     . HOH E 4 .  ? 11.529  10.822  6.507   1.00 45.22  ? 37  HOH A O     1 
HETATM 530 O  O     . HOH E 4 .  ? 1.854   -8.059  4.080   1.00 45.39  ? 38  HOH A O     1 
HETATM 531 O  O     . HOH E 4 .  ? 3.582   -8.451  0.688   1.00 45.72  ? 40  HOH A O     1 
HETATM 532 O  O     . HOH E 4 .  ? 3.325   -7.746  -1.623  1.00 46.30  ? 41  HOH A O     1 
HETATM 533 O  O     . HOH E 4 .  ? -1.278  -7.831  0.242   1.00 46.47  ? 42  HOH A O     1 
HETATM 534 O  O     . HOH E 4 .  ? 5.324   4.321   -6.200  1.00 48.73  ? 43  HOH A O     1 
HETATM 535 O  O     . HOH E 4 .  ? -22.118 -1.712  2.332   1.00 50.19  ? 46  HOH A O     1 
HETATM 536 O  O     . HOH E 4 .  ? -2.169  -3.105  12.595  1.00 51.10  ? 48  HOH A O     1 
HETATM 537 O  O     . HOH E 4 .  ? 5.152   8.683   -7.367  1.00 51.47  ? 49  HOH A O     1 
HETATM 538 O  O     . HOH E 4 .  ? 5.433   7.940   -3.192  1.00 54.70  ? 54  HOH A O     1 
HETATM 539 O  O     . HOH E 4 .  ? 7.748   7.250   5.924   1.00 55.58  ? 57  HOH A O     1 
HETATM 540 O  O     . HOH E 4 .  ? -15.075 2.685   -1.958  1.00 55.82  ? 58  HOH A O     1 
HETATM 541 O  O     . HOH E 4 .  ? 3.718   7.504   -12.149 1.00 57.37  ? 60  HOH A O     1 
HETATM 542 O  O     . HOH E 4 .  ? -4.297  -9.675  2.022   1.00 57.51  ? 61  HOH A O     1 
HETATM 543 O  O     . HOH E 4 .  ? -20.645 2.100   4.830   1.00 59.42  ? 65  HOH A O     1 
HETATM 544 O  O     . HOH E 4 .  ? 5.946   12.948  -5.956  1.00 60.86  ? 68  HOH A O     1 
HETATM 545 O  O     . HOH E 4 .  ? -23.291 -2.042  -6.525  1.00 62.87  ? 69  HOH A O     1 
HETATM 546 O  O     . HOH E 4 .  ? 3.139   -11.810 -0.438  1.00 62.94  ? 70  HOH A O     1 
HETATM 547 O  O     . HOH E 4 .  ? -14.209 3.679   1.740   1.00 63.59  ? 73  HOH A O     1 
HETATM 548 O  O     . HOH E 4 .  ? -8.623  -4.768  11.636  1.00 66.87  ? 77  HOH A O     1 
HETATM 549 O  O     . HOH E 4 .  ? -19.680 2.125   1.007   1.00 68.54  ? 81  HOH A O     1 
HETATM 550 O  O     . HOH E 4 .  ? 9.875   9.055   3.822   1.00 69.00  ? 82  HOH A O     1 
HETATM 551 O  O     . HOH E 4 .  ? -13.206 6.059   -3.063  1.00 70.03  ? 84  HOH A O     1 
HETATM 552 O  O     . HOH E 4 .  ? 8.869   18.615  -8.830  1.00 70.41  ? 86  HOH A O     1 
HETATM 553 O  O     . HOH E 4 .  ? -7.316  -1.046  12.141  1.00 72.06  ? 87  HOH A O     1 
HETATM 554 O  O     . HOH E 4 .  ? 10.729  17.132  -9.206  1.00 75.60  ? 90  HOH A O     1 
HETATM 555 O  O     . HOH E 4 .  ? 3.539   -2.949  -7.765  1.00 77.07  ? 92  HOH A O     1 
HETATM 556 O  O     . HOH E 4 .  ? 2.040   -1.119  -4.965  1.00 80.83  ? 94  HOH A O     1 
HETATM 557 O  O     . HOH E 4 .  ? 9.098   11.367  -1.881  1.00 70.37  ? 95  HOH A O     1 
HETATM 558 O  O     . HOH E 4 .  ? 8.734   10.511  1.999   1.00 45.03  ? 96  HOH A O     1 
HETATM 559 O  O     . HOH E 4 .  ? 9.337   12.716  0.541   1.00 41.41  ? 98  HOH A O     1 
HETATM 560 O  O     . HOH E 4 .  ? 10.830  10.267  -0.034  1.00 69.76  ? 99  HOH A O     1 
HETATM 561 O  O     . HOH E 4 .  ? 6.970   11.397  0.093   1.00 67.06  ? 100 HOH A O     1 
HETATM 562 O  O     . HOH F 4 .  ? -1.110  -1.483  -5.430  1.00 27.79  ? 27  HOH B O     1 
HETATM 563 O  O     . HOH F 4 .  ? -6.461  -5.575  -11.355 1.00 39.02  ? 28  HOH B O     1 
HETATM 564 O  O     . HOH F 4 .  ? 8.759   4.129   10.667  1.00 39.50  ? 29  HOH B O     1 
HETATM 565 O  O     . HOH F 4 .  ? -2.810  -4.648  -4.700  1.00 39.60  ? 31  HOH B O     1 
HETATM 566 O  O     . HOH F 4 .  ? 15.724  -3.525  6.387   1.00 42.72  ? 35  HOH B O     1 
HETATM 567 O  O     . HOH F 4 .  ? -11.469 0.496   -0.301  1.00 44.53  ? 36  HOH B O     1 
HETATM 568 O  O     . HOH F 4 .  ? 5.219   8.470   -0.303  1.00 45.46  ? 39  HOH B O     1 
HETATM 569 O  O     . HOH F 4 .  ? -11.289 9.073   2.814   1.00 48.87  ? 44  HOH B O     1 
HETATM 570 O  O     . HOH F 4 .  ? 6.642   2.459   11.444  1.00 48.95  ? 45  HOH B O     1 
HETATM 571 O  O     . HOH F 4 .  ? -5.845  -2.997  -11.580 1.00 50.23  ? 47  HOH B O     1 
HETATM 572 O  O     . HOH F 4 .  ? -19.848 -8.462  5.349   1.00 52.61  ? 50  HOH B O     1 
HETATM 573 O  O     . HOH F 4 .  ? -11.571 -10.528 6.134   1.00 53.37  ? 51  HOH B O     1 
HETATM 574 O  O     . HOH F 4 .  ? -1.725  3.297   -8.112  1.00 53.37  ? 52  HOH B O     1 
HETATM 575 O  O     . HOH F 4 .  ? -3.148  -16.770 -5.255  1.00 53.60  ? 53  HOH B O     1 
HETATM 576 O  O     . HOH F 4 .  ? -10.313 -13.765 -9.588  1.00 55.23  ? 55  HOH B O     1 
HETATM 577 O  O     . HOH F 4 .  ? -3.974  -4.796  -8.600  1.00 55.47  ? 56  HOH B O     1 
HETATM 578 O  O     . HOH F 4 .  ? 3.005   6.566   14.313  1.00 56.04  ? 59  HOH B O     1 
HETATM 579 O  O     . HOH F 4 .  ? -7.945  7.692   3.822   1.00 57.82  ? 62  HOH B O     1 
HETATM 580 O  O     . HOH F 4 .  ? 3.042   8.916   1.803   1.00 58.22  ? 63  HOH B O     1 
HETATM 581 O  O     . HOH F 4 .  ? 20.109  4.977   0.797   1.00 59.41  ? 64  HOH B O     1 
HETATM 582 O  O     . HOH F 4 .  ? -3.664  1.147   -7.376  1.00 60.18  ? 66  HOH B O     1 
HETATM 583 O  O     . HOH F 4 .  ? -12.003 2.069   -4.766  1.00 60.55  ? 67  HOH B O     1 
HETATM 584 O  O     . HOH F 4 .  ? -11.101 6.861   10.556  1.00 62.98  ? 71  HOH B O     1 
HETATM 585 O  O     . HOH F 4 .  ? 6.545   3.761   14.928  1.00 63.57  ? 72  HOH B O     1 
HETATM 586 O  O     . HOH F 4 .  ? 2.312   7.382   9.840   1.00 63.74  ? 74  HOH B O     1 
HETATM 587 O  O     . HOH F 4 .  ? -8.894  -10.052 -10.446 1.00 64.80  ? 75  HOH B O     1 
HETATM 588 O  O     . HOH F 4 .  ? -10.249 4.330   -7.121  1.00 66.62  ? 76  HOH B O     1 
HETATM 589 O  O     . HOH F 4 .  ? 3.639   3.013   11.095  1.00 67.24  ? 78  HOH B O     1 
HETATM 590 O  O     . HOH F 4 .  ? 11.613  -2.152  3.378   1.00 67.30  ? 79  HOH B O     1 
HETATM 591 O  O     . HOH F 4 .  ? 2.089   9.869   8.138   1.00 68.26  ? 80  HOH B O     1 
HETATM 592 O  O     . HOH F 4 .  ? -4.421  -9.914  -6.073  1.00 69.95  ? 83  HOH B O     1 
HETATM 593 O  O     . HOH F 4 .  ? -5.711  -14.872 -1.016  1.00 70.11  ? 85  HOH B O     1 
HETATM 594 O  O     . HOH F 4 .  ? 14.387  -0.845  10.563  1.00 72.37  ? 88  HOH B O     1 
HETATM 595 O  O     . HOH F 4 .  ? 16.062  -0.103  6.220   1.00 75.19  ? 89  HOH B O     1 
HETATM 596 O  O     . HOH F 4 .  ? 21.614  7.700   7.070   1.00 76.21  ? 91  HOH B O     1 
HETATM 597 O  O     . HOH F 4 .  ? -8.804  5.174   6.521   1.00 78.53  ? 93  HOH B O     1 
HETATM 598 O  O     . HOH F 4 .  ? 8.456   8.991   -0.523  1.00 49.66  ? 97  HOH B O     1 
# 
